data_1FE4
# 
_entry.id   1FE4 
# 
_audit_conform.dict_name       mmcif_pdbx.dic 
_audit_conform.dict_version    5.385 
_audit_conform.dict_location   http://mmcif.pdb.org/dictionaries/ascii/mmcif_pdbx.dic 
# 
loop_
_database_2.database_id 
_database_2.database_code 
_database_2.pdbx_database_accession 
_database_2.pdbx_DOI 
PDB   1FE4         pdb_00001fe4 10.2210/pdb1fe4/pdb 
RCSB  RCSB011506   ?            ?                   
WWPDB D_1000011506 ?            ?                   
# 
loop_
_pdbx_audit_revision_history.ordinal 
_pdbx_audit_revision_history.data_content_type 
_pdbx_audit_revision_history.major_revision 
_pdbx_audit_revision_history.minor_revision 
_pdbx_audit_revision_history.revision_date 
1 'Structure model' 1 0 2001-01-24 
2 'Structure model' 1 1 2008-04-27 
3 'Structure model' 1 2 2011-07-13 
4 'Structure model' 2 0 2020-07-29 
5 'Structure model' 2 1 2024-02-07 
# 
loop_
_pdbx_audit_revision_details.ordinal 
_pdbx_audit_revision_details.revision_ordinal 
_pdbx_audit_revision_details.data_content_type 
_pdbx_audit_revision_details.provider 
_pdbx_audit_revision_details.type 
_pdbx_audit_revision_details.description 
_pdbx_audit_revision_details.details 
1 1 'Structure model' repository 'Initial release' ?                          ? 
2 4 'Structure model' repository Remediation       'Carbohydrate remediation' ? 
# 
loop_
_pdbx_audit_revision_group.ordinal 
_pdbx_audit_revision_group.revision_ordinal 
_pdbx_audit_revision_group.data_content_type 
_pdbx_audit_revision_group.group 
1  2 'Structure model' 'Version format compliance' 
2  3 'Structure model' 'Version format compliance' 
3  4 'Structure model' 'Atomic model'              
4  4 'Structure model' 'Data collection'           
5  4 'Structure model' 'Derived calculations'      
6  4 'Structure model' 'Non-polymer description'   
7  4 'Structure model' 'Structure summary'         
8  5 'Structure model' 'Data collection'           
9  5 'Structure model' 'Database references'       
10 5 'Structure model' 'Structure summary'         
# 
loop_
_pdbx_audit_revision_category.ordinal 
_pdbx_audit_revision_category.revision_ordinal 
_pdbx_audit_revision_category.data_content_type 
_pdbx_audit_revision_category.category 
1  4 'Structure model' atom_site                     
2  4 'Structure model' chem_comp                     
3  4 'Structure model' entity                        
4  4 'Structure model' entity_name_com               
5  4 'Structure model' pdbx_branch_scheme            
6  4 'Structure model' pdbx_chem_comp_identifier     
7  4 'Structure model' pdbx_entity_branch            
8  4 'Structure model' pdbx_entity_branch_descriptor 
9  4 'Structure model' pdbx_entity_branch_link       
10 4 'Structure model' pdbx_entity_branch_list       
11 4 'Structure model' pdbx_entity_nonpoly           
12 4 'Structure model' pdbx_molecule_features        
13 4 'Structure model' pdbx_nonpoly_scheme           
14 4 'Structure model' pdbx_struct_conn_angle        
15 4 'Structure model' struct_conn                   
16 4 'Structure model' struct_conn_type              
17 4 'Structure model' struct_site                   
18 4 'Structure model' struct_site_gen               
19 5 'Structure model' chem_comp                     
20 5 'Structure model' chem_comp_atom                
21 5 'Structure model' chem_comp_bond                
22 5 'Structure model' database_2                    
# 
loop_
_pdbx_audit_revision_item.ordinal 
_pdbx_audit_revision_item.revision_ordinal 
_pdbx_audit_revision_item.data_content_type 
_pdbx_audit_revision_item.item 
1  4 'Structure model' '_atom_site.B_iso_or_equiv'                   
2  4 'Structure model' '_atom_site.Cartn_x'                          
3  4 'Structure model' '_atom_site.Cartn_y'                          
4  4 'Structure model' '_atom_site.Cartn_z'                          
5  4 'Structure model' '_atom_site.auth_asym_id'                     
6  4 'Structure model' '_atom_site.auth_atom_id'                     
7  4 'Structure model' '_atom_site.auth_comp_id'                     
8  4 'Structure model' '_atom_site.auth_seq_id'                      
9  4 'Structure model' '_atom_site.label_atom_id'                    
10 4 'Structure model' '_atom_site.label_comp_id'                    
11 4 'Structure model' '_atom_site.type_symbol'                      
12 4 'Structure model' '_chem_comp.formula'                          
13 4 'Structure model' '_chem_comp.formula_weight'                   
14 4 'Structure model' '_chem_comp.id'                               
15 4 'Structure model' '_chem_comp.mon_nstd_flag'                    
16 4 'Structure model' '_chem_comp.name'                             
17 4 'Structure model' '_chem_comp.type'                             
18 4 'Structure model' '_entity.formula_weight'                      
19 4 'Structure model' '_entity.pdbx_description'                    
20 4 'Structure model' '_entity.type'                                
21 4 'Structure model' '_pdbx_struct_conn_angle.ptnr1_auth_asym_id'  
22 4 'Structure model' '_pdbx_struct_conn_angle.ptnr1_auth_seq_id'   
23 4 'Structure model' '_pdbx_struct_conn_angle.ptnr1_label_asym_id' 
24 4 'Structure model' '_pdbx_struct_conn_angle.ptnr1_label_seq_id'  
25 4 'Structure model' '_pdbx_struct_conn_angle.ptnr3_auth_asym_id'  
26 4 'Structure model' '_pdbx_struct_conn_angle.ptnr3_auth_seq_id'   
27 4 'Structure model' '_pdbx_struct_conn_angle.ptnr3_label_asym_id' 
28 4 'Structure model' '_pdbx_struct_conn_angle.ptnr3_label_seq_id'  
29 4 'Structure model' '_pdbx_struct_conn_angle.value'               
30 5 'Structure model' '_chem_comp.pdbx_synonyms'                    
31 5 'Structure model' '_database_2.pdbx_DOI'                        
32 5 'Structure model' '_database_2.pdbx_database_accession'         
# 
_pdbx_database_status.status_code                     REL 
_pdbx_database_status.entry_id                        1FE4 
_pdbx_database_status.recvd_initial_deposition_date   2000-07-20 
_pdbx_database_status.deposit_site                    RCSB 
_pdbx_database_status.process_site                    RCSB 
_pdbx_database_status.SG_entry                        . 
_pdbx_database_status.pdb_format_compatible           Y 
_pdbx_database_status.status_code_mr                  ? 
_pdbx_database_status.status_code_sf                  ? 
_pdbx_database_status.status_code_cs                  ? 
_pdbx_database_status.status_code_nmr_data            ? 
_pdbx_database_status.methods_development_category    ? 
# 
_pdbx_database_related.db_name        PDB 
_pdbx_database_related.db_id          1FE0 
_pdbx_database_related.details        'contains cadmium' 
_pdbx_database_related.content_type   unspecified 
# 
loop_
_audit_author.name 
_audit_author.pdbx_ordinal 
'Wernimont, A.K.'  1 
'Huffman, D.L.'    2 
'Lamb, A.L.'       3 
;O'Halloran, T.V.
;
4 
'Rosenzweig, A.C.' 5 
# 
_citation.id                        primary 
_citation.title                     
'Structural basis for copper transfer by the metallochaperone for the Menkes/Wilson disease proteins.' 
_citation.journal_abbrev            Nat.Struct.Biol. 
_citation.journal_volume            7 
_citation.page_first                766 
_citation.page_last                 771 
_citation.year                      2000 
_citation.journal_id_ASTM           NSBIEW 
_citation.country                   US 
_citation.journal_id_ISSN           1072-8368 
_citation.journal_id_CSD            2024 
_citation.book_publisher            ? 
_citation.pdbx_database_id_PubMed   10966647 
_citation.pdbx_database_id_DOI      10.1038/78999 
# 
loop_
_citation_author.citation_id 
_citation_author.name 
_citation_author.ordinal 
_citation_author.identifier_ORCID 
primary 'Wernimont, A.K.'  1 ? 
primary 'Huffman, D.L.'    2 ? 
primary 'Lamb, A.L.'       3 ? 
primary 
;O'Halloran, T.V.
;
4 ? 
primary 'Rosenzweig, A.C.' 5 ? 
# 
loop_
_entity.id 
_entity.type 
_entity.src_method 
_entity.pdbx_description 
_entity.formula_weight 
_entity.pdbx_number_of_molecules 
_entity.pdbx_ec 
_entity.pdbx_mutation 
_entity.pdbx_fragment 
_entity.details 
1 polymer     man 'COPPER TRANSPORT PROTEIN ATOX1'                    7412.646 2   ? ? ? ? 
2 branched    man 'beta-D-fructofuranose-(2-1)-alpha-D-glucopyranose' 342.297  1   ? ? ? ? 
3 non-polymer syn 'URANYL (VI) ION'                                   270.028  1   ? ? ? ? 
4 non-polymer syn 'SULFATE ION'                                       96.063   2   ? ? ? ? 
5 non-polymer syn 'MERCURY (II) ION'                                  200.590  1   ? ? ? ? 
6 water       nat water                                               18.015   122 ? ? ? ? 
# 
_entity_name_com.entity_id   2 
_entity_name_com.name        sucrose 
# 
_entity_poly.entity_id                      1 
_entity_poly.type                           'polypeptide(L)' 
_entity_poly.nstd_linkage                   no 
_entity_poly.nstd_monomer                   no 
_entity_poly.pdbx_seq_one_letter_code       MPKHEFSVDMTCGGCAEAVSRVLNKLGGVKYDIDLPNKKVCIESEHSMDTLLATLKKTGKTVSYLGLE 
_entity_poly.pdbx_seq_one_letter_code_can   MPKHEFSVDMTCGGCAEAVSRVLNKLGGVKYDIDLPNKKVCIESEHSMDTLLATLKKTGKTVSYLGLE 
_entity_poly.pdbx_strand_id                 A,B 
_entity_poly.pdbx_target_identifier         ? 
# 
loop_
_pdbx_entity_nonpoly.entity_id 
_pdbx_entity_nonpoly.name 
_pdbx_entity_nonpoly.comp_id 
3 'URANYL (VI) ION'  IUM 
4 'SULFATE ION'      SO4 
5 'MERCURY (II) ION' HG  
6 water              HOH 
# 
loop_
_entity_poly_seq.entity_id 
_entity_poly_seq.num 
_entity_poly_seq.mon_id 
_entity_poly_seq.hetero 
1 1  MET n 
1 2  PRO n 
1 3  LYS n 
1 4  HIS n 
1 5  GLU n 
1 6  PHE n 
1 7  SER n 
1 8  VAL n 
1 9  ASP n 
1 10 MET n 
1 11 THR n 
1 12 CYS n 
1 13 GLY n 
1 14 GLY n 
1 15 CYS n 
1 16 ALA n 
1 17 GLU n 
1 18 ALA n 
1 19 VAL n 
1 20 SER n 
1 21 ARG n 
1 22 VAL n 
1 23 LEU n 
1 24 ASN n 
1 25 LYS n 
1 26 LEU n 
1 27 GLY n 
1 28 GLY n 
1 29 VAL n 
1 30 LYS n 
1 31 TYR n 
1 32 ASP n 
1 33 ILE n 
1 34 ASP n 
1 35 LEU n 
1 36 PRO n 
1 37 ASN n 
1 38 LYS n 
1 39 LYS n 
1 40 VAL n 
1 41 CYS n 
1 42 ILE n 
1 43 GLU n 
1 44 SER n 
1 45 GLU n 
1 46 HIS n 
1 47 SER n 
1 48 MET n 
1 49 ASP n 
1 50 THR n 
1 51 LEU n 
1 52 LEU n 
1 53 ALA n 
1 54 THR n 
1 55 LEU n 
1 56 LYS n 
1 57 LYS n 
1 58 THR n 
1 59 GLY n 
1 60 LYS n 
1 61 THR n 
1 62 VAL n 
1 63 SER n 
1 64 TYR n 
1 65 LEU n 
1 66 GLY n 
1 67 LEU n 
1 68 GLU n 
# 
_entity_src_gen.entity_id                          1 
_entity_src_gen.pdbx_src_id                        1 
_entity_src_gen.pdbx_alt_source_flag               sample 
_entity_src_gen.pdbx_seq_type                      ? 
_entity_src_gen.pdbx_beg_seq_num                   ? 
_entity_src_gen.pdbx_end_seq_num                   ? 
_entity_src_gen.gene_src_common_name               human 
_entity_src_gen.gene_src_genus                     Homo 
_entity_src_gen.pdbx_gene_src_gene                 ? 
_entity_src_gen.gene_src_species                   ? 
_entity_src_gen.gene_src_strain                    ? 
_entity_src_gen.gene_src_tissue                    ? 
_entity_src_gen.gene_src_tissue_fraction           ? 
_entity_src_gen.gene_src_details                   ? 
_entity_src_gen.pdbx_gene_src_fragment             ? 
_entity_src_gen.pdbx_gene_src_scientific_name      'Homo sapiens' 
_entity_src_gen.pdbx_gene_src_ncbi_taxonomy_id     9606 
_entity_src_gen.pdbx_gene_src_variant              ? 
_entity_src_gen.pdbx_gene_src_cell_line            ? 
_entity_src_gen.pdbx_gene_src_atcc                 ? 
_entity_src_gen.pdbx_gene_src_organ                LIVER 
_entity_src_gen.pdbx_gene_src_organelle            ? 
_entity_src_gen.pdbx_gene_src_cell                 ? 
_entity_src_gen.pdbx_gene_src_cellular_location    ? 
_entity_src_gen.host_org_common_name               ? 
_entity_src_gen.pdbx_host_org_scientific_name      'Escherichia coli' 
_entity_src_gen.pdbx_host_org_ncbi_taxonomy_id     562 
_entity_src_gen.host_org_genus                     Escherichia 
_entity_src_gen.pdbx_host_org_gene                 ? 
_entity_src_gen.pdbx_host_org_organ                ? 
_entity_src_gen.host_org_species                   ? 
_entity_src_gen.pdbx_host_org_tissue               ? 
_entity_src_gen.pdbx_host_org_tissue_fraction      ? 
_entity_src_gen.pdbx_host_org_strain               ? 
_entity_src_gen.pdbx_host_org_variant              ? 
_entity_src_gen.pdbx_host_org_cell_line            ? 
_entity_src_gen.pdbx_host_org_atcc                 ? 
_entity_src_gen.pdbx_host_org_culture_collection   ? 
_entity_src_gen.pdbx_host_org_cell                 ? 
_entity_src_gen.pdbx_host_org_organelle            ? 
_entity_src_gen.pdbx_host_org_cellular_location    ? 
_entity_src_gen.pdbx_host_org_vector_type          PLASMID 
_entity_src_gen.pdbx_host_org_vector               ? 
_entity_src_gen.host_org_details                   ? 
_entity_src_gen.expression_system_id               ? 
_entity_src_gen.plasmid_name                       PMAGDA 
_entity_src_gen.plasmid_details                    ? 
_entity_src_gen.pdbx_description                   ? 
# 
_pdbx_entity_branch.entity_id   2 
_pdbx_entity_branch.type        oligosaccharide 
# 
loop_
_pdbx_entity_branch_descriptor.ordinal 
_pdbx_entity_branch_descriptor.entity_id 
_pdbx_entity_branch_descriptor.descriptor 
_pdbx_entity_branch_descriptor.type 
_pdbx_entity_branch_descriptor.program 
_pdbx_entity_branch_descriptor.program_version 
1 2 DFrufb2-1DGlcpa                                            'Glycam Condensed Sequence' GMML       1.0   
2 2 'WURCS=2.0/2,2,1/[ha122h-2b_2-5][a2122h-1a_1-5]/1-2/a2-b1' WURCS                       PDB2Glycan 1.1.0 
3 2 '[][b-D-Fruf]{[(2+1)][a-D-Glcp]{}}'                        LINUCS                      PDB-CARE   ?     
# 
_pdbx_entity_branch_link.link_id                    1 
_pdbx_entity_branch_link.entity_id                  2 
_pdbx_entity_branch_link.entity_branch_list_num_1   1 
_pdbx_entity_branch_link.comp_id_1                  GLC 
_pdbx_entity_branch_link.atom_id_1                  C1 
_pdbx_entity_branch_link.leaving_atom_id_1          O1 
_pdbx_entity_branch_link.entity_branch_list_num_2   2 
_pdbx_entity_branch_link.comp_id_2                  FRU 
_pdbx_entity_branch_link.atom_id_2                  O2 
_pdbx_entity_branch_link.leaving_atom_id_2          HO2 
_pdbx_entity_branch_link.value_order                sing 
_pdbx_entity_branch_link.details                    ? 
# 
loop_
_chem_comp.id 
_chem_comp.type 
_chem_comp.mon_nstd_flag 
_chem_comp.name 
_chem_comp.pdbx_synonyms 
_chem_comp.formula 
_chem_comp.formula_weight 
ALA 'L-peptide linking'           y ALANINE               ?                                       'C3 H7 N O2'     89.093  
ARG 'L-peptide linking'           y ARGININE              ?                                       'C6 H15 N4 O2 1' 175.209 
ASN 'L-peptide linking'           y ASPARAGINE            ?                                       'C4 H8 N2 O3'    132.118 
ASP 'L-peptide linking'           y 'ASPARTIC ACID'       ?                                       'C4 H7 N O4'     133.103 
CYS 'L-peptide linking'           y CYSTEINE              ?                                       'C3 H7 N O2 S'   121.158 
FRU 'D-saccharide, beta linking'  . beta-D-fructofuranose 'beta-D-fructose; D-fructose; fructose' 'C6 H12 O6'      180.156 
GLC 'D-saccharide, alpha linking' . alpha-D-glucopyranose 'alpha-D-glucose; D-glucose; glucose'   'C6 H12 O6'      180.156 
GLU 'L-peptide linking'           y 'GLUTAMIC ACID'       ?                                       'C5 H9 N O4'     147.129 
GLY 'peptide linking'             y GLYCINE               ?                                       'C2 H5 N O2'     75.067  
HG  non-polymer                   . 'MERCURY (II) ION'    ?                                       'Hg 2'           200.590 
HIS 'L-peptide linking'           y HISTIDINE             ?                                       'C6 H10 N3 O2 1' 156.162 
HOH non-polymer                   . WATER                 ?                                       'H2 O'           18.015  
ILE 'L-peptide linking'           y ISOLEUCINE            ?                                       'C6 H13 N O2'    131.173 
IUM non-polymer                   . 'URANYL (VI) ION'     ?                                       'O2 U 2'         270.028 
LEU 'L-peptide linking'           y LEUCINE               ?                                       'C6 H13 N O2'    131.173 
LYS 'L-peptide linking'           y LYSINE                ?                                       'C6 H15 N2 O2 1' 147.195 
MET 'L-peptide linking'           y METHIONINE            ?                                       'C5 H11 N O2 S'  149.211 
PHE 'L-peptide linking'           y PHENYLALANINE         ?                                       'C9 H11 N O2'    165.189 
PRO 'L-peptide linking'           y PROLINE               ?                                       'C5 H9 N O2'     115.130 
SER 'L-peptide linking'           y SERINE                ?                                       'C3 H7 N O3'     105.093 
SO4 non-polymer                   . 'SULFATE ION'         ?                                       'O4 S -2'        96.063  
THR 'L-peptide linking'           y THREONINE             ?                                       'C4 H9 N O3'     119.119 
TYR 'L-peptide linking'           y TYROSINE              ?                                       'C9 H11 N O3'    181.189 
VAL 'L-peptide linking'           y VALINE                ?                                       'C5 H11 N O2'    117.146 
# 
loop_
_pdbx_chem_comp_identifier.comp_id 
_pdbx_chem_comp_identifier.type 
_pdbx_chem_comp_identifier.program 
_pdbx_chem_comp_identifier.program_version 
_pdbx_chem_comp_identifier.identifier 
FRU 'CONDENSED IUPAC CARBOHYDRATE SYMBOL' GMML     1.0 DFrufb             
FRU 'COMMON NAME'                         GMML     1.0 b-D-fructofuranose 
FRU 'IUPAC CARBOHYDRATE SYMBOL'           PDB-CARE 1.0 b-D-Fruf           
FRU 'SNFG CARBOHYDRATE SYMBOL'            GMML     1.0 Fru                
GLC 'CONDENSED IUPAC CARBOHYDRATE SYMBOL' GMML     1.0 DGlcpa             
GLC 'COMMON NAME'                         GMML     1.0 a-D-glucopyranose  
GLC 'IUPAC CARBOHYDRATE SYMBOL'           PDB-CARE 1.0 a-D-Glcp           
GLC 'SNFG CARBOHYDRATE SYMBOL'            GMML     1.0 Glc                
# 
loop_
_pdbx_poly_seq_scheme.asym_id 
_pdbx_poly_seq_scheme.entity_id 
_pdbx_poly_seq_scheme.seq_id 
_pdbx_poly_seq_scheme.mon_id 
_pdbx_poly_seq_scheme.ndb_seq_num 
_pdbx_poly_seq_scheme.pdb_seq_num 
_pdbx_poly_seq_scheme.auth_seq_num 
_pdbx_poly_seq_scheme.pdb_mon_id 
_pdbx_poly_seq_scheme.auth_mon_id 
_pdbx_poly_seq_scheme.pdb_strand_id 
_pdbx_poly_seq_scheme.pdb_ins_code 
_pdbx_poly_seq_scheme.hetero 
A 1 1  MET 1  1  1  MET MET A . n 
A 1 2  PRO 2  2  2  PRO PRO A . n 
A 1 3  LYS 3  3  3  LYS LYS A . n 
A 1 4  HIS 4  4  4  HIS HIS A . n 
A 1 5  GLU 5  5  5  GLU GLU A . n 
A 1 6  PHE 6  6  6  PHE PHE A . n 
A 1 7  SER 7  7  7  SER SER A . n 
A 1 8  VAL 8  8  8  VAL VAL A . n 
A 1 9  ASP 9  9  9  ASP ASP A . n 
A 1 10 MET 10 10 10 MET MET A . n 
A 1 11 THR 11 11 11 THR THR A . n 
A 1 12 CYS 12 12 12 CYS CYS A . n 
A 1 13 GLY 13 13 13 GLY GLY A . n 
A 1 14 GLY 14 14 14 GLY GLY A . n 
A 1 15 CYS 15 15 15 CYS CYS A . n 
A 1 16 ALA 16 16 16 ALA ALA A . n 
A 1 17 GLU 17 17 17 GLU GLU A . n 
A 1 18 ALA 18 18 18 ALA ALA A . n 
A 1 19 VAL 19 19 19 VAL VAL A . n 
A 1 20 SER 20 20 20 SER SER A . n 
A 1 21 ARG 21 21 21 ARG ARG A . n 
A 1 22 VAL 22 22 22 VAL VAL A . n 
A 1 23 LEU 23 23 23 LEU LEU A . n 
A 1 24 ASN 24 24 24 ASN ASN A . n 
A 1 25 LYS 25 25 25 LYS LYS A . n 
A 1 26 LEU 26 26 26 LEU LEU A . n 
A 1 27 GLY 27 27 27 GLY GLY A . n 
A 1 28 GLY 28 28 28 GLY GLY A . n 
A 1 29 VAL 29 29 29 VAL VAL A . n 
A 1 30 LYS 30 30 30 LYS LYS A . n 
A 1 31 TYR 31 31 31 TYR TYR A . n 
A 1 32 ASP 32 32 32 ASP ASP A . n 
A 1 33 ILE 33 33 33 ILE ILE A . n 
A 1 34 ASP 34 34 34 ASP ASP A . n 
A 1 35 LEU 35 35 35 LEU LEU A . n 
A 1 36 PRO 36 36 36 PRO PRO A . n 
A 1 37 ASN 37 37 37 ASN ASN A . n 
A 1 38 LYS 38 38 38 LYS LYS A . n 
A 1 39 LYS 39 39 39 LYS LYS A . n 
A 1 40 VAL 40 40 40 VAL VAL A . n 
A 1 41 CYS 41 41 41 CYS CYS A . n 
A 1 42 ILE 42 42 42 ILE ILE A . n 
A 1 43 GLU 43 43 43 GLU GLU A . n 
A 1 44 SER 44 44 44 SER SER A . n 
A 1 45 GLU 45 45 45 GLU GLU A . n 
A 1 46 HIS 46 46 46 HIS HIS A . n 
A 1 47 SER 47 47 47 SER SER A . n 
A 1 48 MET 48 48 48 MET MET A . n 
A 1 49 ASP 49 49 49 ASP ASP A . n 
A 1 50 THR 50 50 50 THR THR A . n 
A 1 51 LEU 51 51 51 LEU LEU A . n 
A 1 52 LEU 52 52 52 LEU LEU A . n 
A 1 53 ALA 53 53 53 ALA ALA A . n 
A 1 54 THR 54 54 54 THR THR A . n 
A 1 55 LEU 55 55 55 LEU LEU A . n 
A 1 56 LYS 56 56 56 LYS LYS A . n 
A 1 57 LYS 57 57 57 LYS LYS A . n 
A 1 58 THR 58 58 58 THR THR A . n 
A 1 59 GLY 59 59 59 GLY GLY A . n 
A 1 60 LYS 60 60 60 LYS LYS A . n 
A 1 61 THR 61 61 61 THR THR A . n 
A 1 62 VAL 62 62 62 VAL VAL A . n 
A 1 63 SER 63 63 63 SER SER A . n 
A 1 64 TYR 64 64 64 TYR TYR A . n 
A 1 65 LEU 65 65 65 LEU LEU A . n 
A 1 66 GLY 66 66 66 GLY GLY A . n 
A 1 67 LEU 67 67 67 LEU LEU A . n 
A 1 68 GLU 68 68 68 GLU GLU A . n 
B 1 1  MET 1  1  1  MET MET B . n 
B 1 2  PRO 2  2  2  PRO PRO B . n 
B 1 3  LYS 3  3  3  LYS LYS B . n 
B 1 4  HIS 4  4  4  HIS HIS B . n 
B 1 5  GLU 5  5  5  GLU GLU B . n 
B 1 6  PHE 6  6  6  PHE PHE B . n 
B 1 7  SER 7  7  7  SER SER B . n 
B 1 8  VAL 8  8  8  VAL VAL B . n 
B 1 9  ASP 9  9  9  ASP ASP B . n 
B 1 10 MET 10 10 10 MET MET B . n 
B 1 11 THR 11 11 11 THR THR B . n 
B 1 12 CYS 12 12 12 CYS CYS B . n 
B 1 13 GLY 13 13 13 GLY GLY B . n 
B 1 14 GLY 14 14 14 GLY GLY B . n 
B 1 15 CYS 15 15 15 CYS CYS B . n 
B 1 16 ALA 16 16 16 ALA ALA B . n 
B 1 17 GLU 17 17 17 GLU GLU B . n 
B 1 18 ALA 18 18 18 ALA ALA B . n 
B 1 19 VAL 19 19 19 VAL VAL B . n 
B 1 20 SER 20 20 20 SER SER B . n 
B 1 21 ARG 21 21 21 ARG ARG B . n 
B 1 22 VAL 22 22 22 VAL VAL B . n 
B 1 23 LEU 23 23 23 LEU LEU B . n 
B 1 24 ASN 24 24 24 ASN ASN B . n 
B 1 25 LYS 25 25 25 LYS LYS B . n 
B 1 26 LEU 26 26 26 LEU LEU B . n 
B 1 27 GLY 27 27 27 GLY GLY B . n 
B 1 28 GLY 28 28 28 GLY GLY B . n 
B 1 29 VAL 29 29 29 VAL VAL B . n 
B 1 30 LYS 30 30 30 LYS LYS B . n 
B 1 31 TYR 31 31 31 TYR TYR B . n 
B 1 32 ASP 32 32 32 ASP ASP B . n 
B 1 33 ILE 33 33 33 ILE ILE B . n 
B 1 34 ASP 34 34 34 ASP ASP B . n 
B 1 35 LEU 35 35 35 LEU LEU B . n 
B 1 36 PRO 36 36 36 PRO PRO B . n 
B 1 37 ASN 37 37 37 ASN ASN B . n 
B 1 38 LYS 38 38 38 LYS LYS B . n 
B 1 39 LYS 39 39 39 LYS LYS B . n 
B 1 40 VAL 40 40 40 VAL VAL B . n 
B 1 41 CYS 41 41 41 CYS CYS B . n 
B 1 42 ILE 42 42 42 ILE ILE B . n 
B 1 43 GLU 43 43 43 GLU GLU B . n 
B 1 44 SER 44 44 44 SER SER B . n 
B 1 45 GLU 45 45 45 GLU GLU B . n 
B 1 46 HIS 46 46 46 HIS HIS B . n 
B 1 47 SER 47 47 47 SER SER B . n 
B 1 48 MET 48 48 48 MET MET B . n 
B 1 49 ASP 49 49 49 ASP ASP B . n 
B 1 50 THR 50 50 50 THR THR B . n 
B 1 51 LEU 51 51 51 LEU LEU B . n 
B 1 52 LEU 52 52 52 LEU LEU B . n 
B 1 53 ALA 53 53 53 ALA ALA B . n 
B 1 54 THR 54 54 54 THR THR B . n 
B 1 55 LEU 55 55 55 LEU LEU B . n 
B 1 56 LYS 56 56 56 LYS LYS B . n 
B 1 57 LYS 57 57 57 LYS LYS B . n 
B 1 58 THR 58 58 58 THR THR B . n 
B 1 59 GLY 59 59 59 GLY GLY B . n 
B 1 60 LYS 60 60 60 LYS LYS B . n 
B 1 61 THR 61 61 61 THR THR B . n 
B 1 62 VAL 62 62 62 VAL VAL B . n 
B 1 63 SER 63 63 63 SER SER B . n 
B 1 64 TYR 64 64 64 TYR TYR B . n 
B 1 65 LEU 65 65 65 LEU LEU B . n 
B 1 66 GLY 66 66 66 GLY GLY B . n 
B 1 67 LEU 67 67 67 LEU LEU B . n 
B 1 68 GLU 68 68 68 GLU GLU B . n 
# 
loop_
_pdbx_branch_scheme.asym_id 
_pdbx_branch_scheme.entity_id 
_pdbx_branch_scheme.mon_id 
_pdbx_branch_scheme.num 
_pdbx_branch_scheme.pdb_asym_id 
_pdbx_branch_scheme.pdb_mon_id 
_pdbx_branch_scheme.pdb_seq_num 
_pdbx_branch_scheme.auth_asym_id 
_pdbx_branch_scheme.auth_mon_id 
_pdbx_branch_scheme.auth_seq_num 
_pdbx_branch_scheme.hetero 
C 2 GLC 1 C GLC 1 D SUC 1 n 
C 2 FRU 2 C FRU 2 D SUC 1 n 
# 
loop_
_pdbx_nonpoly_scheme.asym_id 
_pdbx_nonpoly_scheme.entity_id 
_pdbx_nonpoly_scheme.mon_id 
_pdbx_nonpoly_scheme.ndb_seq_num 
_pdbx_nonpoly_scheme.pdb_seq_num 
_pdbx_nonpoly_scheme.auth_seq_num 
_pdbx_nonpoly_scheme.pdb_mon_id 
_pdbx_nonpoly_scheme.auth_mon_id 
_pdbx_nonpoly_scheme.pdb_strand_id 
_pdbx_nonpoly_scheme.pdb_ins_code 
D 3 IUM 1  1003 3   IUM IUM A . 
E 4 SO4 1  1005 5   SO4 SO4 A . 
F 5 HG  1  1007 7   HG  HG  A . 
G 4 SO4 1  1004 4   SO4 SO4 B . 
H 6 HOH 1  1008 6   HOH TIP A . 
H 6 HOH 2  1009 9   HOH TIP A . 
H 6 HOH 3  1010 12  HOH TIP A . 
H 6 HOH 4  1011 13  HOH TIP A . 
H 6 HOH 5  1012 16  HOH TIP A . 
H 6 HOH 6  1013 19  HOH TIP A . 
H 6 HOH 7  1014 20  HOH TIP A . 
H 6 HOH 8  1015 24  HOH TIP A . 
H 6 HOH 9  1016 25  HOH TIP A . 
H 6 HOH 10 1017 26  HOH TIP A . 
H 6 HOH 11 1018 27  HOH TIP A . 
H 6 HOH 12 1019 28  HOH TIP A . 
H 6 HOH 13 1020 29  HOH TIP A . 
H 6 HOH 14 1021 30  HOH TIP A . 
H 6 HOH 15 1022 35  HOH TIP A . 
H 6 HOH 16 1023 41  HOH TIP A . 
H 6 HOH 17 1024 43  HOH TIP A . 
H 6 HOH 18 1025 44  HOH TIP A . 
H 6 HOH 19 1026 45  HOH TIP A . 
H 6 HOH 20 1027 48  HOH TIP A . 
H 6 HOH 21 1028 52  HOH TIP A . 
H 6 HOH 22 1029 53  HOH TIP A . 
H 6 HOH 23 1030 54  HOH TIP A . 
H 6 HOH 24 1031 55  HOH TIP A . 
H 6 HOH 25 1032 57  HOH TIP A . 
H 6 HOH 26 1033 58  HOH TIP A . 
H 6 HOH 27 1034 59  HOH TIP A . 
H 6 HOH 28 1035 60  HOH TIP A . 
H 6 HOH 29 1036 64  HOH TIP A . 
H 6 HOH 30 1037 65  HOH TIP A . 
H 6 HOH 31 1038 67  HOH TIP A . 
H 6 HOH 32 1039 68  HOH TIP A . 
H 6 HOH 33 1040 72  HOH TIP A . 
H 6 HOH 34 1041 74  HOH TIP A . 
H 6 HOH 35 1042 75  HOH TIP A . 
H 6 HOH 36 1043 77  HOH TIP A . 
H 6 HOH 37 1044 78  HOH TIP A . 
H 6 HOH 38 1045 81  HOH TIP A . 
H 6 HOH 39 1046 82  HOH TIP A . 
H 6 HOH 40 1047 85  HOH TIP A . 
H 6 HOH 41 1048 90  HOH TIP A . 
H 6 HOH 42 1049 91  HOH TIP A . 
H 6 HOH 43 1050 93  HOH TIP A . 
H 6 HOH 44 1051 96  HOH TIP A . 
H 6 HOH 45 1052 97  HOH TIP A . 
H 6 HOH 46 1053 103 HOH TIP A . 
H 6 HOH 47 1054 108 HOH TIP A . 
H 6 HOH 48 1055 112 HOH TIP A . 
H 6 HOH 49 1056 113 HOH TIP A . 
H 6 HOH 50 1057 114 HOH TIP A . 
H 6 HOH 51 1058 115 HOH TIP A . 
H 6 HOH 52 1059 116 HOH TIP A . 
H 6 HOH 53 1060 118 HOH TIP A . 
H 6 HOH 54 1061 119 HOH TIP A . 
H 6 HOH 55 1062 121 HOH TIP A . 
H 6 HOH 56 1063 122 HOH TIP A . 
I 6 HOH 1  1005 1   HOH TIP B . 
I 6 HOH 2  1006 2   HOH TIP B . 
I 6 HOH 3  1007 3   HOH TIP B . 
I 6 HOH 4  1008 4   HOH TIP B . 
I 6 HOH 5  1009 5   HOH TIP B . 
I 6 HOH 6  1010 7   HOH TIP B . 
I 6 HOH 7  1011 8   HOH TIP B . 
I 6 HOH 8  1012 10  HOH TIP B . 
I 6 HOH 9  1013 11  HOH TIP B . 
I 6 HOH 10 1014 14  HOH TIP B . 
I 6 HOH 11 1015 15  HOH TIP B . 
I 6 HOH 12 1016 17  HOH TIP B . 
I 6 HOH 13 1017 18  HOH TIP B . 
I 6 HOH 14 1018 21  HOH TIP B . 
I 6 HOH 15 1019 22  HOH TIP B . 
I 6 HOH 16 1020 23  HOH TIP B . 
I 6 HOH 17 1021 31  HOH TIP B . 
I 6 HOH 18 1022 32  HOH TIP B . 
I 6 HOH 19 1023 33  HOH TIP B . 
I 6 HOH 20 1024 34  HOH TIP B . 
I 6 HOH 21 1025 36  HOH TIP B . 
I 6 HOH 22 1026 37  HOH TIP B . 
I 6 HOH 23 1027 38  HOH TIP B . 
I 6 HOH 24 1028 39  HOH TIP B . 
I 6 HOH 25 1029 40  HOH TIP B . 
I 6 HOH 26 1030 42  HOH TIP B . 
I 6 HOH 27 1031 46  HOH TIP B . 
I 6 HOH 28 1032 47  HOH TIP B . 
I 6 HOH 29 1033 49  HOH TIP B . 
I 6 HOH 30 1034 50  HOH TIP B . 
I 6 HOH 31 1035 51  HOH TIP B . 
I 6 HOH 32 1036 56  HOH TIP B . 
I 6 HOH 33 1037 61  HOH TIP B . 
I 6 HOH 34 1038 62  HOH TIP B . 
I 6 HOH 35 1039 63  HOH TIP B . 
I 6 HOH 36 1040 66  HOH TIP B . 
I 6 HOH 37 1041 69  HOH TIP B . 
I 6 HOH 38 1042 70  HOH TIP B . 
I 6 HOH 39 1043 71  HOH TIP B . 
I 6 HOH 40 1044 73  HOH TIP B . 
I 6 HOH 41 1045 76  HOH TIP B . 
I 6 HOH 42 1046 79  HOH TIP B . 
I 6 HOH 43 1047 80  HOH TIP B . 
I 6 HOH 44 1048 83  HOH TIP B . 
I 6 HOH 45 1049 84  HOH TIP B . 
I 6 HOH 46 1050 86  HOH TIP B . 
I 6 HOH 47 1051 87  HOH TIP B . 
I 6 HOH 48 1052 88  HOH TIP B . 
I 6 HOH 49 1053 89  HOH TIP B . 
I 6 HOH 50 1054 92  HOH TIP B . 
I 6 HOH 51 1055 94  HOH TIP B . 
I 6 HOH 52 1056 95  HOH TIP B . 
I 6 HOH 53 1057 98  HOH TIP B . 
I 6 HOH 54 1058 99  HOH TIP B . 
I 6 HOH 55 1059 100 HOH TIP B . 
I 6 HOH 56 1060 101 HOH TIP B . 
I 6 HOH 57 1061 102 HOH TIP B . 
I 6 HOH 58 1062 104 HOH TIP B . 
I 6 HOH 59 1063 105 HOH TIP B . 
I 6 HOH 60 1064 106 HOH TIP B . 
I 6 HOH 61 1065 107 HOH TIP B . 
I 6 HOH 62 1066 109 HOH TIP B . 
I 6 HOH 63 1067 110 HOH TIP B . 
I 6 HOH 64 1068 111 HOH TIP B . 
I 6 HOH 65 1069 117 HOH TIP B . 
I 6 HOH 66 1070 120 HOH TIP B . 
# 
loop_
_software.name 
_software.classification 
_software.version 
_software.citation_id 
_software.pdbx_ordinal 
AMoRE     phasing          . ? 1 
CNS       refinement       . ? 2 
DENZO     'data reduction' . ? 3 
SCALEPACK 'data scaling'   . ? 4 
CNS       phasing          . ? 5 
# 
_cell.entry_id           1FE4 
_cell.length_a           79.950 
_cell.length_b           79.950 
_cell.length_c           55.610 
_cell.angle_alpha        90.00 
_cell.angle_beta         90.00 
_cell.angle_gamma        120.00 
_cell.Z_PDB              12 
_cell.pdbx_unique_axis   ? 
# 
_symmetry.entry_id                         1FE4 
_symmetry.space_group_name_H-M             'P 65' 
_symmetry.pdbx_full_space_group_name_H-M   ? 
_symmetry.cell_setting                     ? 
_symmetry.Int_Tables_number                170 
# 
_exptl.entry_id          1FE4 
_exptl.method            'X-RAY DIFFRACTION' 
_exptl.crystals_number   1 
# 
_exptl_crystal.id                    1 
_exptl_crystal.density_meas          ? 
_exptl_crystal.density_percent_sol   64.45 
_exptl_crystal.density_Matthews      3.46 
_exptl_crystal.description           ? 
# 
_exptl_crystal_grow.crystal_id      1 
_exptl_crystal_grow.method          'VAPOR DIFFUSION, HANGING DROP' 
_exptl_crystal_grow.pH              6.5 
_exptl_crystal_grow.temp            298 
_exptl_crystal_grow.temp_details    ? 
_exptl_crystal_grow.pdbx_details    
'MES buffer, ammonium sulfate, magnesium chloride, dithiothreitol, pH 6.5, VAPOR DIFFUSION, HANGING DROP, temperature 298K' 
_exptl_crystal_grow.pdbx_pH_range   . 
# 
_diffrn.id                     1 
_diffrn.ambient_temp           113 
_diffrn.ambient_temp_details   ? 
_diffrn.crystal_id             1 
# 
_diffrn_detector.diffrn_id              1 
_diffrn_detector.detector               CCD 
_diffrn_detector.type                   MARRESEARCH 
_diffrn_detector.pdbx_collection_date   1999-06-07 
_diffrn_detector.details                ? 
# 
_diffrn_radiation.diffrn_id                        1 
_diffrn_radiation.wavelength_id                    1 
_diffrn_radiation.monochromator                    ? 
_diffrn_radiation.pdbx_monochromatic_or_laue_m_l   M 
_diffrn_radiation.pdbx_diffrn_protocol             'SINGLE WAVELENGTH' 
_diffrn_radiation.pdbx_scattering_type             x-ray 
# 
_diffrn_radiation_wavelength.id           1 
_diffrn_radiation_wavelength.wavelength   1.02 
_diffrn_radiation_wavelength.wt           1.0 
# 
_diffrn_source.diffrn_id                   1 
_diffrn_source.source                      SYNCHROTRON 
_diffrn_source.type                        'APS BEAMLINE 5ID-B' 
_diffrn_source.pdbx_wavelength             1.02 
_diffrn_source.pdbx_synchrotron_site       APS 
_diffrn_source.pdbx_synchrotron_beamline   5ID-B 
_diffrn_source.pdbx_wavelength_list        ? 
# 
_reflns.entry_id                     1FE4 
_reflns.observed_criterion_sigma_I   2 
_reflns.observed_criterion_sigma_F   2 
_reflns.d_resolution_low             30 
_reflns.d_resolution_high            1.75 
_reflns.number_obs                   20119 
_reflns.number_all                   288469 
_reflns.percent_possible_obs         97.8 
_reflns.pdbx_Rmerge_I_obs            0.0750000 
_reflns.pdbx_Rsym_value              ? 
_reflns.pdbx_netI_over_sigmaI        6.6 
_reflns.B_iso_Wilson_estimate        25.2 
_reflns.pdbx_redundancy              7 
_reflns.R_free_details               ? 
_reflns.limit_h_max                  ? 
_reflns.limit_h_min                  ? 
_reflns.limit_k_max                  ? 
_reflns.limit_k_min                  ? 
_reflns.limit_l_max                  ? 
_reflns.limit_l_min                  ? 
_reflns.observed_criterion_F_max     ? 
_reflns.observed_criterion_F_min     ? 
_reflns.pdbx_diffrn_id               1 
_reflns.pdbx_ordinal                 1 
# 
_reflns_shell.d_res_high             1.75 
_reflns_shell.d_res_low              1.81 
_reflns_shell.percent_possible_obs   ? 
_reflns_shell.percent_possible_all   87.2 
_reflns_shell.Rmerge_I_obs           0.3700000 
_reflns_shell.meanI_over_sigI_obs    ? 
_reflns_shell.pdbx_Rsym_value        ? 
_reflns_shell.pdbx_redundancy        3 
_reflns_shell.number_unique_all      ? 
_reflns_shell.pdbx_diffrn_id         ? 
_reflns_shell.pdbx_ordinal           1 
# 
_refine.entry_id                                 1FE4 
_refine.ls_number_reflns_obs                     38137 
_refine.ls_number_reflns_all                     40100 
_refine.pdbx_ls_sigma_I                          0 
_refine.pdbx_ls_sigma_F                          0 
_refine.pdbx_data_cutoff_high_absF               ? 
_refine.pdbx_data_cutoff_low_absF                ? 
_refine.ls_d_res_low                             30.0 
_refine.ls_d_res_high                            1.75 
_refine.ls_percent_reflns_obs                    95.1 
_refine.ls_R_factor_obs                          0.2040000 
_refine.ls_R_factor_all                          0.2040000 
_refine.ls_R_factor_R_work                       0.2040000 
_refine.ls_R_factor_R_free                       0.2180000 
_refine.ls_R_factor_R_free_error                 ? 
_refine.ls_R_factor_R_free_error_details         ? 
_refine.ls_percent_reflns_R_free                 ? 
_refine.ls_number_reflns_R_free                  3723 
_refine.ls_number_parameters                     ? 
_refine.ls_number_restraints                     ? 
_refine.occupancy_min                            ? 
_refine.occupancy_max                            ? 
_refine.B_iso_mean                               ? 
_refine.aniso_B[1][1]                            ? 
_refine.aniso_B[2][2]                            ? 
_refine.aniso_B[3][3]                            ? 
_refine.aniso_B[1][2]                            ? 
_refine.aniso_B[1][3]                            ? 
_refine.aniso_B[2][3]                            ? 
_refine.solvent_model_details                    ? 
_refine.solvent_model_param_ksol                 ? 
_refine.solvent_model_param_bsol                 ? 
_refine.pdbx_ls_cross_valid_method               ? 
_refine.details                                  ? 
_refine.pdbx_starting_model                      ? 
_refine.pdbx_method_to_determine_struct          ? 
_refine.pdbx_isotropic_thermal_model             ? 
_refine.pdbx_stereochemistry_target_values       'Engh & Huber' 
_refine.pdbx_stereochem_target_val_spec_case     ? 
_refine.pdbx_R_Free_selection_details            RANDOM 
_refine.pdbx_overall_ESU_R_Free                  ? 
_refine.overall_SU_B                             ? 
_refine.ls_redundancy_reflns_obs                 ? 
_refine.B_iso_min                                ? 
_refine.B_iso_max                                ? 
_refine.overall_SU_ML                            ? 
_refine.pdbx_overall_ESU_R                       ? 
_refine.pdbx_data_cutoff_high_rms_absF           ? 
_refine.correlation_coeff_Fo_to_Fc               ? 
_refine.correlation_coeff_Fo_to_Fc_free          ? 
_refine.overall_SU_R_Cruickshank_DPI             ? 
_refine.overall_SU_R_free                        ? 
_refine.pdbx_refine_id                           'X-RAY DIFFRACTION' 
_refine.pdbx_diffrn_id                           1 
_refine.pdbx_TLS_residual_ADP_flag               ? 
_refine.pdbx_solvent_vdw_probe_radii             ? 
_refine.pdbx_solvent_ion_probe_radii             ? 
_refine.pdbx_solvent_shrinkage_radii             ? 
_refine.pdbx_overall_phase_error                 ? 
_refine.pdbx_overall_SU_R_free_Cruickshank_DPI   ? 
_refine.pdbx_overall_SU_R_Blow_DPI               ? 
_refine.pdbx_overall_SU_R_free_Blow_DPI          ? 
# 
_refine_hist.pdbx_refine_id                   'X-RAY DIFFRACTION' 
_refine_hist.cycle_id                         LAST 
_refine_hist.pdbx_number_atoms_protein        1028 
_refine_hist.pdbx_number_atoms_nucleic_acid   0 
_refine_hist.pdbx_number_atoms_ligand         37 
_refine_hist.number_atoms_solvent             122 
_refine_hist.number_atoms_total               1187 
_refine_hist.d_res_high                       1.75 
_refine_hist.d_res_low                        30.0 
# 
loop_
_refine_ls_restr.type 
_refine_ls_restr.dev_ideal 
_refine_ls_restr.dev_ideal_target 
_refine_ls_restr.weight 
_refine_ls_restr.number 
_refine_ls_restr.pdbx_refine_id 
_refine_ls_restr.pdbx_restraint_function 
c_bond_d           0.006 ? ? ? 'X-RAY DIFFRACTION' ? 
c_angle_d          1.2   ? ? ? 'X-RAY DIFFRACTION' ? 
c_dihedral_angle_d 22.3  ? ? ? 'X-RAY DIFFRACTION' ? 
c_improper_angle_d 0.74  ? ? ? 'X-RAY DIFFRACTION' ? 
# 
_struct.entry_id                  1FE4 
_struct.title                     'CRYSTAL STRUCTURE OF MERCURY-HAH1' 
_struct.pdbx_model_details        ? 
_struct.pdbx_CASP_flag            ? 
_struct.pdbx_model_type_details   ? 
# 
_struct_keywords.entry_id        1FE4 
_struct_keywords.pdbx_keywords   'METAL TRANSPORT' 
_struct_keywords.text            'beta-alpha-beta-beta-alpha-beta, METAL TRANSPORT' 
# 
loop_
_struct_asym.id 
_struct_asym.pdbx_blank_PDB_chainid_flag 
_struct_asym.pdbx_modified 
_struct_asym.entity_id 
_struct_asym.details 
A N N 1 ? 
B N N 1 ? 
C N N 2 ? 
D N N 3 ? 
E N N 4 ? 
F N N 5 ? 
G N N 4 ? 
H N N 6 ? 
I N N 6 ? 
# 
_struct_ref.id                         1 
_struct_ref.db_code                    ATOX1_HUMAN 
_struct_ref.db_name                    UNP 
_struct_ref.entity_id                  1 
_struct_ref.pdbx_db_accession          O00244 
_struct_ref.pdbx_align_begin           1 
_struct_ref.pdbx_seq_one_letter_code   MPKHEFSVDMTCGGCAEAVSRVLNKLGGVKYDIDLPNKKVCIESEHSMDTLLATLKKTGKTVSYLGLE 
_struct_ref.pdbx_db_isoform            ? 
# 
loop_
_struct_ref_seq.align_id 
_struct_ref_seq.ref_id 
_struct_ref_seq.pdbx_PDB_id_code 
_struct_ref_seq.pdbx_strand_id 
_struct_ref_seq.seq_align_beg 
_struct_ref_seq.pdbx_seq_align_beg_ins_code 
_struct_ref_seq.seq_align_end 
_struct_ref_seq.pdbx_seq_align_end_ins_code 
_struct_ref_seq.pdbx_db_accession 
_struct_ref_seq.db_align_beg 
_struct_ref_seq.pdbx_db_align_beg_ins_code 
_struct_ref_seq.db_align_end 
_struct_ref_seq.pdbx_db_align_end_ins_code 
_struct_ref_seq.pdbx_auth_seq_align_beg 
_struct_ref_seq.pdbx_auth_seq_align_end 
1 1 1FE4 A 1 ? 68 ? O00244 1 ? 68 ? 1 68 
2 1 1FE4 B 1 ? 68 ? O00244 1 ? 68 ? 1 68 
# 
_pdbx_struct_assembly.id                   1 
_pdbx_struct_assembly.details              author_and_software_defined_assembly 
_pdbx_struct_assembly.method_details       PISA 
_pdbx_struct_assembly.oligomeric_details   dimeric 
_pdbx_struct_assembly.oligomeric_count     2 
# 
loop_
_pdbx_struct_assembly_prop.biol_id 
_pdbx_struct_assembly_prop.type 
_pdbx_struct_assembly_prop.value 
_pdbx_struct_assembly_prop.details 
1 'ABSA (A^2)' 1690 ? 
1 MORE         -57  ? 
1 'SSA (A^2)'  7700 ? 
# 
_pdbx_struct_assembly_gen.assembly_id       1 
_pdbx_struct_assembly_gen.oper_expression   1 
_pdbx_struct_assembly_gen.asym_id_list      A,B,C,D,E,F,G,H,I 
# 
_pdbx_struct_oper_list.id                   1 
_pdbx_struct_oper_list.type                 'identity operation' 
_pdbx_struct_oper_list.name                 1_555 
_pdbx_struct_oper_list.symmetry_operation   x,y,z 
_pdbx_struct_oper_list.matrix[1][1]         1.0000000000 
_pdbx_struct_oper_list.matrix[1][2]         0.0000000000 
_pdbx_struct_oper_list.matrix[1][3]         0.0000000000 
_pdbx_struct_oper_list.vector[1]            0.0000000000 
_pdbx_struct_oper_list.matrix[2][1]         0.0000000000 
_pdbx_struct_oper_list.matrix[2][2]         1.0000000000 
_pdbx_struct_oper_list.matrix[2][3]         0.0000000000 
_pdbx_struct_oper_list.vector[2]            0.0000000000 
_pdbx_struct_oper_list.matrix[3][1]         0.0000000000 
_pdbx_struct_oper_list.matrix[3][2]         0.0000000000 
_pdbx_struct_oper_list.matrix[3][3]         1.0000000000 
_pdbx_struct_oper_list.vector[3]            0.0000000000 
# 
loop_
_struct_conf.conf_type_id 
_struct_conf.id 
_struct_conf.pdbx_PDB_helix_id 
_struct_conf.beg_label_comp_id 
_struct_conf.beg_label_asym_id 
_struct_conf.beg_label_seq_id 
_struct_conf.pdbx_beg_PDB_ins_code 
_struct_conf.end_label_comp_id 
_struct_conf.end_label_asym_id 
_struct_conf.end_label_seq_id 
_struct_conf.pdbx_end_PDB_ins_code 
_struct_conf.beg_auth_comp_id 
_struct_conf.beg_auth_asym_id 
_struct_conf.beg_auth_seq_id 
_struct_conf.end_auth_comp_id 
_struct_conf.end_auth_asym_id 
_struct_conf.end_auth_seq_id 
_struct_conf.pdbx_PDB_helix_class 
_struct_conf.details 
_struct_conf.pdbx_PDB_helix_length 
HELX_P HELX_P1 1 CYS A 12 ? GLY A 27 ? CYS A 12 GLY A 27 1 ? 16 
HELX_P HELX_P2 2 SER A 47 ? LYS A 57 ? SER A 47 LYS A 57 1 ? 11 
HELX_P HELX_P3 3 CYS B 12 ? GLY B 27 ? CYS B 12 GLY B 27 1 ? 16 
HELX_P HELX_P4 4 SER B 47 ? LYS B 57 ? SER B 47 LYS B 57 1 ? 11 
# 
_struct_conf_type.id          HELX_P 
_struct_conf_type.criteria    ? 
_struct_conf_type.reference   ? 
# 
loop_
_struct_conn.id 
_struct_conn.conn_type_id 
_struct_conn.pdbx_leaving_atom_flag 
_struct_conn.pdbx_PDB_id 
_struct_conn.ptnr1_label_asym_id 
_struct_conn.ptnr1_label_comp_id 
_struct_conn.ptnr1_label_seq_id 
_struct_conn.ptnr1_label_atom_id 
_struct_conn.pdbx_ptnr1_label_alt_id 
_struct_conn.pdbx_ptnr1_PDB_ins_code 
_struct_conn.pdbx_ptnr1_standard_comp_id 
_struct_conn.ptnr1_symmetry 
_struct_conn.ptnr2_label_asym_id 
_struct_conn.ptnr2_label_comp_id 
_struct_conn.ptnr2_label_seq_id 
_struct_conn.ptnr2_label_atom_id 
_struct_conn.pdbx_ptnr2_label_alt_id 
_struct_conn.pdbx_ptnr2_PDB_ins_code 
_struct_conn.ptnr1_auth_asym_id 
_struct_conn.ptnr1_auth_comp_id 
_struct_conn.ptnr1_auth_seq_id 
_struct_conn.ptnr2_auth_asym_id 
_struct_conn.ptnr2_auth_comp_id 
_struct_conn.ptnr2_auth_seq_id 
_struct_conn.ptnr2_symmetry 
_struct_conn.pdbx_ptnr3_label_atom_id 
_struct_conn.pdbx_ptnr3_label_seq_id 
_struct_conn.pdbx_ptnr3_label_comp_id 
_struct_conn.pdbx_ptnr3_label_asym_id 
_struct_conn.pdbx_ptnr3_label_alt_id 
_struct_conn.pdbx_ptnr3_PDB_ins_code 
_struct_conn.details 
_struct_conn.pdbx_dist_value 
_struct_conn.pdbx_value_order 
_struct_conn.pdbx_role 
covale1 covale both ? C GLC .  C1 ? ? ? 1_555 C FRU .  O2 ? ? C GLC 1    C FRU 2    1_555 ? ? ? ? ? ? ? 1.453 sing ? 
metalc1 metalc ?    ? A CYS 12 SG ? ? ? 1_555 F HG  .  HG ? ? A CYS 12   A HG  1007 1_555 ? ? ? ? ? ? ? 2.330 ?    ? 
metalc2 metalc ?    ? A CYS 15 SG ? ? ? 1_555 F HG  .  HG ? ? A CYS 15   A HG  1007 1_555 ? ? ? ? ? ? ? 2.534 ?    ? 
metalc3 metalc ?    ? F HG  .  HG ? ? ? 1_555 B CYS 12 SG ? ? A HG  1007 B CYS 12   1_555 ? ? ? ? ? ? ? 2.524 ?    ? 
metalc4 metalc ?    ? F HG  .  HG ? ? ? 1_555 B CYS 15 SG ? ? A HG  1007 B CYS 15   1_555 ? ? ? ? ? ? ? 2.812 ?    ? 
# 
loop_
_struct_conn_type.id 
_struct_conn_type.criteria 
_struct_conn_type.reference 
covale ? ? 
metalc ? ? 
# 
loop_
_pdbx_struct_conn_angle.id 
_pdbx_struct_conn_angle.ptnr1_label_atom_id 
_pdbx_struct_conn_angle.ptnr1_label_alt_id 
_pdbx_struct_conn_angle.ptnr1_label_asym_id 
_pdbx_struct_conn_angle.ptnr1_label_comp_id 
_pdbx_struct_conn_angle.ptnr1_label_seq_id 
_pdbx_struct_conn_angle.ptnr1_auth_atom_id 
_pdbx_struct_conn_angle.ptnr1_auth_asym_id 
_pdbx_struct_conn_angle.ptnr1_auth_comp_id 
_pdbx_struct_conn_angle.ptnr1_auth_seq_id 
_pdbx_struct_conn_angle.ptnr1_PDB_ins_code 
_pdbx_struct_conn_angle.ptnr1_symmetry 
_pdbx_struct_conn_angle.ptnr2_label_atom_id 
_pdbx_struct_conn_angle.ptnr2_label_alt_id 
_pdbx_struct_conn_angle.ptnr2_label_asym_id 
_pdbx_struct_conn_angle.ptnr2_label_comp_id 
_pdbx_struct_conn_angle.ptnr2_label_seq_id 
_pdbx_struct_conn_angle.ptnr2_auth_atom_id 
_pdbx_struct_conn_angle.ptnr2_auth_asym_id 
_pdbx_struct_conn_angle.ptnr2_auth_comp_id 
_pdbx_struct_conn_angle.ptnr2_auth_seq_id 
_pdbx_struct_conn_angle.ptnr2_PDB_ins_code 
_pdbx_struct_conn_angle.ptnr2_symmetry 
_pdbx_struct_conn_angle.ptnr3_label_atom_id 
_pdbx_struct_conn_angle.ptnr3_label_alt_id 
_pdbx_struct_conn_angle.ptnr3_label_asym_id 
_pdbx_struct_conn_angle.ptnr3_label_comp_id 
_pdbx_struct_conn_angle.ptnr3_label_seq_id 
_pdbx_struct_conn_angle.ptnr3_auth_atom_id 
_pdbx_struct_conn_angle.ptnr3_auth_asym_id 
_pdbx_struct_conn_angle.ptnr3_auth_comp_id 
_pdbx_struct_conn_angle.ptnr3_auth_seq_id 
_pdbx_struct_conn_angle.ptnr3_PDB_ins_code 
_pdbx_struct_conn_angle.ptnr3_symmetry 
_pdbx_struct_conn_angle.value 
_pdbx_struct_conn_angle.value_esd 
1 SG ? A CYS 12 ? A CYS 12 ? 1_555 HG ? F HG . ? A HG 1007 ? 1_555 SG ? A CYS 15 ? A CYS 15 ? 1_555 117.2 ? 
2 SG ? A CYS 12 ? A CYS 12 ? 1_555 HG ? F HG . ? A HG 1007 ? 1_555 SG ? B CYS 12 ? B CYS 12 ? 1_555 106.7 ? 
3 SG ? A CYS 15 ? A CYS 15 ? 1_555 HG ? F HG . ? A HG 1007 ? 1_555 SG ? B CYS 12 ? B CYS 12 ? 1_555 113.5 ? 
4 SG ? A CYS 12 ? A CYS 12 ? 1_555 HG ? F HG . ? A HG 1007 ? 1_555 SG ? B CYS 15 ? B CYS 15 ? 1_555 106.4 ? 
5 SG ? A CYS 15 ? A CYS 15 ? 1_555 HG ? F HG . ? A HG 1007 ? 1_555 SG ? B CYS 15 ? B CYS 15 ? 1_555 105.3 ? 
6 SG ? B CYS 12 ? B CYS 12 ? 1_555 HG ? F HG . ? A HG 1007 ? 1_555 SG ? B CYS 15 ? B CYS 15 ? 1_555 107.0 ? 
# 
loop_
_struct_sheet.id 
_struct_sheet.type 
_struct_sheet.number_strands 
_struct_sheet.details 
A ? 4 ? 
B ? 4 ? 
# 
loop_
_struct_sheet_order.sheet_id 
_struct_sheet_order.range_id_1 
_struct_sheet_order.range_id_2 
_struct_sheet_order.offset 
_struct_sheet_order.sense 
A 1 2 ? anti-parallel 
A 2 3 ? anti-parallel 
A 3 4 ? anti-parallel 
B 1 2 ? anti-parallel 
B 2 3 ? anti-parallel 
B 3 4 ? anti-parallel 
# 
loop_
_struct_sheet_range.sheet_id 
_struct_sheet_range.id 
_struct_sheet_range.beg_label_comp_id 
_struct_sheet_range.beg_label_asym_id 
_struct_sheet_range.beg_label_seq_id 
_struct_sheet_range.pdbx_beg_PDB_ins_code 
_struct_sheet_range.end_label_comp_id 
_struct_sheet_range.end_label_asym_id 
_struct_sheet_range.end_label_seq_id 
_struct_sheet_range.pdbx_end_PDB_ins_code 
_struct_sheet_range.beg_auth_comp_id 
_struct_sheet_range.beg_auth_asym_id 
_struct_sheet_range.beg_auth_seq_id 
_struct_sheet_range.end_auth_comp_id 
_struct_sheet_range.end_auth_asym_id 
_struct_sheet_range.end_auth_seq_id 
A 1 VAL A 29 ? ASP A 34 ? VAL A 29 ASP A 34 
A 2 LYS A 39 ? SER A 44 ? LYS A 39 SER A 44 
A 3 LYS A 3  ? VAL A 8  ? LYS A 3  VAL A 8  
A 4 VAL A 62 ? LEU A 67 ? VAL A 62 LEU A 67 
B 1 VAL B 29 ? ASP B 34 ? VAL B 29 ASP B 34 
B 2 LYS B 39 ? SER B 44 ? LYS B 39 SER B 44 
B 3 LYS B 3  ? VAL B 8  ? LYS B 3  VAL B 8  
B 4 VAL B 62 ? LEU B 67 ? VAL B 62 LEU B 67 
# 
loop_
_pdbx_struct_sheet_hbond.sheet_id 
_pdbx_struct_sheet_hbond.range_id_1 
_pdbx_struct_sheet_hbond.range_id_2 
_pdbx_struct_sheet_hbond.range_1_label_atom_id 
_pdbx_struct_sheet_hbond.range_1_label_comp_id 
_pdbx_struct_sheet_hbond.range_1_label_asym_id 
_pdbx_struct_sheet_hbond.range_1_label_seq_id 
_pdbx_struct_sheet_hbond.range_1_PDB_ins_code 
_pdbx_struct_sheet_hbond.range_1_auth_atom_id 
_pdbx_struct_sheet_hbond.range_1_auth_comp_id 
_pdbx_struct_sheet_hbond.range_1_auth_asym_id 
_pdbx_struct_sheet_hbond.range_1_auth_seq_id 
_pdbx_struct_sheet_hbond.range_2_label_atom_id 
_pdbx_struct_sheet_hbond.range_2_label_comp_id 
_pdbx_struct_sheet_hbond.range_2_label_asym_id 
_pdbx_struct_sheet_hbond.range_2_label_seq_id 
_pdbx_struct_sheet_hbond.range_2_PDB_ins_code 
_pdbx_struct_sheet_hbond.range_2_auth_atom_id 
_pdbx_struct_sheet_hbond.range_2_auth_comp_id 
_pdbx_struct_sheet_hbond.range_2_auth_asym_id 
_pdbx_struct_sheet_hbond.range_2_auth_seq_id 
A 1 2 N ASP A 34 ? N ASP A 34 O LYS A 39 ? O LYS A 39 
A 2 3 O ILE A 42 ? O ILE A 42 N HIS A 4  ? N HIS A 4  
A 3 4 N SER A 7  ? N SER A 7  O SER A 63 ? O SER A 63 
B 1 2 N ASP B 34 ? N ASP B 34 O LYS B 39 ? O LYS B 39 
B 2 3 O ILE B 42 ? O ILE B 42 N HIS B 4  ? N HIS B 4  
B 3 4 N SER B 7  ? N SER B 7  O SER B 63 ? O SER B 63 
# 
_pdbx_validate_close_contact.id               1 
_pdbx_validate_close_contact.PDB_model_num    1 
_pdbx_validate_close_contact.auth_atom_id_1   U 
_pdbx_validate_close_contact.auth_asym_id_1   A 
_pdbx_validate_close_contact.auth_comp_id_1   IUM 
_pdbx_validate_close_contact.auth_seq_id_1    1003 
_pdbx_validate_close_contact.PDB_ins_code_1   ? 
_pdbx_validate_close_contact.label_alt_id_1   ? 
_pdbx_validate_close_contact.auth_atom_id_2   O 
_pdbx_validate_close_contact.auth_asym_id_2   A 
_pdbx_validate_close_contact.auth_comp_id_2   HOH 
_pdbx_validate_close_contact.auth_seq_id_2    1063 
_pdbx_validate_close_contact.PDB_ins_code_2   ? 
_pdbx_validate_close_contact.label_alt_id_2   ? 
_pdbx_validate_close_contact.dist             1.94 
# 
_pdbx_molecule_features.prd_id    PRD_900003 
_pdbx_molecule_features.name      sucrose 
_pdbx_molecule_features.type      Oligosaccharide 
_pdbx_molecule_features.class     Nutrient 
_pdbx_molecule_features.details   'oligosaccharide with reducing-end-to-reducing-end glycosidic bond' 
# 
_pdbx_molecule.instance_id   1 
_pdbx_molecule.prd_id        PRD_900003 
_pdbx_molecule.asym_id       C 
# 
loop_
_chem_comp_atom.comp_id 
_chem_comp_atom.atom_id 
_chem_comp_atom.type_symbol 
_chem_comp_atom.pdbx_aromatic_flag 
_chem_comp_atom.pdbx_stereo_config 
_chem_comp_atom.pdbx_ordinal 
ALA N    N  N N 1   
ALA CA   C  N S 2   
ALA C    C  N N 3   
ALA O    O  N N 4   
ALA CB   C  N N 5   
ALA OXT  O  N N 6   
ALA H    H  N N 7   
ALA H2   H  N N 8   
ALA HA   H  N N 9   
ALA HB1  H  N N 10  
ALA HB2  H  N N 11  
ALA HB3  H  N N 12  
ALA HXT  H  N N 13  
ARG N    N  N N 14  
ARG CA   C  N S 15  
ARG C    C  N N 16  
ARG O    O  N N 17  
ARG CB   C  N N 18  
ARG CG   C  N N 19  
ARG CD   C  N N 20  
ARG NE   N  N N 21  
ARG CZ   C  N N 22  
ARG NH1  N  N N 23  
ARG NH2  N  N N 24  
ARG OXT  O  N N 25  
ARG H    H  N N 26  
ARG H2   H  N N 27  
ARG HA   H  N N 28  
ARG HB2  H  N N 29  
ARG HB3  H  N N 30  
ARG HG2  H  N N 31  
ARG HG3  H  N N 32  
ARG HD2  H  N N 33  
ARG HD3  H  N N 34  
ARG HE   H  N N 35  
ARG HH11 H  N N 36  
ARG HH12 H  N N 37  
ARG HH21 H  N N 38  
ARG HH22 H  N N 39  
ARG HXT  H  N N 40  
ASN N    N  N N 41  
ASN CA   C  N S 42  
ASN C    C  N N 43  
ASN O    O  N N 44  
ASN CB   C  N N 45  
ASN CG   C  N N 46  
ASN OD1  O  N N 47  
ASN ND2  N  N N 48  
ASN OXT  O  N N 49  
ASN H    H  N N 50  
ASN H2   H  N N 51  
ASN HA   H  N N 52  
ASN HB2  H  N N 53  
ASN HB3  H  N N 54  
ASN HD21 H  N N 55  
ASN HD22 H  N N 56  
ASN HXT  H  N N 57  
ASP N    N  N N 58  
ASP CA   C  N S 59  
ASP C    C  N N 60  
ASP O    O  N N 61  
ASP CB   C  N N 62  
ASP CG   C  N N 63  
ASP OD1  O  N N 64  
ASP OD2  O  N N 65  
ASP OXT  O  N N 66  
ASP H    H  N N 67  
ASP H2   H  N N 68  
ASP HA   H  N N 69  
ASP HB2  H  N N 70  
ASP HB3  H  N N 71  
ASP HD2  H  N N 72  
ASP HXT  H  N N 73  
CYS N    N  N N 74  
CYS CA   C  N R 75  
CYS C    C  N N 76  
CYS O    O  N N 77  
CYS CB   C  N N 78  
CYS SG   S  N N 79  
CYS OXT  O  N N 80  
CYS H    H  N N 81  
CYS H2   H  N N 82  
CYS HA   H  N N 83  
CYS HB2  H  N N 84  
CYS HB3  H  N N 85  
CYS HG   H  N N 86  
CYS HXT  H  N N 87  
FRU C1   C  N N 88  
FRU C2   C  N R 89  
FRU C3   C  N S 90  
FRU C4   C  N S 91  
FRU C5   C  N R 92  
FRU C6   C  N N 93  
FRU O1   O  N N 94  
FRU O2   O  N N 95  
FRU O3   O  N N 96  
FRU O4   O  N N 97  
FRU O5   O  N N 98  
FRU O6   O  N N 99  
FRU H11  H  N N 100 
FRU H12  H  N N 101 
FRU H3   H  N N 102 
FRU H4   H  N N 103 
FRU H5   H  N N 104 
FRU H61  H  N N 105 
FRU H62  H  N N 106 
FRU HO1  H  N N 107 
FRU HO2  H  N N 108 
FRU HO3  H  N N 109 
FRU HO4  H  N N 110 
FRU HO6  H  N N 111 
GLC C1   C  N S 112 
GLC C2   C  N R 113 
GLC C3   C  N S 114 
GLC C4   C  N S 115 
GLC C5   C  N R 116 
GLC C6   C  N N 117 
GLC O1   O  N N 118 
GLC O2   O  N N 119 
GLC O3   O  N N 120 
GLC O4   O  N N 121 
GLC O5   O  N N 122 
GLC O6   O  N N 123 
GLC H1   H  N N 124 
GLC H2   H  N N 125 
GLC H3   H  N N 126 
GLC H4   H  N N 127 
GLC H5   H  N N 128 
GLC H61  H  N N 129 
GLC H62  H  N N 130 
GLC HO1  H  N N 131 
GLC HO2  H  N N 132 
GLC HO3  H  N N 133 
GLC HO4  H  N N 134 
GLC HO6  H  N N 135 
GLU N    N  N N 136 
GLU CA   C  N S 137 
GLU C    C  N N 138 
GLU O    O  N N 139 
GLU CB   C  N N 140 
GLU CG   C  N N 141 
GLU CD   C  N N 142 
GLU OE1  O  N N 143 
GLU OE2  O  N N 144 
GLU OXT  O  N N 145 
GLU H    H  N N 146 
GLU H2   H  N N 147 
GLU HA   H  N N 148 
GLU HB2  H  N N 149 
GLU HB3  H  N N 150 
GLU HG2  H  N N 151 
GLU HG3  H  N N 152 
GLU HE2  H  N N 153 
GLU HXT  H  N N 154 
GLY N    N  N N 155 
GLY CA   C  N N 156 
GLY C    C  N N 157 
GLY O    O  N N 158 
GLY OXT  O  N N 159 
GLY H    H  N N 160 
GLY H2   H  N N 161 
GLY HA2  H  N N 162 
GLY HA3  H  N N 163 
GLY HXT  H  N N 164 
HG  HG   HG N N 165 
HIS N    N  N N 166 
HIS CA   C  N S 167 
HIS C    C  N N 168 
HIS O    O  N N 169 
HIS CB   C  N N 170 
HIS CG   C  Y N 171 
HIS ND1  N  Y N 172 
HIS CD2  C  Y N 173 
HIS CE1  C  Y N 174 
HIS NE2  N  Y N 175 
HIS OXT  O  N N 176 
HIS H    H  N N 177 
HIS H2   H  N N 178 
HIS HA   H  N N 179 
HIS HB2  H  N N 180 
HIS HB3  H  N N 181 
HIS HD1  H  N N 182 
HIS HD2  H  N N 183 
HIS HE1  H  N N 184 
HIS HE2  H  N N 185 
HIS HXT  H  N N 186 
HOH O    O  N N 187 
HOH H1   H  N N 188 
HOH H2   H  N N 189 
ILE N    N  N N 190 
ILE CA   C  N S 191 
ILE C    C  N N 192 
ILE O    O  N N 193 
ILE CB   C  N S 194 
ILE CG1  C  N N 195 
ILE CG2  C  N N 196 
ILE CD1  C  N N 197 
ILE OXT  O  N N 198 
ILE H    H  N N 199 
ILE H2   H  N N 200 
ILE HA   H  N N 201 
ILE HB   H  N N 202 
ILE HG12 H  N N 203 
ILE HG13 H  N N 204 
ILE HG21 H  N N 205 
ILE HG22 H  N N 206 
ILE HG23 H  N N 207 
ILE HD11 H  N N 208 
ILE HD12 H  N N 209 
ILE HD13 H  N N 210 
ILE HXT  H  N N 211 
IUM U    U  N N 212 
IUM O1   O  N N 213 
IUM O2   O  N N 214 
LEU N    N  N N 215 
LEU CA   C  N S 216 
LEU C    C  N N 217 
LEU O    O  N N 218 
LEU CB   C  N N 219 
LEU CG   C  N N 220 
LEU CD1  C  N N 221 
LEU CD2  C  N N 222 
LEU OXT  O  N N 223 
LEU H    H  N N 224 
LEU H2   H  N N 225 
LEU HA   H  N N 226 
LEU HB2  H  N N 227 
LEU HB3  H  N N 228 
LEU HG   H  N N 229 
LEU HD11 H  N N 230 
LEU HD12 H  N N 231 
LEU HD13 H  N N 232 
LEU HD21 H  N N 233 
LEU HD22 H  N N 234 
LEU HD23 H  N N 235 
LEU HXT  H  N N 236 
LYS N    N  N N 237 
LYS CA   C  N S 238 
LYS C    C  N N 239 
LYS O    O  N N 240 
LYS CB   C  N N 241 
LYS CG   C  N N 242 
LYS CD   C  N N 243 
LYS CE   C  N N 244 
LYS NZ   N  N N 245 
LYS OXT  O  N N 246 
LYS H    H  N N 247 
LYS H2   H  N N 248 
LYS HA   H  N N 249 
LYS HB2  H  N N 250 
LYS HB3  H  N N 251 
LYS HG2  H  N N 252 
LYS HG3  H  N N 253 
LYS HD2  H  N N 254 
LYS HD3  H  N N 255 
LYS HE2  H  N N 256 
LYS HE3  H  N N 257 
LYS HZ1  H  N N 258 
LYS HZ2  H  N N 259 
LYS HZ3  H  N N 260 
LYS HXT  H  N N 261 
MET N    N  N N 262 
MET CA   C  N S 263 
MET C    C  N N 264 
MET O    O  N N 265 
MET CB   C  N N 266 
MET CG   C  N N 267 
MET SD   S  N N 268 
MET CE   C  N N 269 
MET OXT  O  N N 270 
MET H    H  N N 271 
MET H2   H  N N 272 
MET HA   H  N N 273 
MET HB2  H  N N 274 
MET HB3  H  N N 275 
MET HG2  H  N N 276 
MET HG3  H  N N 277 
MET HE1  H  N N 278 
MET HE2  H  N N 279 
MET HE3  H  N N 280 
MET HXT  H  N N 281 
PHE N    N  N N 282 
PHE CA   C  N S 283 
PHE C    C  N N 284 
PHE O    O  N N 285 
PHE CB   C  N N 286 
PHE CG   C  Y N 287 
PHE CD1  C  Y N 288 
PHE CD2  C  Y N 289 
PHE CE1  C  Y N 290 
PHE CE2  C  Y N 291 
PHE CZ   C  Y N 292 
PHE OXT  O  N N 293 
PHE H    H  N N 294 
PHE H2   H  N N 295 
PHE HA   H  N N 296 
PHE HB2  H  N N 297 
PHE HB3  H  N N 298 
PHE HD1  H  N N 299 
PHE HD2  H  N N 300 
PHE HE1  H  N N 301 
PHE HE2  H  N N 302 
PHE HZ   H  N N 303 
PHE HXT  H  N N 304 
PRO N    N  N N 305 
PRO CA   C  N S 306 
PRO C    C  N N 307 
PRO O    O  N N 308 
PRO CB   C  N N 309 
PRO CG   C  N N 310 
PRO CD   C  N N 311 
PRO OXT  O  N N 312 
PRO H    H  N N 313 
PRO HA   H  N N 314 
PRO HB2  H  N N 315 
PRO HB3  H  N N 316 
PRO HG2  H  N N 317 
PRO HG3  H  N N 318 
PRO HD2  H  N N 319 
PRO HD3  H  N N 320 
PRO HXT  H  N N 321 
SER N    N  N N 322 
SER CA   C  N S 323 
SER C    C  N N 324 
SER O    O  N N 325 
SER CB   C  N N 326 
SER OG   O  N N 327 
SER OXT  O  N N 328 
SER H    H  N N 329 
SER H2   H  N N 330 
SER HA   H  N N 331 
SER HB2  H  N N 332 
SER HB3  H  N N 333 
SER HG   H  N N 334 
SER HXT  H  N N 335 
SO4 S    S  N N 336 
SO4 O1   O  N N 337 
SO4 O2   O  N N 338 
SO4 O3   O  N N 339 
SO4 O4   O  N N 340 
THR N    N  N N 341 
THR CA   C  N S 342 
THR C    C  N N 343 
THR O    O  N N 344 
THR CB   C  N R 345 
THR OG1  O  N N 346 
THR CG2  C  N N 347 
THR OXT  O  N N 348 
THR H    H  N N 349 
THR H2   H  N N 350 
THR HA   H  N N 351 
THR HB   H  N N 352 
THR HG1  H  N N 353 
THR HG21 H  N N 354 
THR HG22 H  N N 355 
THR HG23 H  N N 356 
THR HXT  H  N N 357 
TYR N    N  N N 358 
TYR CA   C  N S 359 
TYR C    C  N N 360 
TYR O    O  N N 361 
TYR CB   C  N N 362 
TYR CG   C  Y N 363 
TYR CD1  C  Y N 364 
TYR CD2  C  Y N 365 
TYR CE1  C  Y N 366 
TYR CE2  C  Y N 367 
TYR CZ   C  Y N 368 
TYR OH   O  N N 369 
TYR OXT  O  N N 370 
TYR H    H  N N 371 
TYR H2   H  N N 372 
TYR HA   H  N N 373 
TYR HB2  H  N N 374 
TYR HB3  H  N N 375 
TYR HD1  H  N N 376 
TYR HD2  H  N N 377 
TYR HE1  H  N N 378 
TYR HE2  H  N N 379 
TYR HH   H  N N 380 
TYR HXT  H  N N 381 
VAL N    N  N N 382 
VAL CA   C  N S 383 
VAL C    C  N N 384 
VAL O    O  N N 385 
VAL CB   C  N N 386 
VAL CG1  C  N N 387 
VAL CG2  C  N N 388 
VAL OXT  O  N N 389 
VAL H    H  N N 390 
VAL H2   H  N N 391 
VAL HA   H  N N 392 
VAL HB   H  N N 393 
VAL HG11 H  N N 394 
VAL HG12 H  N N 395 
VAL HG13 H  N N 396 
VAL HG21 H  N N 397 
VAL HG22 H  N N 398 
VAL HG23 H  N N 399 
VAL HXT  H  N N 400 
# 
loop_
_chem_comp_bond.comp_id 
_chem_comp_bond.atom_id_1 
_chem_comp_bond.atom_id_2 
_chem_comp_bond.value_order 
_chem_comp_bond.pdbx_aromatic_flag 
_chem_comp_bond.pdbx_stereo_config 
_chem_comp_bond.pdbx_ordinal 
ALA N   CA   sing N N 1   
ALA N   H    sing N N 2   
ALA N   H2   sing N N 3   
ALA CA  C    sing N N 4   
ALA CA  CB   sing N N 5   
ALA CA  HA   sing N N 6   
ALA C   O    doub N N 7   
ALA C   OXT  sing N N 8   
ALA CB  HB1  sing N N 9   
ALA CB  HB2  sing N N 10  
ALA CB  HB3  sing N N 11  
ALA OXT HXT  sing N N 12  
ARG N   CA   sing N N 13  
ARG N   H    sing N N 14  
ARG N   H2   sing N N 15  
ARG CA  C    sing N N 16  
ARG CA  CB   sing N N 17  
ARG CA  HA   sing N N 18  
ARG C   O    doub N N 19  
ARG C   OXT  sing N N 20  
ARG CB  CG   sing N N 21  
ARG CB  HB2  sing N N 22  
ARG CB  HB3  sing N N 23  
ARG CG  CD   sing N N 24  
ARG CG  HG2  sing N N 25  
ARG CG  HG3  sing N N 26  
ARG CD  NE   sing N N 27  
ARG CD  HD2  sing N N 28  
ARG CD  HD3  sing N N 29  
ARG NE  CZ   sing N N 30  
ARG NE  HE   sing N N 31  
ARG CZ  NH1  sing N N 32  
ARG CZ  NH2  doub N N 33  
ARG NH1 HH11 sing N N 34  
ARG NH1 HH12 sing N N 35  
ARG NH2 HH21 sing N N 36  
ARG NH2 HH22 sing N N 37  
ARG OXT HXT  sing N N 38  
ASN N   CA   sing N N 39  
ASN N   H    sing N N 40  
ASN N   H2   sing N N 41  
ASN CA  C    sing N N 42  
ASN CA  CB   sing N N 43  
ASN CA  HA   sing N N 44  
ASN C   O    doub N N 45  
ASN C   OXT  sing N N 46  
ASN CB  CG   sing N N 47  
ASN CB  HB2  sing N N 48  
ASN CB  HB3  sing N N 49  
ASN CG  OD1  doub N N 50  
ASN CG  ND2  sing N N 51  
ASN ND2 HD21 sing N N 52  
ASN ND2 HD22 sing N N 53  
ASN OXT HXT  sing N N 54  
ASP N   CA   sing N N 55  
ASP N   H    sing N N 56  
ASP N   H2   sing N N 57  
ASP CA  C    sing N N 58  
ASP CA  CB   sing N N 59  
ASP CA  HA   sing N N 60  
ASP C   O    doub N N 61  
ASP C   OXT  sing N N 62  
ASP CB  CG   sing N N 63  
ASP CB  HB2  sing N N 64  
ASP CB  HB3  sing N N 65  
ASP CG  OD1  doub N N 66  
ASP CG  OD2  sing N N 67  
ASP OD2 HD2  sing N N 68  
ASP OXT HXT  sing N N 69  
CYS N   CA   sing N N 70  
CYS N   H    sing N N 71  
CYS N   H2   sing N N 72  
CYS CA  C    sing N N 73  
CYS CA  CB   sing N N 74  
CYS CA  HA   sing N N 75  
CYS C   O    doub N N 76  
CYS C   OXT  sing N N 77  
CYS CB  SG   sing N N 78  
CYS CB  HB2  sing N N 79  
CYS CB  HB3  sing N N 80  
CYS SG  HG   sing N N 81  
CYS OXT HXT  sing N N 82  
FRU C1  C2   sing N N 83  
FRU C1  O1   sing N N 84  
FRU C1  H11  sing N N 85  
FRU C1  H12  sing N N 86  
FRU C2  C3   sing N N 87  
FRU C2  O2   sing N N 88  
FRU C2  O5   sing N N 89  
FRU C3  C4   sing N N 90  
FRU C3  O3   sing N N 91  
FRU C3  H3   sing N N 92  
FRU C4  C5   sing N N 93  
FRU C4  O4   sing N N 94  
FRU C4  H4   sing N N 95  
FRU C5  C6   sing N N 96  
FRU C5  O5   sing N N 97  
FRU C5  H5   sing N N 98  
FRU C6  O6   sing N N 99  
FRU C6  H61  sing N N 100 
FRU C6  H62  sing N N 101 
FRU O1  HO1  sing N N 102 
FRU O2  HO2  sing N N 103 
FRU O3  HO3  sing N N 104 
FRU O4  HO4  sing N N 105 
FRU O6  HO6  sing N N 106 
GLC C1  C2   sing N N 107 
GLC C1  O1   sing N N 108 
GLC C1  O5   sing N N 109 
GLC C1  H1   sing N N 110 
GLC C2  C3   sing N N 111 
GLC C2  O2   sing N N 112 
GLC C2  H2   sing N N 113 
GLC C3  C4   sing N N 114 
GLC C3  O3   sing N N 115 
GLC C3  H3   sing N N 116 
GLC C4  C5   sing N N 117 
GLC C4  O4   sing N N 118 
GLC C4  H4   sing N N 119 
GLC C5  C6   sing N N 120 
GLC C5  O5   sing N N 121 
GLC C5  H5   sing N N 122 
GLC C6  O6   sing N N 123 
GLC C6  H61  sing N N 124 
GLC C6  H62  sing N N 125 
GLC O1  HO1  sing N N 126 
GLC O2  HO2  sing N N 127 
GLC O3  HO3  sing N N 128 
GLC O4  HO4  sing N N 129 
GLC O6  HO6  sing N N 130 
GLU N   CA   sing N N 131 
GLU N   H    sing N N 132 
GLU N   H2   sing N N 133 
GLU CA  C    sing N N 134 
GLU CA  CB   sing N N 135 
GLU CA  HA   sing N N 136 
GLU C   O    doub N N 137 
GLU C   OXT  sing N N 138 
GLU CB  CG   sing N N 139 
GLU CB  HB2  sing N N 140 
GLU CB  HB3  sing N N 141 
GLU CG  CD   sing N N 142 
GLU CG  HG2  sing N N 143 
GLU CG  HG3  sing N N 144 
GLU CD  OE1  doub N N 145 
GLU CD  OE2  sing N N 146 
GLU OE2 HE2  sing N N 147 
GLU OXT HXT  sing N N 148 
GLY N   CA   sing N N 149 
GLY N   H    sing N N 150 
GLY N   H2   sing N N 151 
GLY CA  C    sing N N 152 
GLY CA  HA2  sing N N 153 
GLY CA  HA3  sing N N 154 
GLY C   O    doub N N 155 
GLY C   OXT  sing N N 156 
GLY OXT HXT  sing N N 157 
HIS N   CA   sing N N 158 
HIS N   H    sing N N 159 
HIS N   H2   sing N N 160 
HIS CA  C    sing N N 161 
HIS CA  CB   sing N N 162 
HIS CA  HA   sing N N 163 
HIS C   O    doub N N 164 
HIS C   OXT  sing N N 165 
HIS CB  CG   sing N N 166 
HIS CB  HB2  sing N N 167 
HIS CB  HB3  sing N N 168 
HIS CG  ND1  sing Y N 169 
HIS CG  CD2  doub Y N 170 
HIS ND1 CE1  doub Y N 171 
HIS ND1 HD1  sing N N 172 
HIS CD2 NE2  sing Y N 173 
HIS CD2 HD2  sing N N 174 
HIS CE1 NE2  sing Y N 175 
HIS CE1 HE1  sing N N 176 
HIS NE2 HE2  sing N N 177 
HIS OXT HXT  sing N N 178 
HOH O   H1   sing N N 179 
HOH O   H2   sing N N 180 
ILE N   CA   sing N N 181 
ILE N   H    sing N N 182 
ILE N   H2   sing N N 183 
ILE CA  C    sing N N 184 
ILE CA  CB   sing N N 185 
ILE CA  HA   sing N N 186 
ILE C   O    doub N N 187 
ILE C   OXT  sing N N 188 
ILE CB  CG1  sing N N 189 
ILE CB  CG2  sing N N 190 
ILE CB  HB   sing N N 191 
ILE CG1 CD1  sing N N 192 
ILE CG1 HG12 sing N N 193 
ILE CG1 HG13 sing N N 194 
ILE CG2 HG21 sing N N 195 
ILE CG2 HG22 sing N N 196 
ILE CG2 HG23 sing N N 197 
ILE CD1 HD11 sing N N 198 
ILE CD1 HD12 sing N N 199 
ILE CD1 HD13 sing N N 200 
ILE OXT HXT  sing N N 201 
IUM U   O1   sing N N 202 
IUM U   O2   sing N N 203 
LEU N   CA   sing N N 204 
LEU N   H    sing N N 205 
LEU N   H2   sing N N 206 
LEU CA  C    sing N N 207 
LEU CA  CB   sing N N 208 
LEU CA  HA   sing N N 209 
LEU C   O    doub N N 210 
LEU C   OXT  sing N N 211 
LEU CB  CG   sing N N 212 
LEU CB  HB2  sing N N 213 
LEU CB  HB3  sing N N 214 
LEU CG  CD1  sing N N 215 
LEU CG  CD2  sing N N 216 
LEU CG  HG   sing N N 217 
LEU CD1 HD11 sing N N 218 
LEU CD1 HD12 sing N N 219 
LEU CD1 HD13 sing N N 220 
LEU CD2 HD21 sing N N 221 
LEU CD2 HD22 sing N N 222 
LEU CD2 HD23 sing N N 223 
LEU OXT HXT  sing N N 224 
LYS N   CA   sing N N 225 
LYS N   H    sing N N 226 
LYS N   H2   sing N N 227 
LYS CA  C    sing N N 228 
LYS CA  CB   sing N N 229 
LYS CA  HA   sing N N 230 
LYS C   O    doub N N 231 
LYS C   OXT  sing N N 232 
LYS CB  CG   sing N N 233 
LYS CB  HB2  sing N N 234 
LYS CB  HB3  sing N N 235 
LYS CG  CD   sing N N 236 
LYS CG  HG2  sing N N 237 
LYS CG  HG3  sing N N 238 
LYS CD  CE   sing N N 239 
LYS CD  HD2  sing N N 240 
LYS CD  HD3  sing N N 241 
LYS CE  NZ   sing N N 242 
LYS CE  HE2  sing N N 243 
LYS CE  HE3  sing N N 244 
LYS NZ  HZ1  sing N N 245 
LYS NZ  HZ2  sing N N 246 
LYS NZ  HZ3  sing N N 247 
LYS OXT HXT  sing N N 248 
MET N   CA   sing N N 249 
MET N   H    sing N N 250 
MET N   H2   sing N N 251 
MET CA  C    sing N N 252 
MET CA  CB   sing N N 253 
MET CA  HA   sing N N 254 
MET C   O    doub N N 255 
MET C   OXT  sing N N 256 
MET CB  CG   sing N N 257 
MET CB  HB2  sing N N 258 
MET CB  HB3  sing N N 259 
MET CG  SD   sing N N 260 
MET CG  HG2  sing N N 261 
MET CG  HG3  sing N N 262 
MET SD  CE   sing N N 263 
MET CE  HE1  sing N N 264 
MET CE  HE2  sing N N 265 
MET CE  HE3  sing N N 266 
MET OXT HXT  sing N N 267 
PHE N   CA   sing N N 268 
PHE N   H    sing N N 269 
PHE N   H2   sing N N 270 
PHE CA  C    sing N N 271 
PHE CA  CB   sing N N 272 
PHE CA  HA   sing N N 273 
PHE C   O    doub N N 274 
PHE C   OXT  sing N N 275 
PHE CB  CG   sing N N 276 
PHE CB  HB2  sing N N 277 
PHE CB  HB3  sing N N 278 
PHE CG  CD1  doub Y N 279 
PHE CG  CD2  sing Y N 280 
PHE CD1 CE1  sing Y N 281 
PHE CD1 HD1  sing N N 282 
PHE CD2 CE2  doub Y N 283 
PHE CD2 HD2  sing N N 284 
PHE CE1 CZ   doub Y N 285 
PHE CE1 HE1  sing N N 286 
PHE CE2 CZ   sing Y N 287 
PHE CE2 HE2  sing N N 288 
PHE CZ  HZ   sing N N 289 
PHE OXT HXT  sing N N 290 
PRO N   CA   sing N N 291 
PRO N   CD   sing N N 292 
PRO N   H    sing N N 293 
PRO CA  C    sing N N 294 
PRO CA  CB   sing N N 295 
PRO CA  HA   sing N N 296 
PRO C   O    doub N N 297 
PRO C   OXT  sing N N 298 
PRO CB  CG   sing N N 299 
PRO CB  HB2  sing N N 300 
PRO CB  HB3  sing N N 301 
PRO CG  CD   sing N N 302 
PRO CG  HG2  sing N N 303 
PRO CG  HG3  sing N N 304 
PRO CD  HD2  sing N N 305 
PRO CD  HD3  sing N N 306 
PRO OXT HXT  sing N N 307 
SER N   CA   sing N N 308 
SER N   H    sing N N 309 
SER N   H2   sing N N 310 
SER CA  C    sing N N 311 
SER CA  CB   sing N N 312 
SER CA  HA   sing N N 313 
SER C   O    doub N N 314 
SER C   OXT  sing N N 315 
SER CB  OG   sing N N 316 
SER CB  HB2  sing N N 317 
SER CB  HB3  sing N N 318 
SER OG  HG   sing N N 319 
SER OXT HXT  sing N N 320 
SO4 S   O1   doub N N 321 
SO4 S   O2   doub N N 322 
SO4 S   O3   sing N N 323 
SO4 S   O4   sing N N 324 
THR N   CA   sing N N 325 
THR N   H    sing N N 326 
THR N   H2   sing N N 327 
THR CA  C    sing N N 328 
THR CA  CB   sing N N 329 
THR CA  HA   sing N N 330 
THR C   O    doub N N 331 
THR C   OXT  sing N N 332 
THR CB  OG1  sing N N 333 
THR CB  CG2  sing N N 334 
THR CB  HB   sing N N 335 
THR OG1 HG1  sing N N 336 
THR CG2 HG21 sing N N 337 
THR CG2 HG22 sing N N 338 
THR CG2 HG23 sing N N 339 
THR OXT HXT  sing N N 340 
TYR N   CA   sing N N 341 
TYR N   H    sing N N 342 
TYR N   H2   sing N N 343 
TYR CA  C    sing N N 344 
TYR CA  CB   sing N N 345 
TYR CA  HA   sing N N 346 
TYR C   O    doub N N 347 
TYR C   OXT  sing N N 348 
TYR CB  CG   sing N N 349 
TYR CB  HB2  sing N N 350 
TYR CB  HB3  sing N N 351 
TYR CG  CD1  doub Y N 352 
TYR CG  CD2  sing Y N 353 
TYR CD1 CE1  sing Y N 354 
TYR CD1 HD1  sing N N 355 
TYR CD2 CE2  doub Y N 356 
TYR CD2 HD2  sing N N 357 
TYR CE1 CZ   doub Y N 358 
TYR CE1 HE1  sing N N 359 
TYR CE2 CZ   sing Y N 360 
TYR CE2 HE2  sing N N 361 
TYR CZ  OH   sing N N 362 
TYR OH  HH   sing N N 363 
TYR OXT HXT  sing N N 364 
VAL N   CA   sing N N 365 
VAL N   H    sing N N 366 
VAL N   H2   sing N N 367 
VAL CA  C    sing N N 368 
VAL CA  CB   sing N N 369 
VAL CA  HA   sing N N 370 
VAL C   O    doub N N 371 
VAL C   OXT  sing N N 372 
VAL CB  CG1  sing N N 373 
VAL CB  CG2  sing N N 374 
VAL CB  HB   sing N N 375 
VAL CG1 HG11 sing N N 376 
VAL CG1 HG12 sing N N 377 
VAL CG1 HG13 sing N N 378 
VAL CG2 HG21 sing N N 379 
VAL CG2 HG22 sing N N 380 
VAL CG2 HG23 sing N N 381 
VAL OXT HXT  sing N N 382 
# 
loop_
_pdbx_entity_branch_list.entity_id 
_pdbx_entity_branch_list.comp_id 
_pdbx_entity_branch_list.num 
_pdbx_entity_branch_list.hetero 
2 GLC 1 n 
2 FRU 2 n 
# 
_atom_sites.entry_id                    1FE4 
_atom_sites.fract_transf_matrix[1][1]   -0.01284185 
_atom_sites.fract_transf_matrix[1][2]   -0.00219539 
_atom_sites.fract_transf_matrix[1][3]   -0.00623379 
_atom_sites.fract_transf_matrix[2][1]   -0.00538812 
_atom_sites.fract_transf_matrix[2][2]   -0.01336853 
_atom_sites.fract_transf_matrix[2][3]   -0.00092245 
_atom_sites.fract_transf_matrix[3][1]   -0.00809365 
_atom_sites.fract_transf_matrix[3][2]   0.00216421 
_atom_sites.fract_transf_matrix[3][3]   0.01591104 
_atom_sites.fract_transf_vector[1]      0.456568 
_atom_sites.fract_transf_vector[2]      0.319636 
_atom_sites.fract_transf_vector[3]      0.721206 
# 
loop_
_atom_type.symbol 
C  
HG 
N  
O  
S  
U  
# 
loop_
_atom_site.group_PDB 
_atom_site.id 
_atom_site.type_symbol 
_atom_site.label_atom_id 
_atom_site.label_alt_id 
_atom_site.label_comp_id 
_atom_site.label_asym_id 
_atom_site.label_entity_id 
_atom_site.label_seq_id 
_atom_site.pdbx_PDB_ins_code 
_atom_site.Cartn_x 
_atom_site.Cartn_y 
_atom_site.Cartn_z 
_atom_site.occupancy 
_atom_site.B_iso_or_equiv 
_atom_site.pdbx_formal_charge 
_atom_site.auth_seq_id 
_atom_site.auth_comp_id 
_atom_site.auth_asym_id 
_atom_site.auth_atom_id 
_atom_site.pdbx_PDB_model_num 
ATOM   1    N  N   . MET A 1 1  ? 16.260  -5.635  18.129  1.00 59.77 ? 1    MET A N   1 
ATOM   2    C  CA  . MET A 1 1  ? 17.479  -4.778  18.104  1.00 59.70 ? 1    MET A CA  1 
ATOM   3    C  C   . MET A 1 1  ? 18.125  -4.704  16.720  1.00 59.48 ? 1    MET A C   1 
ATOM   4    O  O   . MET A 1 1  ? 18.731  -3.692  16.372  1.00 59.51 ? 1    MET A O   1 
ATOM   5    C  CB  . MET A 1 1  ? 18.498  -5.283  19.127  1.00 90.59 ? 1    MET A CB  1 
ATOM   6    C  CG  . MET A 1 1  ? 19.716  -4.388  19.264  1.00 90.99 ? 1    MET A CG  1 
ATOM   7    S  SD  . MET A 1 1  ? 20.758  -4.848  20.657  1.00 91.79 ? 1    MET A SD  1 
ATOM   8    C  CE  . MET A 1 1  ? 20.083  -3.792  21.944  1.00 91.56 ? 1    MET A CE  1 
ATOM   9    N  N   . PRO A 1 2  ? 18.021  -5.777  15.917  1.00 32.80 ? 2    PRO A N   1 
ATOM   10   C  CA  . PRO A 1 2  ? 18.626  -5.732  14.579  1.00 32.45 ? 2    PRO A CA  1 
ATOM   11   C  C   . PRO A 1 2  ? 18.065  -4.558  13.774  1.00 32.10 ? 2    PRO A C   1 
ATOM   12   O  O   . PRO A 1 2  ? 16.870  -4.272  13.847  1.00 32.09 ? 2    PRO A O   1 
ATOM   13   C  CB  . PRO A 1 2  ? 18.228  -7.078  13.979  1.00 34.90 ? 2    PRO A CB  1 
ATOM   14   C  CG  . PRO A 1 2  ? 18.196  -7.975  15.175  1.00 35.02 ? 2    PRO A CG  1 
ATOM   15   C  CD  . PRO A 1 2  ? 17.488  -7.122  16.202  1.00 35.10 ? 2    PRO A CD  1 
ATOM   16   N  N   . LYS A 1 3  ? 18.923  -3.882  13.014  1.00 28.32 ? 3    LYS A N   1 
ATOM   17   C  CA  . LYS A 1 3  ? 18.493  -2.744  12.203  1.00 27.90 ? 3    LYS A CA  1 
ATOM   18   C  C   . LYS A 1 3  ? 18.527  -3.075  10.712  1.00 27.51 ? 3    LYS A C   1 
ATOM   19   O  O   . LYS A 1 3  ? 19.603  -3.237  10.132  1.00 27.46 ? 3    LYS A O   1 
ATOM   20   C  CB  . LYS A 1 3  ? 19.391  -1.532  12.471  1.00 55.68 ? 3    LYS A CB  1 
ATOM   21   C  CG  . LYS A 1 3  ? 19.080  -0.335  11.585  1.00 55.96 ? 3    LYS A CG  1 
ATOM   22   C  CD  . LYS A 1 3  ? 20.130  0.758   11.719  1.00 56.21 ? 3    LYS A CD  1 
ATOM   23   C  CE  . LYS A 1 3  ? 19.890  1.874   10.708  1.00 56.32 ? 3    LYS A CE  1 
ATOM   24   N  NZ  . LYS A 1 3  ? 20.955  2.919   10.746  1.00 56.61 ? 3    LYS A NZ  1 
ATOM   25   N  N   . HIS A 1 4  ? 17.349  -3.164  10.097  1.00 24.79 ? 4    HIS A N   1 
ATOM   26   C  CA  . HIS A 1 4  ? 17.238  -3.477  8.675   1.00 24.29 ? 4    HIS A CA  1 
ATOM   27   C  C   . HIS A 1 4  ? 17.103  -2.200  7.852   1.00 23.85 ? 4    HIS A C   1 
ATOM   28   O  O   . HIS A 1 4  ? 16.464  -1.245  8.287   1.00 23.75 ? 4    HIS A O   1 
ATOM   29   C  CB  . HIS A 1 4  ? 16.016  -4.364  8.411   1.00 27.37 ? 4    HIS A CB  1 
ATOM   30   C  CG  . HIS A 1 4  ? 16.065  -5.691  9.103   1.00 27.49 ? 4    HIS A CG  1 
ATOM   31   N  ND1 . HIS A 1 4  ? 15.758  -5.850  10.439  1.00 27.67 ? 4    HIS A ND1 1 
ATOM   32   C  CD2 . HIS A 1 4  ? 16.395  -6.921  8.645   1.00 27.64 ? 4    HIS A CD2 1 
ATOM   33   C  CE1 . HIS A 1 4  ? 15.897  -7.122  10.770  1.00 27.74 ? 4    HIS A CE1 1 
ATOM   34   N  NE2 . HIS A 1 4  ? 16.282  -7.791  9.700   1.00 27.67 ? 4    HIS A NE2 1 
ATOM   35   N  N   . GLU A 1 5  ? 17.693  -2.198  6.658   1.00 24.06 ? 5    GLU A N   1 
ATOM   36   C  CA  . GLU A 1 5  ? 17.646  -1.040  5.769   1.00 23.61 ? 5    GLU A CA  1 
ATOM   37   C  C   . GLU A 1 5  ? 17.003  -1.401  4.421   1.00 23.17 ? 5    GLU A C   1 
ATOM   38   O  O   . GLU A 1 5  ? 17.419  -2.357  3.755   1.00 23.13 ? 5    GLU A O   1 
ATOM   39   C  CB  . GLU A 1 5  ? 19.068  -0.504  5.573   1.00 38.26 ? 5    GLU A CB  1 
ATOM   40   C  CG  . GLU A 1 5  ? 19.810  -0.332  6.901   1.00 38.68 ? 5    GLU A CG  1 
ATOM   41   C  CD  . GLU A 1 5  ? 21.280  0.019   6.744   1.00 38.91 ? 5    GLU A CD  1 
ATOM   42   O  OE1 . GLU A 1 5  ? 21.979  -0.642  5.947   1.00 39.08 ? 5    GLU A OE1 1 
ATOM   43   O  OE2 . GLU A 1 5  ? 21.744  0.949   7.437   1.00 39.14 ? 5    GLU A OE2 1 
ATOM   44   N  N   . PHE A 1 6  ? 15.985  -0.632  4.028   1.00 23.22 ? 6    PHE A N   1 
ATOM   45   C  CA  . PHE A 1 6  ? 15.262  -0.869  2.777   1.00 22.73 ? 6    PHE A CA  1 
ATOM   46   C  C   . PHE A 1 6  ? 15.183  0.351   1.863   1.00 22.39 ? 6    PHE A C   1 
ATOM   47   O  O   . PHE A 1 6  ? 15.308  1.494   2.303   1.00 22.35 ? 6    PHE A O   1 
ATOM   48   C  CB  . PHE A 1 6  ? 13.803  -1.275  3.035   1.00 27.13 ? 6    PHE A CB  1 
ATOM   49   C  CG  . PHE A 1 6  ? 13.630  -2.490  3.895   1.00 26.98 ? 6    PHE A CG  1 
ATOM   50   C  CD1 . PHE A 1 6  ? 13.694  -2.396  5.281   1.00 26.90 ? 6    PHE A CD1 1 
ATOM   51   C  CD2 . PHE A 1 6  ? 13.353  -3.725  3.316   1.00 26.92 ? 6    PHE A CD2 1 
ATOM   52   C  CE1 . PHE A 1 6  ? 13.480  -3.517  6.083   1.00 26.88 ? 6    PHE A CE1 1 
ATOM   53   C  CE2 . PHE A 1 6  ? 13.139  -4.852  4.108   1.00 26.95 ? 6    PHE A CE2 1 
ATOM   54   C  CZ  . PHE A 1 6  ? 13.202  -4.746  5.494   1.00 26.78 ? 6    PHE A CZ  1 
ATOM   55   N  N   . SER A 1 7  ? 14.945  0.076   0.584   1.00 20.85 ? 7    SER A N   1 
ATOM   56   C  CA  . SER A 1 7  ? 14.746  1.105   -0.428  1.00 20.43 ? 7    SER A CA  1 
ATOM   57   C  C   . SER A 1 7  ? 13.252  0.987   -0.766  1.00 20.07 ? 7    SER A C   1 
ATOM   58   O  O   . SER A 1 7  ? 12.779  -0.109  -1.050  1.00 20.04 ? 7    SER A O   1 
ATOM   59   C  CB  . SER A 1 7  ? 15.593  0.799   -1.667  1.00 38.15 ? 7    SER A CB  1 
ATOM   60   O  OG  . SER A 1 7  ? 15.326  1.714   -2.712  1.00 38.23 ? 7    SER A OG  1 
ATOM   61   N  N   . VAL A 1 8  ? 12.507  2.092   -0.704  1.00 19.33 ? 8    VAL A N   1 
ATOM   62   C  CA  . VAL A 1 8  ? 11.067  2.075   -1.016  1.00 18.88 ? 8    VAL A CA  1 
ATOM   63   C  C   . VAL A 1 8  ? 10.768  3.295   -1.892  1.00 18.68 ? 8    VAL A C   1 
ATOM   64   O  O   . VAL A 1 8  ? 11.061  4.429   -1.506  1.00 18.63 ? 8    VAL A O   1 
ATOM   65   C  CB  . VAL A 1 8  ? 10.203  2.139   0.282   1.00 19.56 ? 8    VAL A CB  1 
ATOM   66   C  CG1 . VAL A 1 8  ? 8.718   2.082   -0.062  1.00 19.46 ? 8    VAL A CG1 1 
ATOM   67   C  CG2 . VAL A 1 8  ? 10.568  0.984   1.209   1.00 19.41 ? 8    VAL A CG2 1 
ATOM   68   N  N   . ASP A 1 9  ? 10.186  3.059   -3.068  1.00 25.33 ? 9    ASP A N   1 
ATOM   69   C  CA  . ASP A 1 9  ? 9.892   4.138   -4.017  1.00 25.18 ? 9    ASP A CA  1 
ATOM   70   C  C   . ASP A 1 9  ? 8.710   5.030   -3.629  1.00 24.99 ? 9    ASP A C   1 
ATOM   71   O  O   . ASP A 1 9  ? 7.605   4.876   -4.157  1.00 25.03 ? 9    ASP A O   1 
ATOM   72   C  CB  . ASP A 1 9  ? 9.641   3.546   -5.408  1.00 34.37 ? 9    ASP A CB  1 
ATOM   73   C  CG  . ASP A 1 9  ? 9.722   4.586   -6.509  1.00 34.62 ? 9    ASP A CG  1 
ATOM   74   O  OD1 . ASP A 1 9  ? 9.619   5.795   -6.205  1.00 34.81 ? 9    ASP A OD1 1 
ATOM   75   O  OD2 . ASP A 1 9  ? 9.878   4.191   -7.685  1.00 34.88 ? 9    ASP A OD2 1 
ATOM   76   N  N   . MET A 1 10 ? 8.958   5.972   -2.723  1.00 21.22 ? 10   MET A N   1 
ATOM   77   C  CA  . MET A 1 10 ? 7.934   6.907   -2.247  1.00 21.00 ? 10   MET A CA  1 
ATOM   78   C  C   . MET A 1 10 ? 8.087   8.228   -3.006  1.00 20.95 ? 10   MET A C   1 
ATOM   79   O  O   . MET A 1 10 ? 9.196   8.748   -3.119  1.00 20.91 ? 10   MET A O   1 
ATOM   80   C  CB  . MET A 1 10 ? 8.116   7.141   -0.743  1.00 21.26 ? 10   MET A CB  1 
ATOM   81   C  CG  . MET A 1 10 ? 8.116   5.858   0.089   1.00 21.00 ? 10   MET A CG  1 
ATOM   82   S  SD  . MET A 1 10 ? 8.561   6.133   1.828   1.00 20.77 ? 10   MET A SD  1 
ATOM   83   C  CE  . MET A 1 10 ? 10.358  6.237   1.674   1.00 20.75 ? 10   MET A CE  1 
ATOM   84   N  N   . THR A 1 11 ? 6.985   8.777   -3.514  1.00 24.96 ? 11   THR A N   1 
ATOM   85   C  CA  . THR A 1 11 ? 7.063   10.020  -4.279  1.00 25.05 ? 11   THR A CA  1 
ATOM   86   C  C   . THR A 1 11 ? 6.270   11.237  -3.773  1.00 25.13 ? 11   THR A C   1 
ATOM   87   O  O   . THR A 1 11 ? 6.189   12.254  -4.464  1.00 25.19 ? 11   THR A O   1 
ATOM   88   C  CB  . THR A 1 11 ? 6.721   9.751   -5.770  1.00 24.67 ? 11   THR A CB  1 
ATOM   89   O  OG1 . THR A 1 11 ? 5.495   9.015   -5.869  1.00 24.47 ? 11   THR A OG1 1 
ATOM   90   C  CG2 . THR A 1 11 ? 7.838   8.948   -6.428  1.00 24.55 ? 11   THR A CG2 1 
ATOM   91   N  N   . CYS A 1 12 ? 5.693   11.137  -2.577  1.00 21.10 ? 12   CYS A N   1 
ATOM   92   C  CA  . CYS A 1 12 ? 4.958   12.252  -1.968  1.00 21.16 ? 12   CYS A CA  1 
ATOM   93   C  C   . CYS A 1 12 ? 4.787   11.966  -0.478  1.00 21.08 ? 12   CYS A C   1 
ATOM   94   O  O   . CYS A 1 12 ? 5.086   10.862  -0.018  1.00 21.10 ? 12   CYS A O   1 
ATOM   95   C  CB  . CYS A 1 12 ? 3.581   12.460  -2.634  1.00 28.47 ? 12   CYS A CB  1 
ATOM   96   S  SG  . CYS A 1 12 ? 2.197   11.433  -2.038  1.00 28.90 ? 12   CYS A SG  1 
ATOM   97   N  N   . GLY A 1 13 ? 4.334   12.965  0.277   1.00 23.05 ? 13   GLY A N   1 
ATOM   98   C  CA  . GLY A 1 13 ? 4.125   12.780  1.703   1.00 23.03 ? 13   GLY A CA  1 
ATOM   99   C  C   . GLY A 1 13 ? 3.128   11.669  1.984   1.00 23.06 ? 13   GLY A C   1 
ATOM   100  O  O   . GLY A 1 13 ? 3.252   10.944  2.972   1.00 23.12 ? 13   GLY A O   1 
ATOM   101  N  N   . GLY A 1 14 ? 2.131   11.540  1.111   1.00 22.67 ? 14   GLY A N   1 
ATOM   102  C  CA  . GLY A 1 14 ? 1.129   10.502  1.270   1.00 22.68 ? 14   GLY A CA  1 
ATOM   103  C  C   . GLY A 1 14 ? 1.726   9.107   1.178   1.00 22.61 ? 14   GLY A C   1 
ATOM   104  O  O   . GLY A 1 14 ? 1.244   8.180   1.832   1.00 22.58 ? 14   GLY A O   1 
ATOM   105  N  N   . CYS A 1 15 ? 2.763   8.951   0.359   1.00 21.00 ? 15   CYS A N   1 
ATOM   106  C  CA  . CYS A 1 15 ? 3.432   7.658   0.209   1.00 21.04 ? 15   CYS A CA  1 
ATOM   107  C  C   . CYS A 1 15 ? 4.121   7.269   1.516   1.00 21.11 ? 15   CYS A C   1 
ATOM   108  O  O   . CYS A 1 15 ? 4.091   6.104   1.928   1.00 21.11 ? 15   CYS A O   1 
ATOM   109  C  CB  . CYS A 1 15 ? 4.475   7.707   -0.922  1.00 24.60 ? 15   CYS A CB  1 
ATOM   110  S  SG  . CYS A 1 15 ? 3.819   7.655   -2.625  1.00 24.68 ? 15   CYS A SG  1 
ATOM   111  N  N   . ALA A 1 16 ? 4.744   8.248   2.166   1.00 21.14 ? 16   ALA A N   1 
ATOM   112  C  CA  . ALA A 1 16 ? 5.442   8.013   3.430   1.00 21.26 ? 16   ALA A CA  1 
ATOM   113  C  C   . ALA A 1 16 ? 4.457   7.672   4.543   1.00 21.36 ? 16   ALA A C   1 
ATOM   114  O  O   . ALA A 1 16 ? 4.714   6.795   5.369   1.00 21.39 ? 16   ALA A O   1 
ATOM   115  C  CB  . ALA A 1 16 ? 6.261   9.247   3.819   1.00 24.37 ? 16   ALA A CB  1 
ATOM   116  N  N   . GLU A 1 17 ? 3.326   8.368   4.570   1.00 23.68 ? 17   GLU A N   1 
ATOM   117  C  CA  . GLU A 1 17 ? 2.322   8.105   5.595   1.00 23.84 ? 17   GLU A CA  1 
ATOM   118  C  C   . GLU A 1 17 ? 1.758   6.690   5.462   1.00 23.91 ? 17   GLU A C   1 
ATOM   119  O  O   . GLU A 1 17 ? 1.493   6.029   6.469   1.00 24.01 ? 17   GLU A O   1 
ATOM   120  C  CB  . GLU A 1 17 ? 1.187   9.127   5.509   1.00 40.76 ? 17   GLU A CB  1 
ATOM   121  C  CG  . GLU A 1 17 ? 0.151   8.980   6.613   1.00 41.06 ? 17   GLU A CG  1 
ATOM   122  C  CD  . GLU A 1 17 ? -0.844  10.124  6.642   1.00 41.13 ? 17   GLU A CD  1 
ATOM   123  O  OE1 . GLU A 1 17 ? -1.525  10.352  5.621   1.00 41.33 ? 17   GLU A OE1 1 
ATOM   124  O  OE2 . GLU A 1 17 ? -0.943  10.793  7.692   1.00 41.48 ? 17   GLU A OE2 1 
ATOM   125  N  N   . ALA A 1 18 ? 1.581   6.228   4.225   1.00 21.97 ? 18   ALA A N   1 
ATOM   126  C  CA  . ALA A 1 18 ? 1.045   4.888   3.974   1.00 22.13 ? 18   ALA A CA  1 
ATOM   127  C  C   . ALA A 1 18 ? 1.993   3.817   4.500   1.00 22.29 ? 18   ALA A C   1 
ATOM   128  O  O   . ALA A 1 18 ? 1.558   2.808   5.061   1.00 22.36 ? 18   ALA A O   1 
ATOM   129  C  CB  . ALA A 1 18 ? 0.799   4.684   2.475   1.00 30.11 ? 18   ALA A CB  1 
ATOM   130  N  N   . VAL A 1 19 ? 3.291   4.031   4.310   1.00 20.25 ? 19   VAL A N   1 
ATOM   131  C  CA  . VAL A 1 19 ? 4.286   3.083   4.799   1.00 20.49 ? 19   VAL A CA  1 
ATOM   132  C  C   . VAL A 1 19 ? 4.205   2.996   6.327   1.00 20.70 ? 19   VAL A C   1 
ATOM   133  O  O   . VAL A 1 19 ? 4.246   1.902   6.898   1.00 20.75 ? 19   VAL A O   1 
ATOM   134  C  CB  . VAL A 1 19 ? 5.722   3.506   4.374   1.00 21.60 ? 19   VAL A CB  1 
ATOM   135  C  CG1 . VAL A 1 19 ? 6.762   2.625   5.064   1.00 21.60 ? 19   VAL A CG1 1 
ATOM   136  C  CG2 . VAL A 1 19 ? 5.869   3.389   2.861   1.00 21.58 ? 19   VAL A CG2 1 
ATOM   137  N  N   . SER A 1 20 ? 4.075   4.145   6.988   1.00 23.24 ? 20   SER A N   1 
ATOM   138  C  CA  . SER A 1 20 ? 4.002   4.169   8.448   1.00 23.47 ? 20   SER A CA  1 
ATOM   139  C  C   . SER A 1 20 ? 2.780   3.430   8.987   1.00 23.69 ? 20   SER A C   1 
ATOM   140  O  O   . SER A 1 20 ? 2.839   2.825   10.058  1.00 23.73 ? 20   SER A O   1 
ATOM   141  C  CB  . SER A 1 20 ? 4.004   5.611   8.974   1.00 26.17 ? 20   SER A CB  1 
ATOM   142  O  OG  . SER A 1 20 ? 2.753   6.257   8.790   1.00 26.18 ? 20   SER A OG  1 
ATOM   143  N  N   . ARG A 1 21 ? 1.675   3.470   8.248   1.00 24.01 ? 21   ARG A N   1 
ATOM   144  C  CA  . ARG A 1 21 ? 0.457   2.796   8.690   1.00 24.22 ? 21   ARG A CA  1 
ATOM   145  C  C   . ARG A 1 21 ? 0.547   1.271   8.652   1.00 24.38 ? 21   ARG A C   1 
ATOM   146  O  O   . ARG A 1 21 ? 0.116   0.600   9.596   1.00 24.40 ? 21   ARG A O   1 
ATOM   147  C  CB  . ARG A 1 21 ? -0.739  3.260   7.857   1.00 49.41 ? 21   ARG A CB  1 
ATOM   148  C  CG  . ARG A 1 21 ? -1.145  4.693   8.132   1.00 49.62 ? 21   ARG A CG  1 
ATOM   149  C  CD  . ARG A 1 21 ? -2.338  5.092   7.291   1.00 49.90 ? 21   ARG A CD  1 
ATOM   150  N  NE  . ARG A 1 21 ? -2.774  6.453   7.581   1.00 50.13 ? 21   ARG A NE  1 
ATOM   151  C  CZ  . ARG A 1 21 ? -3.739  7.081   6.918   1.00 50.25 ? 21   ARG A CZ  1 
ATOM   152  N  NH1 . ARG A 1 21 ? -4.367  6.465   5.926   1.00 50.28 ? 21   ARG A NH1 1 
ATOM   153  N  NH2 . ARG A 1 21 ? -4.073  8.323   7.244   1.00 50.33 ? 21   ARG A NH2 1 
ATOM   154  N  N   . VAL A 1 22 ? 1.099   0.713   7.579   1.00 24.54 ? 22   VAL A N   1 
ATOM   155  C  CA  . VAL A 1 22 ? 1.203   -0.737  7.500   1.00 24.72 ? 22   VAL A CA  1 
ATOM   156  C  C   . VAL A 1 22 ? 2.184   -1.269  8.542   1.00 24.89 ? 22   VAL A C   1 
ATOM   157  O  O   . VAL A 1 22 ? 2.010   -2.382  9.047   1.00 24.94 ? 22   VAL A O   1 
ATOM   158  C  CB  . VAL A 1 22 ? 1.604   -1.219  6.075   1.00 24.14 ? 22   VAL A CB  1 
ATOM   159  C  CG1 . VAL A 1 22 ? 0.549   -0.762  5.064   1.00 24.11 ? 22   VAL A CG1 1 
ATOM   160  C  CG2 . VAL A 1 22 ? 2.979   -0.698  5.692   1.00 24.06 ? 22   VAL A CG2 1 
ATOM   161  N  N   . LEU A 1 23 ? 3.198   -0.475  8.886   1.00 23.77 ? 23   LEU A N   1 
ATOM   162  C  CA  . LEU A 1 23 ? 4.168   -0.896  9.897   1.00 23.97 ? 23   LEU A CA  1 
ATOM   163  C  C   . LEU A 1 23 ? 3.542   -0.806  11.290  1.00 24.12 ? 23   LEU A C   1 
ATOM   164  O  O   . LEU A 1 23 ? 3.800   -1.654  12.147  1.00 24.13 ? 23   LEU A O   1 
ATOM   165  C  CB  . LEU A 1 23 ? 5.442   -0.036  9.830   1.00 22.57 ? 23   LEU A CB  1 
ATOM   166  C  CG  . LEU A 1 23 ? 6.297   -0.216  8.568   1.00 22.57 ? 23   LEU A CG  1 
ATOM   167  C  CD1 . LEU A 1 23 ? 7.506   0.719   8.615   1.00 22.56 ? 23   LEU A CD1 1 
ATOM   168  C  CD2 . LEU A 1 23 ? 6.748   -1.668  8.458   1.00 22.60 ? 23   LEU A CD2 1 
ATOM   169  N  N   . ASN A 1 24 ? 2.721   0.218   11.513  1.00 28.48 ? 24   ASN A N   1 
ATOM   170  C  CA  . ASN A 1 24 ? 2.047   0.394   12.801  1.00 28.75 ? 24   ASN A CA  1 
ATOM   171  C  C   . ASN A 1 24 ? 1.136   -0.807  13.063  1.00 28.90 ? 24   ASN A C   1 
ATOM   172  O  O   . ASN A 1 24 ? 1.018   -1.276  14.201  1.00 28.95 ? 24   ASN A O   1 
ATOM   173  C  CB  . ASN A 1 24 ? 1.197   1.673   12.804  1.00 30.73 ? 24   ASN A CB  1 
ATOM   174  C  CG  . ASN A 1 24 ? 2.027   2.944   12.927  1.00 30.77 ? 24   ASN A CG  1 
ATOM   175  O  OD1 . ASN A 1 24 ? 1.519   4.048   12.714  1.00 30.85 ? 24   ASN A OD1 1 
ATOM   176  N  ND2 . ASN A 1 24 ? 3.296   2.798   13.281  1.00 30.85 ? 24   ASN A ND2 1 
ATOM   177  N  N   . LYS A 1 25 ? 0.492   -1.295  12.004  1.00 31.20 ? 25   LYS A N   1 
ATOM   178  C  CA  . LYS A 1 25 ? -0.420  -2.433  12.106  1.00 31.32 ? 25   LYS A CA  1 
ATOM   179  C  C   . LYS A 1 25 ? 0.313   -3.716  12.472  1.00 31.39 ? 25   LYS A C   1 
ATOM   180  O  O   . LYS A 1 25 ? -0.174  -4.504  13.287  1.00 31.45 ? 25   LYS A O   1 
ATOM   181  C  CB  . LYS A 1 25 ? -1.181  -2.634  10.792  1.00 49.50 ? 25   LYS A CB  1 
ATOM   182  C  CG  . LYS A 1 25 ? -2.181  -3.783  10.840  1.00 49.66 ? 25   LYS A CG  1 
ATOM   183  C  CD  . LYS A 1 25 ? -3.011  -3.867  9.569   1.00 49.78 ? 25   LYS A CD  1 
ATOM   184  C  CE  . LYS A 1 25 ? -4.028  -4.997  9.652   1.00 49.92 ? 25   LYS A CE  1 
ATOM   185  N  NZ  . LYS A 1 25 ? -4.883  -5.076  8.435   1.00 50.02 ? 25   LYS A NZ  1 
ATOM   186  N  N   . LEU A 1 26 ? 1.477   -3.932  11.866  1.00 31.22 ? 26   LEU A N   1 
ATOM   187  C  CA  . LEU A 1 26 ? 2.273   -5.117  12.159  1.00 31.27 ? 26   LEU A CA  1 
ATOM   188  C  C   . LEU A 1 26 ? 2.661   -5.084  13.632  1.00 31.30 ? 26   LEU A C   1 
ATOM   189  O  O   . LEU A 1 26 ? 2.531   -6.083  14.342  1.00 31.43 ? 26   LEU A O   1 
ATOM   190  C  CB  . LEU A 1 26 ? 3.533   -5.144  11.289  1.00 29.71 ? 26   LEU A CB  1 
ATOM   191  C  CG  . LEU A 1 26 ? 4.536   -6.274  11.550  1.00 29.71 ? 26   LEU A CG  1 
ATOM   192  C  CD1 . LEU A 1 26 ? 3.882   -7.628  11.284  1.00 29.73 ? 26   LEU A CD1 1 
ATOM   193  C  CD2 . LEU A 1 26 ? 5.755   -6.084  10.655  1.00 29.74 ? 26   LEU A CD2 1 
ATOM   194  N  N   . GLY A 1 27 ? 3.133   -3.927  14.085  1.00 31.20 ? 27   GLY A N   1 
ATOM   195  C  CA  . GLY A 1 27 ? 3.528   -3.779  15.475  1.00 31.26 ? 27   GLY A CA  1 
ATOM   196  C  C   . GLY A 1 27 ? 4.928   -4.282  15.780  1.00 31.30 ? 27   GLY A C   1 
ATOM   197  O  O   . GLY A 1 27 ? 5.546   -4.969  14.964  1.00 31.41 ? 27   GLY A O   1 
ATOM   198  N  N   . GLY A 1 28 ? 5.428   -3.931  16.962  1.00 32.51 ? 28   GLY A N   1 
ATOM   199  C  CA  . GLY A 1 28 ? 6.756   -4.356  17.370  1.00 32.48 ? 28   GLY A CA  1 
ATOM   200  C  C   . GLY A 1 28 ? 7.877   -3.778  16.524  1.00 32.37 ? 28   GLY A C   1 
ATOM   201  O  O   . GLY A 1 28 ? 8.873   -4.457  16.263  1.00 32.36 ? 28   GLY A O   1 
ATOM   202  N  N   . VAL A 1 29 ? 7.730   -2.526  16.101  1.00 29.35 ? 29   VAL A N   1 
ATOM   203  C  CA  . VAL A 1 29 ? 8.748   -1.888  15.277  1.00 29.22 ? 29   VAL A CA  1 
ATOM   204  C  C   . VAL A 1 29 ? 9.036   -0.436  15.644  1.00 29.07 ? 29   VAL A C   1 
ATOM   205  O  O   . VAL A 1 29 ? 8.193   0.264   16.213  1.00 29.03 ? 29   VAL A O   1 
ATOM   206  C  CB  . VAL A 1 29 ? 8.359   -1.916  13.772  1.00 28.60 ? 29   VAL A CB  1 
ATOM   207  C  CG1 . VAL A 1 29 ? 8.265   -3.345  13.277  1.00 28.64 ? 29   VAL A CG1 1 
ATOM   208  C  CG2 . VAL A 1 29 ? 7.038   -1.195  13.564  1.00 28.68 ? 29   VAL A CG2 1 
ATOM   209  N  N   . LYS A 1 30 ? 10.254  -0.008  15.320  1.00 29.21 ? 30   LYS A N   1 
ATOM   210  C  CA  . LYS A 1 30 ? 10.727  1.359   15.523  1.00 28.97 ? 30   LYS A CA  1 
ATOM   211  C  C   . LYS A 1 30 ? 11.321  1.695   14.158  1.00 28.71 ? 30   LYS A C   1 
ATOM   212  O  O   . LYS A 1 30 ? 12.220  0.998   13.690  1.00 28.74 ? 30   LYS A O   1 
ATOM   213  C  CB  . LYS A 1 30 ? 11.816  1.406   16.597  1.00 61.27 ? 30   LYS A CB  1 
ATOM   214  C  CG  . LYS A 1 30 ? 11.342  0.988   17.978  1.00 61.55 ? 30   LYS A CG  1 
ATOM   215  C  CD  . LYS A 1 30 ? 12.461  1.084   19.001  1.00 61.89 ? 30   LYS A CD  1 
ATOM   216  C  CE  . LYS A 1 30 ? 11.982  0.668   20.385  1.00 62.03 ? 30   LYS A CE  1 
ATOM   217  N  NZ  . LYS A 1 30 ? 13.062  0.769   21.406  1.00 62.31 ? 30   LYS A NZ  1 
ATOM   218  N  N   . TYR A 1 31 ? 10.827  2.750   13.515  1.00 24.98 ? 31   TYR A N   1 
ATOM   219  C  CA  . TYR A 1 31 ? 11.310  3.091   12.177  1.00 24.74 ? 31   TYR A CA  1 
ATOM   220  C  C   . TYR A 1 31 ? 11.627  4.562   11.934  1.00 24.54 ? 31   TYR A C   1 
ATOM   221  O  O   . TYR A 1 31 ? 11.288  5.433   12.737  1.00 24.51 ? 31   TYR A O   1 
ATOM   222  C  CB  . TYR A 1 31 ? 10.276  2.622   11.140  1.00 24.77 ? 31   TYR A CB  1 
ATOM   223  C  CG  . TYR A 1 31 ? 8.879   3.165   11.386  1.00 24.90 ? 31   TYR A CG  1 
ATOM   224  C  CD1 . TYR A 1 31 ? 8.568   4.503   11.126  1.00 24.90 ? 31   TYR A CD1 1 
ATOM   225  C  CD2 . TYR A 1 31 ? 7.883   2.356   11.932  1.00 24.91 ? 31   TYR A CD2 1 
ATOM   226  C  CE1 . TYR A 1 31 ? 7.301   5.023   11.412  1.00 24.96 ? 31   TYR A CE1 1 
ATOM   227  C  CE2 . TYR A 1 31 ? 6.610   2.866   12.223  1.00 25.01 ? 31   TYR A CE2 1 
ATOM   228  C  CZ  . TYR A 1 31 ? 6.328   4.197   11.963  1.00 25.00 ? 31   TYR A CZ  1 
ATOM   229  O  OH  . TYR A 1 31 ? 5.079   4.708   12.268  1.00 25.06 ? 31   TYR A OH  1 
ATOM   230  N  N   . ASP A 1 32 ? 12.296  4.813   10.810  1.00 22.88 ? 32   ASP A N   1 
ATOM   231  C  CA  . ASP A 1 32 ? 12.664  6.156   10.374  1.00 22.73 ? 32   ASP A CA  1 
ATOM   232  C  C   . ASP A 1 32 ? 12.444  6.174   8.858   1.00 22.54 ? 32   ASP A C   1 
ATOM   233  O  O   . ASP A 1 32 ? 13.044  5.382   8.130   1.00 22.42 ? 32   ASP A O   1 
ATOM   234  C  CB  . ASP A 1 32 ? 14.135  6.442   10.687  1.00 41.47 ? 32   ASP A CB  1 
ATOM   235  C  CG  . ASP A 1 32 ? 14.513  7.894   10.441  1.00 41.75 ? 32   ASP A CG  1 
ATOM   236  O  OD1 . ASP A 1 32 ? 15.716  8.220   10.531  1.00 42.05 ? 32   ASP A OD1 1 
ATOM   237  O  OD2 . ASP A 1 32 ? 13.609  8.711   10.165  1.00 41.95 ? 32   ASP A OD2 1 
ATOM   238  N  N   . ILE A 1 33 ? 11.574  7.066   8.389   1.00 21.53 ? 33   ILE A N   1 
ATOM   239  C  CA  . ILE A 1 33 ? 11.263  7.171   6.962   1.00 21.28 ? 33   ILE A CA  1 
ATOM   240  C  C   . ILE A 1 33 ? 11.837  8.457   6.349   1.00 21.16 ? 33   ILE A C   1 
ATOM   241  O  O   . ILE A 1 33 ? 11.547  9.556   6.814   1.00 21.12 ? 33   ILE A O   1 
ATOM   242  C  CB  . ILE A 1 33 ? 9.729   7.117   6.754   1.00 21.86 ? 33   ILE A CB  1 
ATOM   243  C  CG1 . ILE A 1 33 ? 9.195   5.776   7.272   1.00 21.73 ? 33   ILE A CG1 1 
ATOM   244  C  CG2 . ILE A 1 33 ? 9.383   7.302   5.277   1.00 21.76 ? 33   ILE A CG2 1 
ATOM   245  C  CD1 . ILE A 1 33 ? 7.682   5.736   7.492   1.00 21.67 ? 33   ILE A CD1 1 
ATOM   246  N  N   . ASP A 1 34 ? 12.655  8.297   5.310   1.00 24.21 ? 34   ASP A N   1 
ATOM   247  C  CA  . ASP A 1 34 ? 13.316  9.409   4.610   1.00 24.16 ? 34   ASP A CA  1 
ATOM   248  C  C   . ASP A 1 34 ? 12.719  9.535   3.205   1.00 24.03 ? 34   ASP A C   1 
ATOM   249  O  O   . ASP A 1 34 ? 13.020  8.722   2.331   1.00 24.02 ? 34   ASP A O   1 
ATOM   250  C  CB  . ASP A 1 34 ? 14.816  9.104   4.503   1.00 29.83 ? 34   ASP A CB  1 
ATOM   251  C  CG  . ASP A 1 34 ? 15.615  10.233  3.867   1.00 29.92 ? 34   ASP A CG  1 
ATOM   252  O  OD1 . ASP A 1 34 ? 15.060  10.991  3.042   1.00 29.90 ? 34   ASP A OD1 1 
ATOM   253  O  OD2 . ASP A 1 34 ? 16.820  10.341  4.183   1.00 30.00 ? 34   ASP A OD2 1 
ATOM   254  N  N   . LEU A 1 35 ? 11.892  10.554  2.979   1.00 21.88 ? 35   LEU A N   1 
ATOM   255  C  CA  . LEU A 1 35 ? 11.252  10.717  1.673   1.00 21.81 ? 35   LEU A CA  1 
ATOM   256  C  C   . LEU A 1 35 ? 12.184  11.095  0.520   1.00 21.79 ? 35   LEU A C   1 
ATOM   257  O  O   . LEU A 1 35 ? 12.236  10.395  -0.495  1.00 21.75 ? 35   LEU A O   1 
ATOM   258  C  CB  . LEU A 1 35 ? 10.100  11.728  1.762   1.00 22.44 ? 35   LEU A CB  1 
ATOM   259  C  CG  . LEU A 1 35 ? 9.374   12.072  0.450   1.00 22.34 ? 35   LEU A CG  1 
ATOM   260  C  CD1 . LEU A 1 35 ? 8.854   10.802  -0.219  1.00 22.24 ? 35   LEU A CD1 1 
ATOM   261  C  CD2 . LEU A 1 35 ? 8.221   13.026  0.742   1.00 22.22 ? 35   LEU A CD2 1 
ATOM   262  N  N   . PRO A 1 36 ? 12.935  12.199  0.658   1.00 25.42 ? 36   PRO A N   1 
ATOM   263  C  CA  . PRO A 1 36 ? 13.834  12.588  -0.435  1.00 25.46 ? 36   PRO A CA  1 
ATOM   264  C  C   . PRO A 1 36 ? 14.815  11.514  -0.909  1.00 25.45 ? 36   PRO A C   1 
ATOM   265  O  O   . PRO A 1 36 ? 15.121  11.437  -2.097  1.00 25.42 ? 36   PRO A O   1 
ATOM   266  C  CB  . PRO A 1 36 ? 14.529  13.841  0.111   1.00 37.39 ? 36   PRO A CB  1 
ATOM   267  C  CG  . PRO A 1 36 ? 14.427  13.687  1.600   1.00 37.51 ? 36   PRO A CG  1 
ATOM   268  C  CD  . PRO A 1 36 ? 13.048  13.128  1.795   1.00 37.39 ? 36   PRO A CD  1 
ATOM   269  N  N   . ASN A 1 37 ? 15.296  10.674  0.002   1.00 24.83 ? 37   ASN A N   1 
ATOM   270  C  CA  . ASN A 1 37 ? 16.235  9.627   -0.380  1.00 24.91 ? 37   ASN A CA  1 
ATOM   271  C  C   . ASN A 1 37 ? 15.585  8.259   -0.613  1.00 24.97 ? 37   ASN A C   1 
ATOM   272  O  O   . ASN A 1 37 ? 16.273  7.288   -0.932  1.00 24.91 ? 37   ASN A O   1 
ATOM   273  C  CB  . ASN A 1 37 ? 17.351  9.516   0.661   1.00 28.85 ? 37   ASN A CB  1 
ATOM   274  C  CG  . ASN A 1 37 ? 18.267  10.727  0.654   1.00 29.02 ? 37   ASN A CG  1 
ATOM   275  O  OD1 . ASN A 1 37 ? 18.775  11.127  -0.395  1.00 29.06 ? 37   ASN A OD1 1 
ATOM   276  N  ND2 . ASN A 1 37 ? 18.480  11.320  1.822   1.00 29.02 ? 37   ASN A ND2 1 
ATOM   277  N  N   . LYS A 1 38 ? 14.262  8.194   -0.455  1.00 19.95 ? 38   LYS A N   1 
ATOM   278  C  CA  . LYS A 1 38 ? 13.502  6.964   -0.678  1.00 20.03 ? 38   LYS A CA  1 
ATOM   279  C  C   . LYS A 1 38 ? 14.028  5.769   0.115   1.00 20.18 ? 38   LYS A C   1 
ATOM   280  O  O   . LYS A 1 38 ? 14.267  4.696   -0.449  1.00 20.02 ? 38   LYS A O   1 
ATOM   281  C  CB  . LYS A 1 38 ? 13.482  6.628   -2.181  1.00 25.79 ? 38   LYS A CB  1 
ATOM   282  C  CG  . LYS A 1 38 ? 12.753  7.664   -3.045  1.00 25.89 ? 38   LYS A CG  1 
ATOM   283  C  CD  . LYS A 1 38 ? 12.784  7.310   -4.534  1.00 26.04 ? 38   LYS A CD  1 
ATOM   284  C  CE  . LYS A 1 38 ? 11.959  8.310   -5.352  1.00 26.14 ? 38   LYS A CE  1 
ATOM   285  N  NZ  . LYS A 1 38 ? 11.830  7.924   -6.791  1.00 26.34 ? 38   LYS A NZ  1 
ATOM   286  N  N   . LYS A 1 39 ? 14.191  5.952   1.422   1.00 22.72 ? 39   LYS A N   1 
ATOM   287  C  CA  . LYS A 1 39 ? 14.696  4.888   2.285   1.00 23.06 ? 39   LYS A CA  1 
ATOM   288  C  C   . LYS A 1 39 ? 13.910  4.731   3.585   1.00 23.31 ? 39   LYS A C   1 
ATOM   289  O  O   . LYS A 1 39 ? 13.331  5.689   4.098   1.00 23.32 ? 39   LYS A O   1 
ATOM   290  C  CB  . LYS A 1 39 ? 16.173  5.135   2.611   1.00 57.22 ? 39   LYS A CB  1 
ATOM   291  C  CG  . LYS A 1 39 ? 17.084  5.095   1.395   1.00 57.45 ? 39   LYS A CG  1 
ATOM   292  C  CD  . LYS A 1 39 ? 18.548  5.180   1.788   1.00 57.77 ? 39   LYS A CD  1 
ATOM   293  C  CE  . LYS A 1 39 ? 19.450  5.074   0.564   1.00 57.90 ? 39   LYS A CE  1 
ATOM   294  N  NZ  . LYS A 1 39 ? 20.895  5.100   0.929   1.00 58.23 ? 39   LYS A NZ  1 
ATOM   295  N  N   . VAL A 1 40 ? 13.896  3.506   4.105   1.00 21.01 ? 40   VAL A N   1 
ATOM   296  C  CA  . VAL A 1 40 ? 13.195  3.178   5.345   1.00 21.47 ? 40   VAL A CA  1 
ATOM   297  C  C   . VAL A 1 40 ? 14.080  2.258   6.190   1.00 21.85 ? 40   VAL A C   1 
ATOM   298  O  O   . VAL A 1 40 ? 14.514  1.213   5.710   1.00 21.81 ? 40   VAL A O   1 
ATOM   299  C  CB  . VAL A 1 40 ? 11.864  2.435   5.057   1.00 22.71 ? 40   VAL A CB  1 
ATOM   300  C  CG1 . VAL A 1 40 ? 11.138  2.138   6.360   1.00 22.72 ? 40   VAL A CG1 1 
ATOM   301  C  CG2 . VAL A 1 40 ? 10.979  3.270   4.140   1.00 22.68 ? 40   VAL A CG2 1 
ATOM   302  N  N   . CYS A 1 41 ? 14.352  2.650   7.433   1.00 24.18 ? 41   CYS A N   1 
ATOM   303  C  CA  . CYS A 1 41 ? 15.169  1.837   8.340   1.00 24.65 ? 41   CYS A CA  1 
ATOM   304  C  C   . CYS A 1 41 ? 14.260  1.297   9.443   1.00 24.89 ? 41   CYS A C   1 
ATOM   305  O  O   . CYS A 1 41 ? 13.424  2.032   9.974   1.00 24.90 ? 41   CYS A O   1 
ATOM   306  C  CB  . CYS A 1 41 ? 16.293  2.679   8.956   1.00 42.30 ? 41   CYS A CB  1 
ATOM   307  S  SG  . CYS A 1 41 ? 17.554  3.229   7.773   1.00 42.99 ? 41   CYS A SG  1 
ATOM   308  N  N   . ILE A 1 42 ? 14.419  0.019   9.786   1.00 22.46 ? 42   ILE A N   1 
ATOM   309  C  CA  . ILE A 1 42 ? 13.574  -0.600  10.807  1.00 22.75 ? 42   ILE A CA  1 
ATOM   310  C  C   . ILE A 1 42 ? 14.312  -1.437  11.860  1.00 23.05 ? 42   ILE A C   1 
ATOM   311  O  O   . ILE A 1 42 ? 15.075  -2.345  11.524  1.00 23.13 ? 42   ILE A O   1 
ATOM   312  C  CB  . ILE A 1 42 ? 12.509  -1.532  10.158  1.00 23.06 ? 42   ILE A CB  1 
ATOM   313  C  CG1 . ILE A 1 42 ? 11.666  -0.757  9.138   1.00 22.83 ? 42   ILE A CG1 1 
ATOM   314  C  CG2 . ILE A 1 42 ? 11.616  -2.128  11.239  1.00 22.92 ? 42   ILE A CG2 1 
ATOM   315  C  CD1 . ILE A 1 42 ? 10.745  -1.639  8.296   1.00 22.56 ? 42   ILE A CD1 1 
ATOM   316  N  N   . GLU A 1 43 ? 14.068  -1.125  13.132  1.00 26.21 ? 43   GLU A N   1 
ATOM   317  C  CA  . GLU A 1 43 ? 14.650  -1.872  14.251  1.00 26.53 ? 43   GLU A CA  1 
ATOM   318  C  C   . GLU A 1 43 ? 13.522  -2.767  14.747  1.00 26.71 ? 43   GLU A C   1 
ATOM   319  O  O   . GLU A 1 43 ? 12.483  -2.274  15.188  1.00 26.71 ? 43   GLU A O   1 
ATOM   320  C  CB  . GLU A 1 43 ? 15.074  -0.935  15.381  1.00 52.97 ? 43   GLU A CB  1 
ATOM   321  C  CG  . GLU A 1 43 ? 16.256  -0.054  15.056  1.00 53.22 ? 43   GLU A CG  1 
ATOM   322  C  CD  . GLU A 1 43 ? 16.639  0.835   16.220  1.00 53.37 ? 43   GLU A CD  1 
ATOM   323  O  OE1 . GLU A 1 43 ? 16.930  0.293   17.308  1.00 53.51 ? 43   GLU A OE1 1 
ATOM   324  O  OE2 . GLU A 1 43 ? 16.645  2.071   16.046  1.00 53.53 ? 43   GLU A OE2 1 
ATOM   325  N  N   . SER A 1 44 ? 13.720  -4.079  14.681  1.00 29.73 ? 44   SER A N   1 
ATOM   326  C  CA  . SER A 1 44 ? 12.672  -5.001  15.096  1.00 30.03 ? 44   SER A CA  1 
ATOM   327  C  C   . SER A 1 44 ? 13.168  -6.430  15.267  1.00 30.29 ? 44   SER A C   1 
ATOM   328  O  O   . SER A 1 44 ? 14.246  -6.793  14.781  1.00 30.31 ? 44   SER A O   1 
ATOM   329  C  CB  . SER A 1 44 ? 11.542  -4.970  14.059  1.00 33.84 ? 44   SER A CB  1 
ATOM   330  O  OG  . SER A 1 44 ? 10.532  -5.921  14.340  1.00 33.86 ? 44   SER A OG  1 
ATOM   331  N  N   . GLU A 1 45 ? 12.368  -7.235  15.964  1.00 33.98 ? 45   GLU A N   1 
ATOM   332  C  CA  . GLU A 1 45 ? 12.692  -8.636  16.192  1.00 34.26 ? 45   GLU A CA  1 
ATOM   333  C  C   . GLU A 1 45 ? 12.049  -9.502  15.111  1.00 34.40 ? 45   GLU A C   1 
ATOM   334  O  O   . GLU A 1 45 ? 12.406  -10.670 14.953  1.00 34.45 ? 45   GLU A O   1 
ATOM   335  C  CB  . GLU A 1 45 ? 12.199  -9.092  17.568  1.00 57.83 ? 45   GLU A CB  1 
ATOM   336  C  CG  . GLU A 1 45 ? 13.012  -8.566  18.742  1.00 58.15 ? 45   GLU A CG  1 
ATOM   337  C  CD  . GLU A 1 45 ? 14.475  -8.976  18.677  1.00 58.30 ? 45   GLU A CD  1 
ATOM   338  O  OE1 . GLU A 1 45 ? 14.752  -10.160 18.392  1.00 58.53 ? 45   GLU A OE1 1 
ATOM   339  O  OE2 . GLU A 1 45 ? 15.348  -8.116  18.923  1.00 58.54 ? 45   GLU A OE2 1 
ATOM   340  N  N   . HIS A 1 46 ? 11.094  -8.931  14.377  1.00 35.11 ? 46   HIS A N   1 
ATOM   341  C  CA  . HIS A 1 46 ? 10.424  -9.660  13.306  1.00 35.20 ? 46   HIS A CA  1 
ATOM   342  C  C   . HIS A 1 46 ? 11.458  -10.067 12.268  1.00 35.19 ? 46   HIS A C   1 
ATOM   343  O  O   . HIS A 1 46 ? 12.471  -9.390  12.095  1.00 35.17 ? 46   HIS A O   1 
ATOM   344  C  CB  . HIS A 1 46 ? 9.344   -8.803  12.633  1.00 35.49 ? 46   HIS A CB  1 
ATOM   345  C  CG  . HIS A 1 46 ? 8.099   -8.637  13.448  1.00 35.66 ? 46   HIS A CG  1 
ATOM   346  N  ND1 . HIS A 1 46 ? 7.845   -7.512  14.202  1.00 35.74 ? 46   HIS A ND1 1 
ATOM   347  C  CD2 . HIS A 1 46 ? 7.038   -9.458  13.629  1.00 35.79 ? 46   HIS A CD2 1 
ATOM   348  C  CE1 . HIS A 1 46 ? 6.681   -7.646  14.812  1.00 35.83 ? 46   HIS A CE1 1 
ATOM   349  N  NE2 . HIS A 1 46 ? 6.170   -8.818  14.481  1.00 35.86 ? 46   HIS A NE2 1 
ATOM   350  N  N   . SER A 1 47 ? 11.196  -11.171 11.578  1.00 34.14 ? 47   SER A N   1 
ATOM   351  C  CA  . SER A 1 47 ? 12.110  -11.679 10.566  1.00 34.15 ? 47   SER A CA  1 
ATOM   352  C  C   . SER A 1 47 ? 12.240  -10.751 9.362   1.00 34.12 ? 47   SER A C   1 
ATOM   353  O  O   . SER A 1 47 ? 11.392  -9.892  9.126   1.00 34.13 ? 47   SER A O   1 
ATOM   354  C  CB  . SER A 1 47 ? 11.650  -13.059 10.088  1.00 36.99 ? 47   SER A CB  1 
ATOM   355  O  OG  . SER A 1 47 ? 10.401  -12.972 9.425   1.00 36.97 ? 47   SER A OG  1 
ATOM   356  N  N   . MET A 1 48 ? 13.317  -10.945 8.608   1.00 33.27 ? 48   MET A N   1 
ATOM   357  C  CA  . MET A 1 48 ? 13.593  -10.162 7.410   1.00 33.22 ? 48   MET A CA  1 
ATOM   358  C  C   . MET A 1 48 ? 12.452  -10.378 6.413   1.00 33.13 ? 48   MET A C   1 
ATOM   359  O  O   . MET A 1 48 ? 11.988  -9.437  5.767   1.00 33.13 ? 48   MET A O   1 
ATOM   360  C  CB  . MET A 1 48 ? 14.935  -10.614 6.817   1.00 43.66 ? 48   MET A CB  1 
ATOM   361  C  CG  . MET A 1 48 ? 15.385  -9.914  5.543   1.00 43.81 ? 48   MET A CG  1 
ATOM   362  S  SD  . MET A 1 48 ? 14.700  -10.619 4.029   1.00 44.16 ? 48   MET A SD  1 
ATOM   363  C  CE  . MET A 1 48 ? 14.344  -9.130  3.105   1.00 44.14 ? 48   MET A CE  1 
ATOM   364  N  N   . ASP A 1 49 ? 11.991  -11.622 6.312   1.00 31.54 ? 49   ASP A N   1 
ATOM   365  C  CA  . ASP A 1 49 ? 10.904  -11.965 5.399   1.00 31.39 ? 49   ASP A CA  1 
ATOM   366  C  C   . ASP A 1 49 ? 9.577   -11.328 5.793   1.00 31.22 ? 49   ASP A C   1 
ATOM   367  O  O   . ASP A 1 49 ? 8.813   -10.893 4.932   1.00 31.22 ? 49   ASP A O   1 
ATOM   368  C  CB  . ASP A 1 49 ? 10.741  -13.484 5.322   1.00 66.41 ? 49   ASP A CB  1 
ATOM   369  C  CG  . ASP A 1 49 ? 11.922  -14.160 4.660   1.00 66.57 ? 49   ASP A CG  1 
ATOM   370  O  OD1 . ASP A 1 49 ? 12.166  -13.892 3.465   1.00 66.81 ? 49   ASP A OD1 1 
ATOM   371  O  OD2 . ASP A 1 49 ? 12.609  -14.957 5.333   1.00 66.76 ? 49   ASP A OD2 1 
ATOM   372  N  N   . THR A 1 50 ? 9.300   -11.277 7.093   1.00 27.99 ? 50   THR A N   1 
ATOM   373  C  CA  . THR A 1 50 ? 8.059   -10.678 7.574   1.00 27.76 ? 50   THR A CA  1 
ATOM   374  C  C   . THR A 1 50 ? 8.034   -9.185  7.254   1.00 27.57 ? 50   THR A C   1 
ATOM   375  O  O   . THR A 1 50 ? 7.017   -8.655  6.799   1.00 27.58 ? 50   THR A O   1 
ATOM   376  C  CB  . THR A 1 50 ? 7.895   -10.872 9.099   1.00 40.20 ? 50   THR A CB  1 
ATOM   377  O  OG1 . THR A 1 50 ? 7.750   -12.268 9.391   1.00 40.21 ? 50   THR A OG1 1 
ATOM   378  C  CG2 . THR A 1 50 ? 6.666   -10.126 9.604   1.00 40.11 ? 50   THR A CG2 1 
ATOM   379  N  N   . LEU A 1 51 ? 9.157   -8.512  7.486   1.00 26.23 ? 51   LEU A N   1 
ATOM   380  C  CA  . LEU A 1 51 ? 9.257   -7.082  7.216   1.00 26.02 ? 51   LEU A CA  1 
ATOM   381  C  C   . LEU A 1 51 ? 9.155   -6.796  5.715   1.00 25.84 ? 51   LEU A C   1 
ATOM   382  O  O   . LEU A 1 51 ? 8.423   -5.894  5.307   1.00 25.81 ? 51   LEU A O   1 
ATOM   383  C  CB  . LEU A 1 51 ? 10.574  -6.523  7.778   1.00 25.48 ? 51   LEU A CB  1 
ATOM   384  C  CG  . LEU A 1 51 ? 10.773  -6.601  9.301   1.00 25.46 ? 51   LEU A CG  1 
ATOM   385  C  CD1 . LEU A 1 51 ? 12.175  -6.118  9.658   1.00 25.47 ? 51   LEU A CD1 1 
ATOM   386  C  CD2 . LEU A 1 51 ? 9.728   -5.757  10.020  1.00 25.44 ? 51   LEU A CD2 1 
ATOM   387  N  N   . LEU A 1 52 ? 9.874   -7.568  4.900   1.00 24.55 ? 52   LEU A N   1 
ATOM   388  C  CA  . LEU A 1 52 ? 9.848   -7.381  3.447   1.00 24.36 ? 52   LEU A CA  1 
ATOM   389  C  C   . LEU A 1 52 ? 8.440   -7.587  2.882   1.00 24.21 ? 52   LEU A C   1 
ATOM   390  O  O   . LEU A 1 52 ? 7.968   -6.799  2.060   1.00 24.18 ? 52   LEU A O   1 
ATOM   391  C  CB  . LEU A 1 52 ? 10.818  -8.355  2.765   1.00 29.15 ? 52   LEU A CB  1 
ATOM   392  C  CG  . LEU A 1 52 ? 11.000  -8.218  1.247   1.00 29.17 ? 52   LEU A CG  1 
ATOM   393  C  CD1 . LEU A 1 52 ? 11.689  -6.893  0.932   1.00 29.19 ? 52   LEU A CD1 1 
ATOM   394  C  CD2 . LEU A 1 52 ? 11.822  -9.382  0.712   1.00 29.20 ? 52   LEU A CD2 1 
ATOM   395  N  N   . ALA A 1 53 ? 7.770   -8.646  3.328   1.00 26.10 ? 53   ALA A N   1 
ATOM   396  C  CA  . ALA A 1 53 ? 6.421   -8.943  2.861   1.00 25.93 ? 53   ALA A CA  1 
ATOM   397  C  C   . ALA A 1 53 ? 5.446   -7.835  3.246   1.00 25.79 ? 53   ALA A C   1 
ATOM   398  O  O   . ALA A 1 53 ? 4.535   -7.506  2.482   1.00 25.75 ? 53   ALA A O   1 
ATOM   399  C  CB  . ALA A 1 53 ? 5.952   -10.274 3.438   1.00 32.75 ? 53   ALA A CB  1 
ATOM   400  N  N   . THR A 1 54 ? 5.638   -7.262  4.431   1.00 26.22 ? 54   THR A N   1 
ATOM   401  C  CA  . THR A 1 54 ? 4.772   -6.190  4.908   1.00 26.10 ? 54   THR A CA  1 
ATOM   402  C  C   . THR A 1 54 ? 4.894   -4.951  4.018   1.00 25.98 ? 54   THR A C   1 
ATOM   403  O  O   . THR A 1 54 ? 3.895   -4.296  3.713   1.00 25.92 ? 54   THR A O   1 
ATOM   404  C  CB  . THR A 1 54 ? 5.106   -5.820  6.374   1.00 29.72 ? 54   THR A CB  1 
ATOM   405  O  OG1 . THR A 1 54 ? 4.810   -6.937  7.226   1.00 29.77 ? 54   THR A OG1 1 
ATOM   406  C  CG2 . THR A 1 54 ? 4.284   -4.621  6.829   1.00 29.77 ? 54   THR A CG2 1 
ATOM   407  N  N   . LEU A 1 55 ? 6.114   -4.635  3.595   1.00 28.94 ? 55   LEU A N   1 
ATOM   408  C  CA  . LEU A 1 55 ? 6.345   -3.480  2.729   1.00 28.84 ? 55   LEU A CA  1 
ATOM   409  C  C   . LEU A 1 55 ? 5.877   -3.751  1.297   1.00 28.78 ? 55   LEU A C   1 
ATOM   410  O  O   . LEU A 1 55 ? 5.332   -2.865  0.637   1.00 28.81 ? 55   LEU A O   1 
ATOM   411  C  CB  . LEU A 1 55 ? 7.833   -3.106  2.726   1.00 23.60 ? 55   LEU A CB  1 
ATOM   412  C  CG  . LEU A 1 55 ? 8.399   -2.572  4.048   1.00 23.51 ? 55   LEU A CG  1 
ATOM   413  C  CD1 . LEU A 1 55 ? 9.912   -2.366  3.930   1.00 23.34 ? 55   LEU A CD1 1 
ATOM   414  C  CD2 . LEU A 1 55 ? 7.708   -1.253  4.397   1.00 23.36 ? 55   LEU A CD2 1 
ATOM   415  N  N   . LYS A 1 56 ? 6.089   -4.977  0.825   1.00 28.52 ? 56   LYS A N   1 
ATOM   416  C  CA  . LYS A 1 56 ? 5.703   -5.380  -0.531  1.00 28.41 ? 56   LYS A CA  1 
ATOM   417  C  C   . LYS A 1 56 ? 4.199   -5.314  -0.800  1.00 28.27 ? 56   LYS A C   1 
ATOM   418  O  O   . LYS A 1 56 ? 3.772   -4.953  -1.896  1.00 28.26 ? 56   LYS A O   1 
ATOM   419  C  CB  . LYS A 1 56 ? 6.171   -6.812  -0.810  1.00 45.14 ? 56   LYS A CB  1 
ATOM   420  C  CG  . LYS A 1 56 ? 7.675   -7.014  -0.876  1.00 45.21 ? 56   LYS A CG  1 
ATOM   421  C  CD  . LYS A 1 56 ? 8.236   -6.625  -2.229  1.00 45.18 ? 56   LYS A CD  1 
ATOM   422  C  CE  . LYS A 1 56 ? 9.695   -7.039  -2.348  1.00 45.20 ? 56   LYS A CE  1 
ATOM   423  N  NZ  . LYS A 1 56 ? 10.251  -6.777  -3.707  1.00 45.17 ? 56   LYS A NZ  1 
ATOM   424  N  N   . LYS A 1 57 ? 3.396   -5.670  0.196   1.00 32.74 ? 57   LYS A N   1 
ATOM   425  C  CA  . LYS A 1 57 ? 1.948   -5.675  0.019   1.00 32.59 ? 57   LYS A CA  1 
ATOM   426  C  C   . LYS A 1 57 ? 1.333   -4.307  -0.251  1.00 32.40 ? 57   LYS A C   1 
ATOM   427  O  O   . LYS A 1 57 ? 0.188   -4.227  -0.696  1.00 32.39 ? 57   LYS A O   1 
ATOM   428  C  CB  . LYS A 1 57 ? 1.263   -6.326  1.227   1.00 71.16 ? 57   LYS A CB  1 
ATOM   429  C  CG  . LYS A 1 57 ? 1.457   -5.603  2.544   1.00 71.22 ? 57   LYS A CG  1 
ATOM   430  C  CD  . LYS A 1 57 ? 0.763   -6.353  3.671   1.00 71.27 ? 57   LYS A CD  1 
ATOM   431  C  CE  . LYS A 1 57 ? 0.953   -5.656  5.007   1.00 71.29 ? 57   LYS A CE  1 
ATOM   432  N  NZ  . LYS A 1 57 ? 0.293   -6.406  6.115   1.00 71.42 ? 57   LYS A NZ  1 
ATOM   433  N  N   . THR A 1 58 ? 2.086   -3.236  0.004   1.00 29.22 ? 58   THR A N   1 
ATOM   434  C  CA  . THR A 1 58 ? 1.590   -1.878  -0.226  1.00 28.96 ? 58   THR A CA  1 
ATOM   435  C  C   . THR A 1 58 ? 1.487   -1.556  -1.716  1.00 28.72 ? 58   THR A C   1 
ATOM   436  O  O   . THR A 1 58 ? 0.844   -0.581  -2.105  1.00 28.64 ? 58   THR A O   1 
ATOM   437  C  CB  . THR A 1 58 ? 2.509   -0.811  0.408   1.00 25.71 ? 58   THR A CB  1 
ATOM   438  O  OG1 . THR A 1 58 ? 3.783   -0.821  -0.254  1.00 25.71 ? 58   THR A OG1 1 
ATOM   439  C  CG2 . THR A 1 58 ? 2.695   -1.078  1.892   1.00 25.83 ? 58   THR A CG2 1 
ATOM   440  N  N   . GLY A 1 59 ? 2.130   -2.374  -2.542  1.00 22.29 ? 59   GLY A N   1 
ATOM   441  C  CA  . GLY A 1 59 ? 2.105   -2.156  -3.975  1.00 22.01 ? 59   GLY A CA  1 
ATOM   442  C  C   . GLY A 1 59 ? 3.229   -1.260  -4.466  1.00 21.75 ? 59   GLY A C   1 
ATOM   443  O  O   . GLY A 1 59 ? 3.284   -0.926  -5.651  1.00 21.59 ? 59   GLY A O   1 
ATOM   444  N  N   . LYS A 1 60 ? 4.124   -0.863  -3.563  1.00 24.11 ? 60   LYS A N   1 
ATOM   445  C  CA  . LYS A 1 60 ? 5.247   -0.006  -3.938  1.00 24.06 ? 60   LYS A CA  1 
ATOM   446  C  C   . LYS A 1 60 ? 6.468   -0.863  -4.266  1.00 24.11 ? 60   LYS A C   1 
ATOM   447  O  O   . LYS A 1 60 ? 6.527   -2.032  -3.885  1.00 24.03 ? 60   LYS A O   1 
ATOM   448  C  CB  . LYS A 1 60 ? 5.579   0.970   -2.800  1.00 27.56 ? 60   LYS A CB  1 
ATOM   449  C  CG  . LYS A 1 60 ? 4.399   1.829   -2.360  1.00 27.50 ? 60   LYS A CG  1 
ATOM   450  C  CD  . LYS A 1 60 ? 4.809   2.905   -1.360  1.00 27.33 ? 60   LYS A CD  1 
ATOM   451  C  CE  . LYS A 1 60 ? 3.592   3.671   -0.826  1.00 27.23 ? 60   LYS A CE  1 
ATOM   452  N  NZ  . LYS A 1 60 ? 2.763   4.270   -1.922  1.00 27.07 ? 60   LYS A NZ  1 
ATOM   453  N  N   . THR A 1 61 ? 7.432   -0.285  -4.980  1.00 19.93 ? 61   THR A N   1 
ATOM   454  C  CA  . THR A 1 61 ? 8.653   -1.000  -5.358  1.00 19.99 ? 61   THR A CA  1 
ATOM   455  C  C   . THR A 1 61 ? 9.617   -1.003  -4.175  1.00 20.07 ? 61   THR A C   1 
ATOM   456  O  O   . THR A 1 61 ? 10.034  0.060   -3.715  1.00 20.01 ? 61   THR A O   1 
ATOM   457  C  CB  . THR A 1 61 ? 9.327   -0.323  -6.571  1.00 26.11 ? 61   THR A CB  1 
ATOM   458  O  OG1 . THR A 1 61 ? 8.428   -0.354  -7.688  1.00 26.02 ? 61   THR A OG1 1 
ATOM   459  C  CG2 . THR A 1 61 ? 10.614  -1.042  -6.943  1.00 26.15 ? 61   THR A CG2 1 
ATOM   460  N  N   . VAL A 1 62 ? 9.967   -2.199  -3.696  1.00 23.09 ? 62   VAL A N   1 
ATOM   461  C  CA  . VAL A 1 62 ? 10.846  -2.366  -2.532  1.00 23.30 ? 62   VAL A CA  1 
ATOM   462  C  C   . VAL A 1 62 ? 12.040  -3.295  -2.768  1.00 23.46 ? 62   VAL A C   1 
ATOM   463  O  O   . VAL A 1 62 ? 11.933  -4.275  -3.508  1.00 23.50 ? 62   VAL A O   1 
ATOM   464  C  CB  . VAL A 1 62 ? 10.046  -2.950  -1.340  1.00 22.42 ? 62   VAL A CB  1 
ATOM   465  C  CG1 . VAL A 1 62 ? 10.932  -3.060  -0.100  1.00 22.42 ? 62   VAL A CG1 1 
ATOM   466  C  CG2 . VAL A 1 62 ? 8.827   -2.086  -1.058  1.00 22.41 ? 62   VAL A CG2 1 
ATOM   467  N  N   . SER A 1 63 ? 13.169  -2.991  -2.123  1.00 21.86 ? 63   SER A N   1 
ATOM   468  C  CA  . SER A 1 63 ? 14.371  -3.826  -2.219  1.00 22.15 ? 63   SER A CA  1 
ATOM   469  C  C   . SER A 1 63 ? 15.172  -3.741  -0.912  1.00 22.37 ? 63   SER A C   1 
ATOM   470  O  O   . SER A 1 63 ? 15.171  -2.710  -0.240  1.00 22.36 ? 63   SER A O   1 
ATOM   471  C  CB  . SER A 1 63 ? 15.248  -3.405  -3.405  1.00 32.00 ? 63   SER A CB  1 
ATOM   472  O  OG  . SER A 1 63 ? 15.755  -2.094  -3.244  1.00 32.03 ? 63   SER A OG  1 
ATOM   473  N  N   . TYR A 1 64 ? 15.847  -4.833  -0.557  1.00 24.16 ? 64   TYR A N   1 
ATOM   474  C  CA  . TYR A 1 64 ? 16.637  -4.902  0.679   1.00 24.44 ? 64   TYR A CA  1 
ATOM   475  C  C   . TYR A 1 64 ? 18.052  -4.359  0.458   1.00 24.77 ? 64   TYR A C   1 
ATOM   476  O  O   . TYR A 1 64 ? 18.713  -4.727  -0.514  1.00 24.73 ? 64   TYR A O   1 
ATOM   477  C  CB  . TYR A 1 64 ? 16.714  -6.360  1.149   1.00 25.02 ? 64   TYR A CB  1 
ATOM   478  C  CG  . TYR A 1 64 ? 17.134  -6.555  2.589   1.00 24.85 ? 64   TYR A CG  1 
ATOM   479  C  CD1 . TYR A 1 64 ? 16.286  -6.204  3.642   1.00 24.75 ? 64   TYR A CD1 1 
ATOM   480  C  CD2 . TYR A 1 64 ? 18.367  -7.135  2.902   1.00 24.78 ? 64   TYR A CD2 1 
ATOM   481  C  CE1 . TYR A 1 64 ? 16.651  -6.431  4.971   1.00 24.66 ? 64   TYR A CE1 1 
ATOM   482  C  CE2 . TYR A 1 64 ? 18.742  -7.367  4.226   1.00 24.67 ? 64   TYR A CE2 1 
ATOM   483  C  CZ  . TYR A 1 64 ? 17.879  -7.017  5.254   1.00 24.61 ? 64   TYR A CZ  1 
ATOM   484  O  OH  . TYR A 1 64 ? 18.231  -7.276  6.558   1.00 24.49 ? 64   TYR A OH  1 
ATOM   485  N  N   . LEU A 1 65 ? 18.519  -3.505  1.369   1.00 21.64 ? 65   LEU A N   1 
ATOM   486  C  CA  . LEU A 1 65 ? 19.851  -2.903  1.249   1.00 22.12 ? 65   LEU A CA  1 
ATOM   487  C  C   . LEU A 1 65 ? 20.912  -3.459  2.201   1.00 22.47 ? 65   LEU A C   1 
ATOM   488  O  O   . LEU A 1 65 ? 22.074  -3.614  1.819   1.00 22.40 ? 65   LEU A O   1 
ATOM   489  C  CB  . LEU A 1 65 ? 19.755  -1.389  1.446   1.00 26.13 ? 65   LEU A CB  1 
ATOM   490  C  CG  . LEU A 1 65 ? 18.858  -0.631  0.463   1.00 26.24 ? 65   LEU A CG  1 
ATOM   491  C  CD1 . LEU A 1 65 ? 18.788  0.840   0.854   1.00 26.33 ? 65   LEU A CD1 1 
ATOM   492  C  CD2 . LEU A 1 65 ? 19.401  -0.788  -0.948  1.00 26.35 ? 65   LEU A CD2 1 
ATOM   493  N  N   . GLY A 1 66 ? 20.529  -3.747  3.439   1.00 26.90 ? 66   GLY A N   1 
ATOM   494  C  CA  . GLY A 1 66 ? 21.507  -4.262  4.379   1.00 27.40 ? 66   GLY A CA  1 
ATOM   495  C  C   . GLY A 1 66 ? 20.997  -4.493  5.786   1.00 27.80 ? 66   GLY A C   1 
ATOM   496  O  O   . GLY A 1 66 ? 19.851  -4.178  6.111   1.00 27.77 ? 66   GLY A O   1 
ATOM   497  N  N   . LEU A 1 67 ? 21.873  -5.033  6.628   1.00 23.11 ? 67   LEU A N   1 
ATOM   498  C  CA  . LEU A 1 67 ? 21.531  -5.344  8.005   1.00 23.64 ? 67   LEU A CA  1 
ATOM   499  C  C   . LEU A 1 67 ? 22.672  -5.049  8.974   1.00 23.94 ? 67   LEU A C   1 
ATOM   500  O  O   . LEU A 1 67 ? 23.849  -5.265  8.663   1.00 23.89 ? 67   LEU A O   1 
ATOM   501  C  CB  . LEU A 1 67 ? 21.150  -6.826  8.106   1.00 43.30 ? 67   LEU A CB  1 
ATOM   502  C  CG  . LEU A 1 67 ? 20.844  -7.415  9.483   1.00 43.50 ? 67   LEU A CG  1 
ATOM   503  C  CD1 . LEU A 1 67 ? 19.679  -6.675  10.120  1.00 43.68 ? 67   LEU A CD1 1 
ATOM   504  C  CD2 . LEU A 1 67 ? 20.515  -8.891  9.335   1.00 43.66 ? 67   LEU A CD2 1 
ATOM   505  N  N   . GLU A 1 68 ? 22.302  -4.550  10.148  1.00 41.61 ? 68   GLU A N   1 
ATOM   506  C  CA  . GLU A 1 68 ? 23.246  -4.231  11.206  1.00 41.88 ? 68   GLU A CA  1 
ATOM   507  C  C   . GLU A 1 68 ? 22.454  -4.132  12.510  1.00 41.97 ? 68   GLU A C   1 
ATOM   508  O  O   . GLU A 1 68 ? 22.557  -3.097  13.197  1.00 42.09 ? 68   GLU A O   1 
ATOM   509  C  CB  . GLU A 1 68 ? 23.963  -2.904  10.915  1.00 39.68 ? 68   GLU A CB  1 
ATOM   510  C  CG  . GLU A 1 68 ? 23.060  -1.677  10.883  1.00 40.05 ? 68   GLU A CG  1 
ATOM   511  C  CD  . GLU A 1 68 ? 23.840  -0.377  10.775  1.00 40.20 ? 68   GLU A CD  1 
ATOM   512  O  OE1 . GLU A 1 68 ? 24.339  -0.063  9.673   1.00 40.40 ? 68   GLU A OE1 1 
ATOM   513  O  OE2 . GLU A 1 68 ? 23.959  0.330   11.800  1.00 40.36 ? 68   GLU A OE2 1 
ATOM   514  O  OXT . GLU A 1 68 ? 21.730  -5.098  12.828  1.00 39.78 ? 68   GLU A OXT 1 
ATOM   515  N  N   . MET B 1 1  ? -21.531 -9.729  -12.506 1.00 41.97 ? 1    MET B N   1 
ATOM   516  C  CA  . MET B 1 1  ? -20.721 -8.547  -12.916 1.00 41.93 ? 1    MET B CA  1 
ATOM   517  C  C   . MET B 1 1  ? -21.085 -7.291  -12.122 1.00 41.71 ? 1    MET B C   1 
ATOM   518  O  O   . MET B 1 1  ? -21.337 -6.235  -12.698 1.00 41.76 ? 1    MET B O   1 
ATOM   519  C  CB  . MET B 1 1  ? -20.913 -8.280  -14.411 1.00 86.12 ? 1    MET B CB  1 
ATOM   520  C  CG  . MET B 1 1  ? -22.365 -8.093  -14.822 1.00 86.55 ? 1    MET B CG  1 
ATOM   521  S  SD  . MET B 1 1  ? -22.557 -7.712  -16.574 1.00 87.48 ? 1    MET B SD  1 
ATOM   522  C  CE  . MET B 1 1  ? -22.630 -5.917  -16.531 1.00 87.09 ? 1    MET B CE  1 
ATOM   523  N  N   . PRO B 1 2  ? -21.122 -7.393  -10.782 1.00 28.59 ? 2    PRO B N   1 
ATOM   524  C  CA  . PRO B 1 2  ? -21.459 -6.228  -9.952  1.00 28.23 ? 2    PRO B CA  1 
ATOM   525  C  C   . PRO B 1 2  ? -20.428 -5.107  -10.133 1.00 27.88 ? 2    PRO B C   1 
ATOM   526  O  O   . PRO B 1 2  ? -19.245 -5.377  -10.316 1.00 27.85 ? 2    PRO B O   1 
ATOM   527  C  CB  . PRO B 1 2  ? -21.439 -6.798  -8.535  1.00 32.86 ? 2    PRO B CB  1 
ATOM   528  C  CG  . PRO B 1 2  ? -21.793 -8.251  -8.742  1.00 32.98 ? 2    PRO B CG  1 
ATOM   529  C  CD  . PRO B 1 2  ? -20.973 -8.602  -9.953  1.00 33.08 ? 2    PRO B CD  1 
ATOM   530  N  N   . LYS B 1 3  ? -20.882 -3.856  -10.079 1.00 26.64 ? 3    LYS B N   1 
ATOM   531  C  CA  . LYS B 1 3  ? -19.990 -2.706  -10.238 1.00 26.22 ? 3    LYS B CA  1 
ATOM   532  C  C   . LYS B 1 3  ? -19.927 -1.887  -8.946  1.00 25.77 ? 3    LYS B C   1 
ATOM   533  O  O   . LYS B 1 3  ? -20.909 -1.253  -8.557  1.00 25.71 ? 3    LYS B O   1 
ATOM   534  C  CB  . LYS B 1 3  ? -20.480 -1.826  -11.391 1.00 58.09 ? 3    LYS B CB  1 
ATOM   535  C  CG  . LYS B 1 3  ? -20.590 -2.561  -12.720 1.00 58.45 ? 3    LYS B CG  1 
ATOM   536  C  CD  . LYS B 1 3  ? -21.231 -1.692  -13.792 1.00 58.77 ? 3    LYS B CD  1 
ATOM   537  C  CE  . LYS B 1 3  ? -21.450 -2.474  -15.080 1.00 58.96 ? 3    LYS B CE  1 
ATOM   538  N  NZ  . LYS B 1 3  ? -22.153 -1.667  -16.119 1.00 59.18 ? 3    LYS B NZ  1 
ATOM   539  N  N   . HIS B 1 4  ? -18.765 -1.904  -8.295  1.00 27.01 ? 4    HIS B N   1 
ATOM   540  C  CA  . HIS B 1 4  ? -18.545 -1.191  -7.031  1.00 26.53 ? 4    HIS B CA  1 
ATOM   541  C  C   . HIS B 1 4  ? -17.744 0.097   -7.212  1.00 26.09 ? 4    HIS B C   1 
ATOM   542  O  O   . HIS B 1 4  ? -16.965 0.227   -8.157  1.00 26.02 ? 4    HIS B O   1 
ATOM   543  C  CB  . HIS B 1 4  ? -17.776 -2.086  -6.052  1.00 22.22 ? 4    HIS B CB  1 
ATOM   544  C  CG  . HIS B 1 4  ? -18.471 -3.369  -5.711  1.00 22.50 ? 4    HIS B CG  1 
ATOM   545  N  ND1 . HIS B 1 4  ? -19.420 -3.463  -4.714  1.00 22.59 ? 4    HIS B ND1 1 
ATOM   546  C  CD2 . HIS B 1 4  ? -18.347 -4.615  -6.230  1.00 22.61 ? 4    HIS B CD2 1 
ATOM   547  C  CE1 . HIS B 1 4  ? -19.851 -4.710  -4.634  1.00 22.71 ? 4    HIS B CE1 1 
ATOM   548  N  NE2 . HIS B 1 4  ? -19.215 -5.430  -5.543  1.00 22.74 ? 4    HIS B NE2 1 
ATOM   549  N  N   . GLU B 1 5  ? -17.930 1.044   -6.294  1.00 20.70 ? 5    GLU B N   1 
ATOM   550  C  CA  . GLU B 1 5  ? -17.190 2.303   -6.327  1.00 20.21 ? 5    GLU B CA  1 
ATOM   551  C  C   . GLU B 1 5  ? -16.598 2.558   -4.940  1.00 19.78 ? 5    GLU B C   1 
ATOM   552  O  O   . GLU B 1 5  ? -17.309 2.449   -3.935  1.00 19.73 ? 5    GLU B O   1 
ATOM   553  C  CB  . GLU B 1 5  ? -18.109 3.467   -6.710  1.00 46.94 ? 5    GLU B CB  1 
ATOM   554  C  CG  . GLU B 1 5  ? -18.927 3.229   -7.966  1.00 47.27 ? 5    GLU B CG  1 
ATOM   555  C  CD  . GLU B 1 5  ? -19.623 4.484   -8.460  1.00 47.44 ? 5    GLU B CD  1 
ATOM   556  O  OE1 . GLU B 1 5  ? -20.261 5.181   -7.640  1.00 47.55 ? 5    GLU B OE1 1 
ATOM   557  O  OE2 . GLU B 1 5  ? -19.540 4.769   -9.675  1.00 47.65 ? 5    GLU B OE2 1 
ATOM   558  N  N   . PHE B 1 6  ? -15.309 2.887   -4.887  1.00 20.50 ? 6    PHE B N   1 
ATOM   559  C  CA  . PHE B 1 6  ? -14.621 3.161   -3.621  1.00 20.07 ? 6    PHE B CA  1 
ATOM   560  C  C   . PHE B 1 6  ? -13.921 4.518   -3.596  1.00 19.84 ? 6    PHE B C   1 
ATOM   561  O  O   . PHE B 1 6  ? -13.546 5.061   -4.637  1.00 19.77 ? 6    PHE B O   1 
ATOM   562  C  CB  . PHE B 1 6  ? -13.537 2.109   -3.330  1.00 19.34 ? 6    PHE B CB  1 
ATOM   563  C  CG  . PHE B 1 6  ? -14.061 0.721   -3.076  1.00 19.23 ? 6    PHE B CG  1 
ATOM   564  C  CD1 . PHE B 1 6  ? -14.349 -0.137  -4.134  1.00 19.21 ? 6    PHE B CD1 1 
ATOM   565  C  CD2 . PHE B 1 6  ? -14.238 0.261   -1.771  1.00 19.23 ? 6    PHE B CD2 1 
ATOM   566  C  CE1 . PHE B 1 6  ? -14.806 -1.443  -3.897  1.00 19.14 ? 6    PHE B CE1 1 
ATOM   567  C  CE2 . PHE B 1 6  ? -14.694 -1.035  -1.520  1.00 19.19 ? 6    PHE B CE2 1 
ATOM   568  C  CZ  . PHE B 1 6  ? -14.977 -1.888  -2.585  1.00 19.24 ? 6    PHE B CZ  1 
ATOM   569  N  N   . SER B 1 7  ? -13.736 5.050   -2.392  1.00 20.47 ? 7    SER B N   1 
ATOM   570  C  CA  . SER B 1 7  ? -13.027 6.307   -2.191  1.00 20.24 ? 7    SER B CA  1 
ATOM   571  C  C   . SER B 1 7  ? -11.638 5.910   -1.668  1.00 20.06 ? 7    SER B C   1 
ATOM   572  O  O   . SER B 1 7  ? -11.535 5.128   -0.720  1.00 20.00 ? 7    SER B O   1 
ATOM   573  C  CB  . SER B 1 7  ? -13.756 7.163   -1.149  1.00 32.80 ? 7    SER B CB  1 
ATOM   574  O  OG  . SER B 1 7  ? -13.084 8.392   -0.929  1.00 32.90 ? 7    SER B OG  1 
ATOM   575  N  N   . VAL B 1 8  ? -10.577 6.413   -2.301  1.00 20.51 ? 8    VAL B N   1 
ATOM   576  C  CA  . VAL B 1 8  ? -9.197  6.113   -1.885  1.00 20.29 ? 8    VAL B CA  1 
ATOM   577  C  C   . VAL B 1 8  ? -8.419  7.436   -1.945  1.00 20.15 ? 8    VAL B C   1 
ATOM   578  O  O   . VAL B 1 8  ? -8.347  8.064   -3.005  1.00 20.11 ? 8    VAL B O   1 
ATOM   579  C  CB  . VAL B 1 8  ? -8.543  5.073   -2.840  1.00 20.80 ? 8    VAL B CB  1 
ATOM   580  C  CG1 . VAL B 1 8  ? -7.157  4.686   -2.337  1.00 20.77 ? 8    VAL B CG1 1 
ATOM   581  C  CG2 . VAL B 1 8  ? -9.427  3.833   -2.946  1.00 20.75 ? 8    VAL B CG2 1 
ATOM   582  N  N   . ASP B 1 9  ? -7.836  7.863   -0.824  1.00 26.45 ? 9    ASP B N   1 
ATOM   583  C  CA  . ASP B 1 9  ? -7.127  9.145   -0.802  1.00 26.39 ? 9    ASP B CA  1 
ATOM   584  C  C   . ASP B 1 9  ? -5.722  9.171   -1.409  1.00 26.28 ? 9    ASP B C   1 
ATOM   585  O  O   . ASP B 1 9  ? -4.721  9.358   -0.710  1.00 26.40 ? 9    ASP B O   1 
ATOM   586  C  CB  . ASP B 1 9  ? -7.110  9.715   0.631   1.00 35.08 ? 9    ASP B CB  1 
ATOM   587  C  CG  . ASP B 1 9  ? -6.074  9.059   1.526   1.00 35.17 ? 9    ASP B CG  1 
ATOM   588  O  OD1 . ASP B 1 9  ? -5.835  7.840   1.392   1.00 35.23 ? 9    ASP B OD1 1 
ATOM   589  O  OD2 . ASP B 1 9  ? -5.502  9.774   2.381   1.00 35.30 ? 9    ASP B OD2 1 
ATOM   590  N  N   . MET B 1 10 ? -5.665  8.988   -2.726  1.00 21.23 ? 10   MET B N   1 
ATOM   591  C  CA  . MET B 1 10 ? -4.413  9.012   -3.480  1.00 21.06 ? 10   MET B CA  1 
ATOM   592  C  C   . MET B 1 10 ? -4.021  10.478  -3.682  1.00 21.08 ? 10   MET B C   1 
ATOM   593  O  O   . MET B 1 10 ? -4.881  11.311  -3.977  1.00 21.08 ? 10   MET B O   1 
ATOM   594  C  CB  . MET B 1 10 ? -4.620  8.354   -4.847  1.00 22.29 ? 10   MET B CB  1 
ATOM   595  C  CG  . MET B 1 10 ? -5.221  6.952   -4.790  1.00 21.90 ? 10   MET B CG  1 
ATOM   596  S  SD  . MET B 1 10 ? -5.816  6.374   -6.407  1.00 21.46 ? 10   MET B SD  1 
ATOM   597  C  CE  . MET B 1 10 ? -7.407  7.244   -6.517  1.00 21.37 ? 10   MET B CE  1 
ATOM   598  N  N   . THR B 1 11 ? -2.736  10.798  -3.536  1.00 28.92 ? 11   THR B N   1 
ATOM   599  C  CA  . THR B 1 11 ? -2.293  12.182  -3.711  1.00 28.98 ? 11   THR B CA  1 
ATOM   600  C  C   . THR B 1 11 ? -1.321  12.447  -4.867  1.00 28.80 ? 11   THR B C   1 
ATOM   601  O  O   . THR B 1 11 ? -1.109  13.601  -5.239  1.00 28.85 ? 11   THR B O   1 
ATOM   602  C  CB  . THR B 1 11 ? -1.702  12.747  -2.393  1.00 34.46 ? 11   THR B CB  1 
ATOM   603  O  OG1 . THR B 1 11 ? -0.757  11.825  -1.842  1.00 34.79 ? 11   THR B OG1 1 
ATOM   604  C  CG2 . THR B 1 11 ? -2.813  12.985  -1.384  1.00 34.66 ? 11   THR B CG2 1 
ATOM   605  N  N   . CYS B 1 12 ? -0.730  11.397  -5.434  1.00 20.23 ? 12   CYS B N   1 
ATOM   606  C  CA  . CYS B 1 12 ? 0.180   11.558  -6.576  1.00 20.02 ? 12   CYS B CA  1 
ATOM   607  C  C   . CYS B 1 12 ? 0.098   10.351  -7.506  1.00 19.81 ? 12   CYS B C   1 
ATOM   608  O  O   . CYS B 1 12 ? -0.572  9.365   -7.192  1.00 19.88 ? 12   CYS B O   1 
ATOM   609  C  CB  . CYS B 1 12 ? 1.637   11.756  -6.114  1.00 24.68 ? 12   CYS B CB  1 
ATOM   610  S  SG  . CYS B 1 12 ? 2.578   10.246  -5.731  1.00 24.50 ? 12   CYS B SG  1 
ATOM   611  N  N   . GLY B 1 13 ? 0.778   10.434  -8.648  1.00 20.67 ? 13   GLY B N   1 
ATOM   612  C  CA  . GLY B 1 13 ? 0.766   9.344   -9.610  1.00 20.53 ? 13   GLY B CA  1 
ATOM   613  C  C   . GLY B 1 13 ? 1.290   8.044   -9.031  1.00 20.43 ? 13   GLY B C   1 
ATOM   614  O  O   . GLY B 1 13 ? 0.831   6.962   -9.404  1.00 20.32 ? 13   GLY B O   1 
ATOM   615  N  N   . GLY B 1 14 ? 2.263   8.152   -8.129  1.00 22.95 ? 14   GLY B N   1 
ATOM   616  C  CA  . GLY B 1 14 ? 2.825   6.977   -7.485  1.00 22.98 ? 14   GLY B CA  1 
ATOM   617  C  C   . GLY B 1 14 ? 1.773   6.257   -6.654  1.00 22.87 ? 14   GLY B C   1 
ATOM   618  O  O   . GLY B 1 14 ? 1.795   5.024   -6.542  1.00 22.72 ? 14   GLY B O   1 
ATOM   619  N  N   . CYS B 1 15 ? 0.856   7.024   -6.066  1.00 22.10 ? 15   CYS B N   1 
ATOM   620  C  CA  . CYS B 1 15 ? -0.219  6.445   -5.267  1.00 22.12 ? 15   CYS B CA  1 
ATOM   621  C  C   . CYS B 1 15 ? -1.113  5.593   -6.167  1.00 22.06 ? 15   CYS B C   1 
ATOM   622  O  O   . CYS B 1 15 ? -1.521  4.490   -5.788  1.00 22.12 ? 15   CYS B O   1 
ATOM   623  C  CB  . CYS B 1 15 ? -1.073  7.544   -4.615  1.00 24.23 ? 15   CYS B CB  1 
ATOM   624  S  SG  . CYS B 1 15 ? -0.334  8.381   -3.185  1.00 24.33 ? 15   CYS B SG  1 
ATOM   625  N  N   . ALA B 1 16 ? -1.418  6.114   -7.354  1.00 19.88 ? 16   ALA B N   1 
ATOM   626  C  CA  . ALA B 1 16 ? -2.266  5.413   -8.321  1.00 19.78 ? 16   ALA B CA  1 
ATOM   627  C  C   . ALA B 1 16 ? -1.609  4.129   -8.827  1.00 19.74 ? 16   ALA B C   1 
ATOM   628  O  O   . ALA B 1 16 ? -2.281  3.107   -8.992  1.00 19.72 ? 16   ALA B O   1 
ATOM   629  C  CB  . ALA B 1 16 ? -2.599  6.336   -9.502  1.00 18.88 ? 16   ALA B CB  1 
ATOM   630  N  N   . GLU B 1 17 ? -0.302  4.179   -9.075  1.00 18.97 ? 17   GLU B N   1 
ATOM   631  C  CA  . GLU B 1 17 ? 0.424   3.001   -9.546  1.00 18.87 ? 17   GLU B CA  1 
ATOM   632  C  C   . GLU B 1 17 ? 0.364   1.871   -8.513  1.00 18.81 ? 17   GLU B C   1 
ATOM   633  O  O   . GLU B 1 17 ? 0.205   0.705   -8.874  1.00 18.72 ? 17   GLU B O   1 
ATOM   634  C  CB  . GLU B 1 17 ? 1.888   3.352   -9.839  1.00 29.23 ? 17   GLU B CB  1 
ATOM   635  C  CG  . GLU B 1 17 ? 2.079   4.438   -10.892 1.00 29.37 ? 17   GLU B CG  1 
ATOM   636  C  CD  . GLU B 1 17 ? 3.542   4.778   -11.123 1.00 29.44 ? 17   GLU B CD  1 
ATOM   637  O  OE1 . GLU B 1 17 ? 4.326   4.747   -10.146 1.00 29.64 ? 17   GLU B OE1 1 
ATOM   638  O  OE2 . GLU B 1 17 ? 3.907   5.091   -12.277 1.00 29.50 ? 17   GLU B OE2 1 
ATOM   639  N  N   . ALA B 1 18 ? 0.497   2.214   -7.233  1.00 21.60 ? 18   ALA B N   1 
ATOM   640  C  CA  . ALA B 1 18 ? 0.451   1.214   -6.161  1.00 21.56 ? 18   ALA B CA  1 
ATOM   641  C  C   . ALA B 1 18 ? -0.933  0.563   -6.051  1.00 21.57 ? 18   ALA B C   1 
ATOM   642  O  O   . ALA B 1 18 ? -1.040  -0.628  -5.752  1.00 21.47 ? 18   ALA B O   1 
ATOM   643  C  CB  . ALA B 1 18 ? 0.844   1.847   -4.827  1.00 22.68 ? 18   ALA B CB  1 
ATOM   644  N  N   . VAL B 1 19 ? -1.988  1.345   -6.277  1.00 20.59 ? 19   VAL B N   1 
ATOM   645  C  CA  . VAL B 1 19 ? -3.351  0.806   -6.234  1.00 20.61 ? 19   VAL B CA  1 
ATOM   646  C  C   . VAL B 1 19 ? -3.495  -0.202  -7.376  1.00 20.64 ? 19   VAL B C   1 
ATOM   647  O  O   . VAL B 1 19 ? -4.081  -1.276  -7.211  1.00 20.65 ? 19   VAL B O   1 
ATOM   648  C  CB  . VAL B 1 19 ? -4.414  1.940   -6.390  1.00 19.47 ? 19   VAL B CB  1 
ATOM   649  C  CG1 . VAL B 1 19 ? -5.803  1.345   -6.647  1.00 19.58 ? 19   VAL B CG1 1 
ATOM   650  C  CG2 . VAL B 1 19 ? -4.443  2.792   -5.124  1.00 19.50 ? 19   VAL B CG2 1 
ATOM   651  N  N   . SER B 1 20 ? -2.940  0.143   -8.534  1.00 20.33 ? 20   SER B N   1 
ATOM   652  C  CA  . SER B 1 20 ? -2.984  -0.735  -9.702  1.00 20.38 ? 20   SER B CA  1 
ATOM   653  C  C   . SER B 1 20 ? -2.275  -2.067  -9.427  1.00 20.47 ? 20   SER B C   1 
ATOM   654  O  O   . SER B 1 20 ? -2.785  -3.135  -9.775  1.00 20.43 ? 20   SER B O   1 
ATOM   655  C  CB  . SER B 1 20 ? -2.328  -0.037  -10.902 1.00 23.63 ? 20   SER B CB  1 
ATOM   656  O  OG  . SER B 1 20 ? -2.224  -0.908  -12.017 1.00 23.54 ? 20   SER B OG  1 
ATOM   657  N  N   . ARG B 1 21 ? -1.106  -2.007  -8.794  1.00 20.21 ? 21   ARG B N   1 
ATOM   658  C  CA  . ARG B 1 21 ? -0.349  -3.225  -8.500  1.00 20.41 ? 21   ARG B CA  1 
ATOM   659  C  C   . ARG B 1 21 ? -1.069  -4.204  -7.571  1.00 20.53 ? 21   ARG B C   1 
ATOM   660  O  O   . ARG B 1 21 ? -1.055  -5.409  -7.829  1.00 20.50 ? 21   ARG B O   1 
ATOM   661  C  CB  . ARG B 1 21 ? 1.034   -2.892  -7.909  1.00 25.48 ? 21   ARG B CB  1 
ATOM   662  C  CG  . ARG B 1 21 ? 2.037   -2.312  -8.908  1.00 25.50 ? 21   ARG B CG  1 
ATOM   663  C  CD  . ARG B 1 21 ? 3.485   -2.508  -8.443  1.00 25.47 ? 21   ARG B CD  1 
ATOM   664  N  NE  . ARG B 1 21 ? 4.433   -1.846  -9.338  1.00 25.54 ? 21   ARG B NE  1 
ATOM   665  C  CZ  . ARG B 1 21 ? 4.787   -0.566  -9.246  1.00 25.58 ? 21   ARG B CZ  1 
ATOM   666  N  NH1 . ARG B 1 21 ? 4.286   0.203   -8.288  1.00 25.54 ? 21   ARG B NH1 1 
ATOM   667  N  NH2 . ARG B 1 21 ? 5.620   -0.047  -10.135 1.00 25.71 ? 21   ARG B NH2 1 
ATOM   668  N  N   . VAL B 1 22 ? -1.695  -3.708  -6.504  1.00 23.17 ? 22   VAL B N   1 
ATOM   669  C  CA  . VAL B 1 22 ? -2.390  -4.604  -5.577  1.00 23.33 ? 22   VAL B CA  1 
ATOM   670  C  C   . VAL B 1 22 ? -3.629  -5.223  -6.221  1.00 23.49 ? 22   VAL B C   1 
ATOM   671  O  O   . VAL B 1 22 ? -3.984  -6.364  -5.915  1.00 23.50 ? 22   VAL B O   1 
ATOM   672  C  CB  . VAL B 1 22 ? -2.797  -3.897  -4.237  1.00 24.67 ? 22   VAL B CB  1 
ATOM   673  C  CG1 . VAL B 1 22 ? -1.554  -3.341  -3.541  1.00 24.69 ? 22   VAL B CG1 1 
ATOM   674  C  CG2 . VAL B 1 22 ? -3.816  -2.798  -4.489  1.00 24.81 ? 22   VAL B CG2 1 
ATOM   675  N  N   . LEU B 1 23 ? -4.277  -4.485  -7.122  1.00 21.38 ? 23   LEU B N   1 
ATOM   676  C  CA  . LEU B 1 23 ? -5.456  -5.016  -7.794  1.00 21.62 ? 23   LEU B CA  1 
ATOM   677  C  C   . LEU B 1 23 ? -5.041  -6.052  -8.843  1.00 21.78 ? 23   LEU B C   1 
ATOM   678  O  O   . LEU B 1 23 ? -5.717  -7.067  -9.014  1.00 21.83 ? 23   LEU B O   1 
ATOM   679  C  CB  . LEU B 1 23 ? -6.276  -3.886  -8.429  1.00 21.70 ? 23   LEU B CB  1 
ATOM   680  C  CG  . LEU B 1 23 ? -6.966  -2.946  -7.424  1.00 21.68 ? 23   LEU B CG  1 
ATOM   681  C  CD1 . LEU B 1 23 ? -7.753  -1.872  -8.167  1.00 21.59 ? 23   LEU B CD1 1 
ATOM   682  C  CD2 . LEU B 1 23 ? -7.896  -3.753  -6.515  1.00 21.62 ? 23   LEU B CD2 1 
ATOM   683  N  N   . ASN B 1 24 ? -3.927  -5.805  -9.531  1.00 22.27 ? 24   ASN B N   1 
ATOM   684  C  CA  . ASN B 1 24 ? -3.424  -6.748  -10.533 1.00 22.52 ? 24   ASN B CA  1 
ATOM   685  C  C   . ASN B 1 24 ? -3.054  -8.062  -9.841  1.00 22.68 ? 24   ASN B C   1 
ATOM   686  O  O   . ASN B 1 24 ? -3.233  -9.148  -10.402 1.00 22.64 ? 24   ASN B O   1 
ATOM   687  C  CB  . ASN B 1 24 ? -2.172  -6.193  -11.235 1.00 23.58 ? 24   ASN B CB  1 
ATOM   688  C  CG  . ASN B 1 24 ? -2.491  -5.152  -12.307 1.00 23.63 ? 24   ASN B CG  1 
ATOM   689  O  OD1 . ASN B 1 24 ? -1.582  -4.546  -12.880 1.00 23.78 ? 24   ASN B OD1 1 
ATOM   690  N  ND2 . ASN B 1 24 ? -3.772  -4.949  -12.589 1.00 23.58 ? 24   ASN B ND2 1 
ATOM   691  N  N   . LYS B 1 25 ? -2.536  -7.955  -8.620  1.00 26.82 ? 25   LYS B N   1 
ATOM   692  C  CA  . LYS B 1 25 ? -2.124  -9.124  -7.837  1.00 27.01 ? 25   LYS B CA  1 
ATOM   693  C  C   . LYS B 1 25 ? -3.310  -9.994  -7.414  1.00 27.13 ? 25   LYS B C   1 
ATOM   694  O  O   . LYS B 1 25 ? -3.204  -11.224 -7.373  1.00 27.20 ? 25   LYS B O   1 
ATOM   695  C  CB  . LYS B 1 25 ? -1.344  -8.676  -6.596  1.00 52.13 ? 25   LYS B CB  1 
ATOM   696  C  CG  . LYS B 1 25 ? -0.732  -9.816  -5.792  1.00 52.33 ? 25   LYS B CG  1 
ATOM   697  C  CD  . LYS B 1 25 ? -0.058  -9.297  -4.528  1.00 52.59 ? 25   LYS B CD  1 
ATOM   698  C  CE  . LYS B 1 25 ? 0.603   -10.418 -3.733  1.00 52.65 ? 25   LYS B CE  1 
ATOM   699  N  NZ  . LYS B 1 25 ? 1.750   -11.023 -4.465  1.00 52.88 ? 25   LYS B NZ  1 
ATOM   700  N  N   . LEU B 1 26 ? -4.435  -9.358  -7.099  1.00 27.53 ? 26   LEU B N   1 
ATOM   701  C  CA  . LEU B 1 26 ? -5.635  -10.088 -6.695  1.00 27.69 ? 26   LEU B CA  1 
ATOM   702  C  C   . LEU B 1 26 ? -6.209  -10.838 -7.896  1.00 27.77 ? 26   LEU B C   1 
ATOM   703  O  O   . LEU B 1 26 ? -6.527  -12.027 -7.806  1.00 27.95 ? 26   LEU B O   1 
ATOM   704  C  CB  . LEU B 1 26 ? -6.690  -9.123  -6.138  1.00 28.23 ? 26   LEU B CB  1 
ATOM   705  C  CG  . LEU B 1 26 ? -8.057  -9.728  -5.788  1.00 28.23 ? 26   LEU B CG  1 
ATOM   706  C  CD1 . LEU B 1 26 ? -7.907  -10.760 -4.679  1.00 28.26 ? 26   LEU B CD1 1 
ATOM   707  C  CD2 . LEU B 1 26 ? -9.008  -8.623  -5.355  1.00 28.26 ? 26   LEU B CD2 1 
ATOM   708  N  N   . GLY B 1 27 ? -6.339  -10.135 -9.016  1.00 28.01 ? 27   GLY B N   1 
ATOM   709  C  CA  . GLY B 1 27 ? -6.870  -10.749 -10.222 1.00 28.14 ? 27   GLY B CA  1 
ATOM   710  C  C   . GLY B 1 27 ? -8.385  -10.805 -10.258 1.00 28.25 ? 27   GLY B C   1 
ATOM   711  O  O   . GLY B 1 27 ? -9.053  -10.511 -9.264  1.00 28.39 ? 27   GLY B O   1 
ATOM   712  N  N   . GLY B 1 28 ? -8.927  -11.183 -11.414 1.00 29.17 ? 28   GLY B N   1 
ATOM   713  C  CA  . GLY B 1 28 ? -10.368 -11.279 -11.569 1.00 29.18 ? 28   GLY B CA  1 
ATOM   714  C  C   . GLY B 1 28 ? -11.086 -9.959  -11.372 1.00 29.14 ? 28   GLY B C   1 
ATOM   715  O  O   . GLY B 1 28 ? -12.188 -9.925  -10.823 1.00 29.11 ? 28   GLY B O   1 
ATOM   716  N  N   . VAL B 1 29 ? -10.466 -8.872  -11.821 1.00 30.79 ? 29   VAL B N   1 
ATOM   717  C  CA  . VAL B 1 29 ? -11.055 -7.543  -11.689 1.00 30.71 ? 29   VAL B CA  1 
ATOM   718  C  C   . VAL B 1 29 ? -10.867 -6.686  -12.941 1.00 30.63 ? 29   VAL B C   1 
ATOM   719  O  O   . VAL B 1 29 ? -9.922  -6.878  -13.706 1.00 30.66 ? 29   VAL B O   1 
ATOM   720  C  CB  . VAL B 1 29 ? -10.436 -6.762  -10.501 1.00 21.99 ? 29   VAL B CB  1 
ATOM   721  C  CG1 . VAL B 1 29 ? -10.791 -7.434  -9.179  1.00 21.99 ? 29   VAL B CG1 1 
ATOM   722  C  CG2 . VAL B 1 29 ? -8.921  -6.682  -10.667 1.00 22.01 ? 29   VAL B CG2 1 
ATOM   723  N  N   . LYS B 1 30 ? -11.792 -5.753  -13.138 1.00 26.23 ? 30   LYS B N   1 
ATOM   724  C  CA  . LYS B 1 30 ? -11.752 -4.795  -14.244 1.00 26.09 ? 30   LYS B CA  1 
ATOM   725  C  C   . LYS B 1 30 ? -11.910 -3.455  -13.524 1.00 25.93 ? 30   LYS B C   1 
ATOM   726  O  O   . LYS B 1 30 ? -12.992 -3.152  -13.024 1.00 25.94 ? 30   LYS B O   1 
ATOM   727  C  CB  . LYS B 1 30 ? -12.926 -5.015  -15.200 1.00 57.05 ? 30   LYS B CB  1 
ATOM   728  C  CG  . LYS B 1 30 ? -12.941 -6.375  -15.877 1.00 57.23 ? 30   LYS B CG  1 
ATOM   729  C  CD  . LYS B 1 30 ? -14.132 -6.502  -16.815 1.00 57.52 ? 30   LYS B CD  1 
ATOM   730  C  CE  . LYS B 1 30 ? -14.141 -7.844  -17.528 1.00 57.65 ? 30   LYS B CE  1 
ATOM   731  N  NZ  . LYS B 1 30 ? -15.309 -7.973  -18.443 1.00 57.92 ? 30   LYS B NZ  1 
ATOM   732  N  N   . TYR B 1 31 ? -10.844 -2.659  -13.463 1.00 24.78 ? 31   TYR B N   1 
ATOM   733  C  CA  . TYR B 1 31 ? -10.899 -1.388  -12.738 1.00 24.66 ? 31   TYR B CA  1 
ATOM   734  C  C   . TYR B 1 31 ? -10.544 -0.111  -13.504 1.00 24.59 ? 31   TYR B C   1 
ATOM   735  O  O   . TYR B 1 31 ? -9.914  -0.145  -14.567 1.00 24.53 ? 31   TYR B O   1 
ATOM   736  C  CB  . TYR B 1 31 ? -10.007 -1.472  -11.487 1.00 21.09 ? 31   TYR B CB  1 
ATOM   737  C  CG  . TYR B 1 31 ? -8.542  -1.691  -11.794 1.00 21.08 ? 31   TYR B CG  1 
ATOM   738  C  CD1 . TYR B 1 31 ? -8.026  -2.977  -11.964 1.00 21.12 ? 31   TYR B CD1 1 
ATOM   739  C  CD2 . TYR B 1 31 ? -7.678  -0.607  -11.967 1.00 21.11 ? 31   TYR B CD2 1 
ATOM   740  C  CE1 . TYR B 1 31 ? -6.688  -3.179  -12.301 1.00 21.15 ? 31   TYR B CE1 1 
ATOM   741  C  CE2 . TYR B 1 31 ? -6.339  -0.796  -12.308 1.00 21.16 ? 31   TYR B CE2 1 
ATOM   742  C  CZ  . TYR B 1 31 ? -5.852  -2.082  -12.474 1.00 21.14 ? 31   TYR B CZ  1 
ATOM   743  O  OH  . TYR B 1 31 ? -4.538  -2.274  -12.832 1.00 21.17 ? 31   TYR B OH  1 
ATOM   744  N  N   . ASP B 1 32 ? -10.952 1.017   -12.927 1.00 24.41 ? 32   ASP B N   1 
ATOM   745  C  CA  . ASP B 1 32 ? -10.713 2.349   -13.481 1.00 24.39 ? 32   ASP B CA  1 
ATOM   746  C  C   . ASP B 1 32 ? -10.349 3.289   -12.326 1.00 24.24 ? 32   ASP B C   1 
ATOM   747  O  O   . ASP B 1 32 ? -11.073 3.361   -11.332 1.00 24.17 ? 32   ASP B O   1 
ATOM   748  C  CB  . ASP B 1 32 ? -11.975 2.842   -14.195 1.00 49.28 ? 32   ASP B CB  1 
ATOM   749  C  CG  . ASP B 1 32 ? -11.874 4.287   -14.627 1.00 49.59 ? 32   ASP B CG  1 
ATOM   750  O  OD1 . ASP B 1 32 ? -12.002 5.183   -13.764 1.00 49.80 ? 32   ASP B OD1 1 
ATOM   751  O  OD2 . ASP B 1 32 ? -11.659 4.525   -15.832 1.00 50.02 ? 32   ASP B OD2 1 
ATOM   752  N  N   . ILE B 1 33 ? -9.236  4.006   -12.462 1.00 19.84 ? 33   ILE B N   1 
ATOM   753  C  CA  . ILE B 1 33 ? -8.751  4.909   -11.411 1.00 19.61 ? 33   ILE B CA  1 
ATOM   754  C  C   . ILE B 1 33 ? -8.810  6.397   -11.792 1.00 19.60 ? 33   ILE B C   1 
ATOM   755  O  O   . ILE B 1 33 ? -8.253  6.804   -12.814 1.00 19.56 ? 33   ILE B O   1 
ATOM   756  C  CB  . ILE B 1 33 ? -7.285  4.546   -11.042 1.00 20.51 ? 33   ILE B CB  1 
ATOM   757  C  CG1 . ILE B 1 33 ? -7.229  3.123   -10.469 1.00 20.32 ? 33   ILE B CG1 1 
ATOM   758  C  CG2 . ILE B 1 33 ? -6.717  5.554   -10.054 1.00 20.40 ? 33   ILE B CG2 1 
ATOM   759  C  CD1 . ILE B 1 33 ? -5.816  2.533   -10.393 1.00 20.29 ? 33   ILE B CD1 1 
ATOM   760  N  N   . ASP B 1 34 ? -9.485  7.197   -10.964 1.00 21.73 ? 34   ASP B N   1 
ATOM   761  C  CA  . ASP B 1 34 ? -9.613  8.643   -11.190 1.00 21.80 ? 34   ASP B CA  1 
ATOM   762  C  C   . ASP B 1 34 ? -8.840  9.373   -10.084 1.00 21.77 ? 34   ASP B C   1 
ATOM   763  O  O   . ASP B 1 34 ? -9.387  9.670   -9.013  1.00 21.76 ? 34   ASP B O   1 
ATOM   764  C  CB  . ASP B 1 34 ? -11.093 9.056   -11.154 1.00 30.92 ? 34   ASP B CB  1 
ATOM   765  C  CG  . ASP B 1 34 ? -11.316 10.502  -11.587 1.00 31.13 ? 34   ASP B CG  1 
ATOM   766  O  OD1 . ASP B 1 34 ? -10.337 11.276  -11.647 1.00 31.24 ? 34   ASP B OD1 1 
ATOM   767  O  OD2 . ASP B 1 34 ? -12.480 10.870  -11.860 1.00 31.27 ? 34   ASP B OD2 1 
ATOM   768  N  N   . LEU B 1 35 ? -7.572  9.668   -10.357 1.00 20.66 ? 35   LEU B N   1 
ATOM   769  C  CA  . LEU B 1 35 ? -6.690  10.326  -9.393  1.00 20.61 ? 35   LEU B CA  1 
ATOM   770  C  C   . LEU B 1 35 ? -7.172  11.665  -8.813  1.00 20.52 ? 35   LEU B C   1 
ATOM   771  O  O   . LEU B 1 35 ? -7.253  11.824  -7.593  1.00 20.51 ? 35   LEU B O   1 
ATOM   772  C  CB  . LEU B 1 35 ? -5.291  10.494  -10.012 1.00 24.59 ? 35   LEU B CB  1 
ATOM   773  C  CG  . LEU B 1 35 ? -4.222  11.216  -9.179  1.00 24.65 ? 35   LEU B CG  1 
ATOM   774  C  CD1 . LEU B 1 35 ? -4.031  10.499  -7.848  1.00 24.72 ? 35   LEU B CD1 1 
ATOM   775  C  CD2 . LEU B 1 35 ? -2.907  11.263  -9.954  1.00 24.71 ? 35   LEU B CD2 1 
ATOM   776  N  N   . PRO B 1 36 ? -7.499  12.644  -9.673  1.00 23.39 ? 36   PRO B N   1 
ATOM   777  C  CA  . PRO B 1 36 ? -7.961  13.945  -9.178  1.00 23.35 ? 36   PRO B CA  1 
ATOM   778  C  C   . PRO B 1 36 ? -9.147  13.884  -8.217  1.00 23.39 ? 36   PRO B C   1 
ATOM   779  O  O   . PRO B 1 36 ? -9.217  14.653  -7.258  1.00 23.44 ? 36   PRO B O   1 
ATOM   780  C  CB  . PRO B 1 36 ? -8.307  14.700  -10.461 1.00 28.64 ? 36   PRO B CB  1 
ATOM   781  C  CG  . PRO B 1 36 ? -7.356  14.117  -11.461 1.00 28.63 ? 36   PRO B CG  1 
ATOM   782  C  CD  . PRO B 1 36 ? -7.421  12.643  -11.146 1.00 28.61 ? 36   PRO B CD  1 
ATOM   783  N  N   . ASN B 1 37 ? -10.075 12.968  -8.478  1.00 23.31 ? 37   ASN B N   1 
ATOM   784  C  CA  . ASN B 1 37 ? -11.262 12.839  -7.642  1.00 23.37 ? 37   ASN B CA  1 
ATOM   785  C  C   . ASN B 1 37 ? -11.198 11.747  -6.573  1.00 23.31 ? 37   ASN B C   1 
ATOM   786  O  O   . ASN B 1 37 ? -12.200 11.473  -5.904  1.00 23.26 ? 37   ASN B O   1 
ATOM   787  C  CB  . ASN B 1 37 ? -12.494 12.646  -8.533  1.00 29.61 ? 37   ASN B CB  1 
ATOM   788  C  CG  . ASN B 1 37 ? -12.747 13.843  -9.436  1.00 29.85 ? 37   ASN B CG  1 
ATOM   789  O  OD1 . ASN B 1 37 ? -12.846 14.978  -8.965  1.00 30.03 ? 37   ASN B OD1 1 
ATOM   790  N  ND2 . ASN B 1 37 ? -12.851 13.595  -10.739 1.00 29.96 ? 37   ASN B ND2 1 
ATOM   791  N  N   . LYS B 1 38 ? -10.025 11.136  -6.411  1.00 20.80 ? 38   LYS B N   1 
ATOM   792  C  CA  . LYS B 1 38 ? -9.811  10.095  -5.402  1.00 20.78 ? 38   LYS B CA  1 
ATOM   793  C  C   . LYS B 1 38 ? -10.856 8.984   -5.426  1.00 20.81 ? 38   LYS B C   1 
ATOM   794  O  O   . LYS B 1 38 ? -11.406 8.607   -4.380  1.00 20.70 ? 38   LYS B O   1 
ATOM   795  C  CB  . LYS B 1 38 ? -9.771  10.730  -4.003  1.00 31.74 ? 38   LYS B CB  1 
ATOM   796  C  CG  . LYS B 1 38 ? -8.603  11.686  -3.786  1.00 31.92 ? 38   LYS B CG  1 
ATOM   797  C  CD  . LYS B 1 38 ? -8.682  12.367  -2.427  1.00 32.10 ? 38   LYS B CD  1 
ATOM   798  C  CE  . LYS B 1 38 ? -7.479  13.269  -2.182  1.00 32.14 ? 38   LYS B CE  1 
ATOM   799  N  NZ  . LYS B 1 38 ? -7.359  14.352  -3.198  1.00 32.28 ? 38   LYS B NZ  1 
ATOM   800  N  N   . LYS B 1 39 ? -11.104 8.437   -6.613  1.00 20.41 ? 39   LYS B N   1 
ATOM   801  C  CA  . LYS B 1 39 ? -12.101 7.389   -6.770  1.00 20.59 ? 39   LYS B CA  1 
ATOM   802  C  C   . LYS B 1 39 ? -11.588 6.195   -7.573  1.00 20.75 ? 39   LYS B C   1 
ATOM   803  O  O   . LYS B 1 39 ? -10.784 6.350   -8.498  1.00 20.76 ? 39   LYS B O   1 
ATOM   804  C  CB  . LYS B 1 39 ? -13.343 7.979   -7.446  1.00 40.67 ? 39   LYS B CB  1 
ATOM   805  C  CG  . LYS B 1 39 ? -14.525 7.036   -7.539  1.00 40.81 ? 39   LYS B CG  1 
ATOM   806  C  CD  . LYS B 1 39 ? -15.762 7.768   -8.038  1.00 40.95 ? 39   LYS B CD  1 
ATOM   807  C  CE  . LYS B 1 39 ? -16.980 6.858   -8.035  1.00 41.01 ? 39   LYS B CE  1 
ATOM   808  N  NZ  . LYS B 1 39 ? -18.210 7.589   -8.440  1.00 41.33 ? 39   LYS B NZ  1 
ATOM   809  N  N   . VAL B 1 40 ? -12.057 5.007   -7.203  1.00 19.78 ? 40   VAL B N   1 
ATOM   810  C  CA  . VAL B 1 40 ? -11.677 3.769   -7.883  1.00 19.99 ? 40   VAL B CA  1 
ATOM   811  C  C   . VAL B 1 40 ? -12.928 2.926   -8.133  1.00 20.14 ? 40   VAL B C   1 
ATOM   812  O  O   . VAL B 1 40 ? -13.669 2.611   -7.194  1.00 20.11 ? 40   VAL B O   1 
ATOM   813  C  CB  . VAL B 1 40 ? -10.683 2.937   -7.032  1.00 19.16 ? 40   VAL B CB  1 
ATOM   814  C  CG1 . VAL B 1 40 ? -10.290 1.670   -7.785  1.00 19.20 ? 40   VAL B CG1 1 
ATOM   815  C  CG2 . VAL B 1 40 ? -9.450  3.769   -6.691  1.00 19.11 ? 40   VAL B CG2 1 
ATOM   816  N  N   . CYS B 1 41 ? -13.171 2.576   -9.397  1.00 19.60 ? 41   CYS B N   1 
ATOM   817  C  CA  . CYS B 1 41 ? -14.332 1.760   -9.766  1.00 19.80 ? 41   CYS B CA  1 
ATOM   818  C  C   . CYS B 1 41 ? -13.868 0.345   -10.119 1.00 19.89 ? 41   CYS B C   1 
ATOM   819  O  O   . CYS B 1 41 ? -12.911 0.169   -10.884 1.00 19.86 ? 41   CYS B O   1 
ATOM   820  C  CB  . CYS B 1 41 ? -15.072 2.383   -10.959 1.00 33.39 ? 41   CYS B CB  1 
ATOM   821  S  SG  . CYS B 1 41 ? -15.869 3.987   -10.624 1.00 33.82 ? 41   CYS B SG  1 
ATOM   822  N  N   . ILE B 1 42 ? -14.543 -0.659  -9.560  1.00 22.77 ? 42   ILE B N   1 
ATOM   823  C  CA  . ILE B 1 42 ? -14.180 -2.057  -9.792  1.00 22.85 ? 42   ILE B CA  1 
ATOM   824  C  C   . ILE B 1 42 ? -15.366 -2.961  -10.150 1.00 22.98 ? 42   ILE B C   1 
ATOM   825  O  O   . ILE B 1 42 ? -16.363 -3.020  -9.420  1.00 23.04 ? 42   ILE B O   1 
ATOM   826  C  CB  . ILE B 1 42 ? -13.485 -2.668  -8.538  1.00 20.35 ? 42   ILE B CB  1 
ATOM   827  C  CG1 . ILE B 1 42 ? -12.284 -1.808  -8.122  1.00 20.18 ? 42   ILE B CG1 1 
ATOM   828  C  CG2 . ILE B 1 42 ? -13.029 -4.093  -8.831  1.00 20.29 ? 42   ILE B CG2 1 
ATOM   829  C  CD1 . ILE B 1 42 ? -11.686 -2.200  -6.768  1.00 20.07 ? 42   ILE B CD1 1 
ATOM   830  N  N   . GLU B 1 43 ? -15.244 -3.668  -11.272 1.00 24.96 ? 43   GLU B N   1 
ATOM   831  C  CA  . GLU B 1 43 ? -16.276 -4.606  -11.726 1.00 25.08 ? 43   GLU B CA  1 
ATOM   832  C  C   . GLU B 1 43 ? -15.690 -5.986  -11.458 1.00 25.02 ? 43   GLU B C   1 
ATOM   833  O  O   . GLU B 1 43 ? -14.677 -6.355  -12.054 1.00 24.99 ? 43   GLU B O   1 
ATOM   834  C  CB  . GLU B 1 43 ? -16.539 -4.419  -13.223 1.00 57.39 ? 43   GLU B CB  1 
ATOM   835  C  CG  . GLU B 1 43 ? -17.708 -5.226  -13.763 1.00 57.70 ? 43   GLU B CG  1 
ATOM   836  C  CD  . GLU B 1 43 ? -17.979 -4.939  -15.230 1.00 57.93 ? 43   GLU B CD  1 
ATOM   837  O  OE1 . GLU B 1 43 ? -17.120 -5.271  -16.073 1.00 58.09 ? 43   GLU B OE1 1 
ATOM   838  O  OE2 . GLU B 1 43 ? -19.051 -4.377  -15.540 1.00 58.09 ? 43   GLU B OE2 1 
ATOM   839  N  N   . SER B 1 44 ? -16.316 -6.749  -10.563 1.00 28.51 ? 44   SER B N   1 
ATOM   840  C  CA  . SER B 1 44 ? -15.784 -8.059  -10.204 1.00 28.55 ? 44   SER B CA  1 
ATOM   841  C  C   . SER B 1 44 ? -16.782 -8.964  -9.478  1.00 28.58 ? 44   SER B C   1 
ATOM   842  O  O   . SER B 1 44 ? -17.800 -8.500  -8.961  1.00 28.62 ? 44   SER B O   1 
ATOM   843  C  CB  . SER B 1 44 ? -14.546 -7.855  -9.320  1.00 25.87 ? 44   SER B CB  1 
ATOM   844  O  OG  . SER B 1 44 ? -14.122 -9.054  -8.704  1.00 25.85 ? 44   SER B OG  1 
ATOM   845  N  N   . GLU B 1 45 ? -16.480 -10.259 -9.449  1.00 35.79 ? 45   GLU B N   1 
ATOM   846  C  CA  . GLU B 1 45 ? -17.326 -11.223 -8.757  1.00 35.80 ? 45   GLU B CA  1 
ATOM   847  C  C   . GLU B 1 45 ? -16.831 -11.407 -7.324  1.00 35.73 ? 45   GLU B C   1 
ATOM   848  O  O   . GLU B 1 45 ? -17.524 -11.996 -6.496  1.00 35.79 ? 45   GLU B O   1 
ATOM   849  C  CB  . GLU B 1 45 ? -17.334 -12.573 -9.482  1.00 41.11 ? 45   GLU B CB  1 
ATOM   850  C  CG  . GLU B 1 45 ? -18.242 -12.639 -10.707 1.00 41.45 ? 45   GLU B CG  1 
ATOM   851  C  CD  . GLU B 1 45 ? -19.689 -12.283 -10.393 1.00 41.60 ? 45   GLU B CD  1 
ATOM   852  O  OE1 . GLU B 1 45 ? -20.153 -12.585 -9.275  1.00 41.92 ? 45   GLU B OE1 1 
ATOM   853  O  OE2 . GLU B 1 45 ? -20.371 -11.713 -11.273 1.00 41.88 ? 45   GLU B OE2 1 
ATOM   854  N  N   . HIS B 1 46 ? -15.626 -10.916 -7.036  1.00 26.67 ? 46   HIS B N   1 
ATOM   855  C  CA  . HIS B 1 46 ? -15.081 -11.011 -5.681  1.00 26.50 ? 46   HIS B CA  1 
ATOM   856  C  C   . HIS B 1 46 ? -16.000 -10.204 -4.769  1.00 26.32 ? 46   HIS B C   1 
ATOM   857  O  O   . HIS B 1 46 ? -16.541 -9.179  -5.186  1.00 26.30 ? 46   HIS B O   1 
ATOM   858  C  CB  . HIS B 1 46 ? -13.664 -10.426 -5.609  1.00 29.91 ? 46   HIS B CB  1 
ATOM   859  C  CG  . HIS B 1 46 ? -12.602 -11.327 -6.156  1.00 30.12 ? 46   HIS B CG  1 
ATOM   860  N  ND1 . HIS B 1 46 ? -11.860 -11.012 -7.274  1.00 30.17 ? 46   HIS B ND1 1 
ATOM   861  C  CD2 . HIS B 1 46 ? -12.152 -12.533 -5.734  1.00 30.20 ? 46   HIS B CD2 1 
ATOM   862  C  CE1 . HIS B 1 46 ? -10.999 -11.984 -7.517  1.00 30.27 ? 46   HIS B CE1 1 
ATOM   863  N  NE2 . HIS B 1 46 ? -11.157 -12.920 -6.598  1.00 30.29 ? 46   HIS B NE2 1 
ATOM   864  N  N   . SER B 1 47 ? -16.170 -10.656 -3.529  1.00 23.57 ? 47   SER B N   1 
ATOM   865  C  CA  . SER B 1 47 ? -17.039 -9.962  -2.576  1.00 23.31 ? 47   SER B CA  1 
ATOM   866  C  C   . SER B 1 47 ? -16.550 -8.553  -2.252  1.00 23.17 ? 47   SER B C   1 
ATOM   867  O  O   . SER B 1 47 ? -15.369 -8.241  -2.418  1.00 23.19 ? 47   SER B O   1 
ATOM   868  C  CB  . SER B 1 47 ? -17.151 -10.760 -1.271  1.00 23.23 ? 47   SER B CB  1 
ATOM   869  O  OG  . SER B 1 47 ? -15.936 -10.735 -0.536  1.00 23.03 ? 47   SER B OG  1 
ATOM   870  N  N   . MET B 1 48 ? -17.469 -7.703  -1.799  1.00 23.13 ? 48   MET B N   1 
ATOM   871  C  CA  . MET B 1 48 ? -17.125 -6.334  -1.424  1.00 23.00 ? 48   MET B CA  1 
ATOM   872  C  C   . MET B 1 48 ? -16.100 -6.387  -0.295  1.00 22.86 ? 48   MET B C   1 
ATOM   873  O  O   . MET B 1 48 ? -15.197 -5.551  -0.225  1.00 22.86 ? 48   MET B O   1 
ATOM   874  C  CB  . MET B 1 48 ? -18.383 -5.572  -0.969  1.00 27.24 ? 48   MET B CB  1 
ATOM   875  C  CG  . MET B 1 48 ? -18.128 -4.160  -0.415  1.00 27.41 ? 48   MET B CG  1 
ATOM   876  S  SD  . MET B 1 48 ? -17.762 -4.097  1.361   1.00 27.70 ? 48   MET B SD  1 
ATOM   877  C  CE  . MET B 1 48 ? -17.909 -2.338  1.683   1.00 27.72 ? 48   MET B CE  1 
ATOM   878  N  N   . ASP B 1 49 ? -16.245 -7.386  0.578   1.00 20.71 ? 49   ASP B N   1 
ATOM   879  C  CA  . ASP B 1 49 ? -15.348 -7.584  1.719   1.00 20.50 ? 49   ASP B CA  1 
ATOM   880  C  C   . ASP B 1 49 ? -13.911 -7.777  1.244   1.00 20.43 ? 49   ASP B C   1 
ATOM   881  O  O   . ASP B 1 49 ? -12.971 -7.199  1.801   1.00 20.41 ? 49   ASP B O   1 
ATOM   882  C  CB  . ASP B 1 49 ? -15.761 -8.830  2.516   1.00 24.96 ? 49   ASP B CB  1 
ATOM   883  C  CG  . ASP B 1 49 ? -17.240 -8.847  2.868   1.00 24.95 ? 49   ASP B CG  1 
ATOM   884  O  OD1 . ASP B 1 49 ? -17.574 -8.680  4.061   1.00 25.01 ? 49   ASP B OD1 1 
ATOM   885  O  OD2 . ASP B 1 49 ? -18.068 -9.032  1.950   1.00 24.97 ? 49   ASP B OD2 1 
ATOM   886  N  N   . THR B 1 50 ? -13.744 -8.611  0.219   1.00 22.84 ? 50   THR B N   1 
ATOM   887  C  CA  . THR B 1 50 ? -12.421 -8.891  -0.331  1.00 22.69 ? 50   THR B CA  1 
ATOM   888  C  C   . THR B 1 50 ? -11.831 -7.670  -1.036  1.00 22.53 ? 50   THR B C   1 
ATOM   889  O  O   . THR B 1 50 ? -10.643 -7.378  -0.886  1.00 22.54 ? 50   THR B O   1 
ATOM   890  C  CB  . THR B 1 50 ? -12.472 -10.089 -1.309  1.00 27.51 ? 50   THR B CB  1 
ATOM   891  O  OG1 . THR B 1 50 ? -12.746 -11.289 -0.572  1.00 27.54 ? 50   THR B OG1 1 
ATOM   892  C  CG2 . THR B 1 50 ? -11.141 -10.248 -2.049  1.00 27.52 ? 50   THR B CG2 1 
ATOM   893  N  N   . LEU B 1 51 ? -12.655 -6.951  -1.793  1.00 22.33 ? 51   LEU B N   1 
ATOM   894  C  CA  . LEU B 1 51 ? -12.177 -5.761  -2.493  1.00 22.22 ? 51   LEU B CA  1 
ATOM   895  C  C   . LEU B 1 51 ? -11.743 -4.676  -1.500  1.00 22.18 ? 51   LEU B C   1 
ATOM   896  O  O   . LEU B 1 51 ? -10.724 -4.011  -1.707  1.00 22.15 ? 51   LEU B O   1 
ATOM   897  C  CB  . LEU B 1 51 ? -13.263 -5.218  -3.430  1.00 21.82 ? 51   LEU B CB  1 
ATOM   898  C  CG  . LEU B 1 51 ? -13.717 -6.169  -4.549  1.00 21.70 ? 51   LEU B CG  1 
ATOM   899  C  CD1 . LEU B 1 51 ? -14.801 -5.495  -5.379  1.00 21.63 ? 51   LEU B CD1 1 
ATOM   900  C  CD2 . LEU B 1 51 ? -12.530 -6.559  -5.425  1.00 21.60 ? 51   LEU B CD2 1 
ATOM   901  N  N   . LEU B 1 52 ? -12.506 -4.506  -0.419  1.00 21.24 ? 52   LEU B N   1 
ATOM   902  C  CA  . LEU B 1 52 ? -12.176 -3.503  0.600   1.00 21.21 ? 52   LEU B CA  1 
ATOM   903  C  C   . LEU B 1 52 ? -10.849 -3.842  1.285   1.00 21.24 ? 52   LEU B C   1 
ATOM   904  O  O   . LEU B 1 52 ? -9.979  -2.977  1.453   1.00 21.23 ? 52   LEU B O   1 
ATOM   905  C  CB  . LEU B 1 52 ? -13.291 -3.424  1.654   1.00 23.08 ? 52   LEU B CB  1 
ATOM   906  C  CG  . LEU B 1 52 ? -13.128 -2.391  2.777   1.00 23.06 ? 52   LEU B CG  1 
ATOM   907  C  CD1 . LEU B 1 52 ? -13.192 -0.979  2.194   1.00 23.10 ? 52   LEU B CD1 1 
ATOM   908  C  CD2 . LEU B 1 52 ? -14.228 -2.583  3.816   1.00 23.07 ? 52   LEU B CD2 1 
ATOM   909  N  N   . ALA B 1 53 ? -10.694 -5.102  1.677   1.00 21.33 ? 53   ALA B N   1 
ATOM   910  C  CA  . ALA B 1 53 ? -9.472  -5.549  2.342   1.00 21.35 ? 53   ALA B CA  1 
ATOM   911  C  C   . ALA B 1 53 ? -8.240  -5.381  1.447   1.00 21.44 ? 53   ALA B C   1 
ATOM   912  O  O   . ALA B 1 53 ? -7.180  -4.964  1.915   1.00 21.48 ? 53   ALA B O   1 
ATOM   913  C  CB  . ALA B 1 53 ? -9.614  -7.004  2.770   1.00 25.36 ? 53   ALA B CB  1 
ATOM   914  N  N   . THR B 1 54 ? -8.380  -5.705  0.166   1.00 21.01 ? 54   THR B N   1 
ATOM   915  C  CA  . THR B 1 54 ? -7.270  -5.585  -0.779  1.00 21.10 ? 54   THR B CA  1 
ATOM   916  C  C   . THR B 1 54 ? -6.819  -4.127  -0.913  1.00 21.18 ? 54   THR B C   1 
ATOM   917  O  O   . THR B 1 54 ? -5.622  -3.831  -0.886  1.00 21.18 ? 54   THR B O   1 
ATOM   918  C  CB  . THR B 1 54 ? -7.664  -6.137  -2.172  1.00 24.26 ? 54   THR B CB  1 
ATOM   919  O  OG1 . THR B 1 54 ? -7.967  -7.534  -2.062  1.00 24.37 ? 54   THR B OG1 1 
ATOM   920  C  CG2 . THR B 1 54 ? -6.523  -5.956  -3.173  1.00 24.22 ? 54   THR B CG2 1 
ATOM   921  N  N   . LEU B 1 55 ? -7.774  -3.215  -1.046  1.00 20.97 ? 55   LEU B N   1 
ATOM   922  C  CA  . LEU B 1 55 ? -7.441  -1.800  -1.173  1.00 21.12 ? 55   LEU B CA  1 
ATOM   923  C  C   . LEU B 1 55 ? -6.758  -1.261  0.086   1.00 21.22 ? 55   LEU B C   1 
ATOM   924  O  O   . LEU B 1 55 ? -5.851  -0.434  -0.006  1.00 21.25 ? 55   LEU B O   1 
ATOM   925  C  CB  . LEU B 1 55 ? -8.704  -0.985  -1.477  1.00 21.72 ? 55   LEU B CB  1 
ATOM   926  C  CG  . LEU B 1 55 ? -9.307  -1.197  -2.871  1.00 21.72 ? 55   LEU B CG  1 
ATOM   927  C  CD1 . LEU B 1 55 ? -10.631 -0.438  -2.975  1.00 21.70 ? 55   LEU B CD1 1 
ATOM   928  C  CD2 . LEU B 1 55 ? -8.328  -0.715  -3.944  1.00 21.73 ? 55   LEU B CD2 1 
ATOM   929  N  N   . LYS B 1 56 ? -7.184  -1.731  1.255   1.00 28.78 ? 56   LYS B N   1 
ATOM   930  C  CA  . LYS B 1 56 ? -6.595  -1.280  2.514   1.00 28.91 ? 56   LYS B CA  1 
ATOM   931  C  C   . LYS B 1 56 ? -5.124  -1.691  2.678   1.00 28.97 ? 56   LYS B C   1 
ATOM   932  O  O   . LYS B 1 56 ? -4.408  -1.125  3.507   1.00 28.99 ? 56   LYS B O   1 
ATOM   933  C  CB  . LYS B 1 56 ? -7.417  -1.795  3.704   1.00 34.30 ? 56   LYS B CB  1 
ATOM   934  C  CG  . LYS B 1 56 ? -8.729  -1.042  3.946   1.00 34.35 ? 56   LYS B CG  1 
ATOM   935  C  CD  . LYS B 1 56 ? -9.535  -1.695  5.065   1.00 34.42 ? 56   LYS B CD  1 
ATOM   936  C  CE  . LYS B 1 56 ? -10.832 -0.948  5.362   1.00 34.46 ? 56   LYS B CE  1 
ATOM   937  N  NZ  . LYS B 1 56 ? -10.605 0.337   6.085   1.00 34.50 ? 56   LYS B NZ  1 
ATOM   938  N  N   . LYS B 1 57 ? -4.667  -2.659  1.883   1.00 30.10 ? 57   LYS B N   1 
ATOM   939  C  CA  . LYS B 1 57 ? -3.276  -3.118  1.959   1.00 30.20 ? 57   LYS B CA  1 
ATOM   940  C  C   . LYS B 1 57 ? -2.283  -2.037  1.532   1.00 30.23 ? 57   LYS B C   1 
ATOM   941  O  O   . LYS B 1 57 ? -1.095  -2.106  1.861   1.00 30.22 ? 57   LYS B O   1 
ATOM   942  C  CB  . LYS B 1 57 ? -3.073  -4.364  1.088   1.00 35.49 ? 57   LYS B CB  1 
ATOM   943  C  CG  . LYS B 1 57 ? -3.761  -5.609  1.616   1.00 35.65 ? 57   LYS B CG  1 
ATOM   944  C  CD  . LYS B 1 57 ? -3.557  -6.795  0.688   1.00 35.82 ? 57   LYS B CD  1 
ATOM   945  C  CE  . LYS B 1 57 ? -4.202  -8.047  1.265   1.00 35.88 ? 57   LYS B CE  1 
ATOM   946  N  NZ  . LYS B 1 57 ? -4.054  -9.216  0.358   1.00 35.94 ? 57   LYS B NZ  1 
ATOM   947  N  N   . THR B 1 58 ? -2.773  -1.043  0.800   1.00 27.17 ? 58   THR B N   1 
ATOM   948  C  CA  . THR B 1 58 ? -1.937  0.055   0.327   1.00 27.23 ? 58   THR B CA  1 
ATOM   949  C  C   . THR B 1 58 ? -1.504  0.975   1.469   1.00 27.24 ? 58   THR B C   1 
ATOM   950  O  O   . THR B 1 58 ? -0.509  1.690   1.351   1.00 27.29 ? 58   THR B O   1 
ATOM   951  C  CB  . THR B 1 58 ? -2.690  0.937   -0.684  1.00 25.24 ? 58   THR B CB  1 
ATOM   952  O  OG1 . THR B 1 58 ? -3.859  1.473   -0.049  1.00 25.23 ? 58   THR B OG1 1 
ATOM   953  C  CG2 . THR B 1 58 ? -3.097  0.136   -1.919  1.00 25.25 ? 58   THR B CG2 1 
ATOM   954  N  N   . GLY B 1 59 ? -2.264  0.958   2.562   1.00 25.55 ? 59   GLY B N   1 
ATOM   955  C  CA  . GLY B 1 59 ? -1.970  1.827   3.688   1.00 25.49 ? 59   GLY B CA  1 
ATOM   956  C  C   . GLY B 1 59 ? -2.736  3.140   3.572   1.00 25.43 ? 59   GLY B C   1 
ATOM   957  O  O   . GLY B 1 59 ? -2.612  4.029   4.419   1.00 25.31 ? 59   GLY B O   1 
ATOM   958  N  N   . LYS B 1 60 ? -3.532  3.261   2.511   1.00 22.82 ? 60   LYS B N   1 
ATOM   959  C  CA  . LYS B 1 60 ? -4.332  4.461   2.265   1.00 22.85 ? 60   LYS B CA  1 
ATOM   960  C  C   . LYS B 1 60 ? -5.687  4.360   2.978   1.00 22.87 ? 60   LYS B C   1 
ATOM   961  O  O   . LYS B 1 60 ? -6.122  3.265   3.345   1.00 22.85 ? 60   LYS B O   1 
ATOM   962  C  CB  . LYS B 1 60 ? -4.573  4.634   0.759   1.00 40.20 ? 60   LYS B CB  1 
ATOM   963  C  CG  . LYS B 1 60 ? -3.318  4.553   -0.111  1.00 40.31 ? 60   LYS B CG  1 
ATOM   964  C  CD  . LYS B 1 60 ? -2.358  5.703   0.154   1.00 40.45 ? 60   LYS B CD  1 
ATOM   965  C  CE  . LYS B 1 60 ? -2.920  7.030   -0.336  1.00 40.47 ? 60   LYS B CE  1 
ATOM   966  N  NZ  . LYS B 1 60 ? -2.004  8.174   -0.043  1.00 40.62 ? 60   LYS B NZ  1 
ATOM   967  N  N   . THR B 1 61 ? -6.346  5.502   3.172   1.00 19.89 ? 61   THR B N   1 
ATOM   968  C  CA  . THR B 1 61 ? -7.663  5.535   3.814   1.00 19.93 ? 61   THR B CA  1 
ATOM   969  C  C   . THR B 1 61 ? -8.701  5.180   2.751   1.00 20.00 ? 61   THR B C   1 
ATOM   970  O  O   . THR B 1 61 ? -8.752  5.813   1.696   1.00 19.94 ? 61   THR B O   1 
ATOM   971  C  CB  . THR B 1 61 ? -7.982  6.935   4.380   1.00 25.87 ? 61   THR B CB  1 
ATOM   972  O  OG1 . THR B 1 61 ? -7.025  7.273   5.394   1.00 25.85 ? 61   THR B OG1 1 
ATOM   973  C  CG2 . THR B 1 61 ? -9.383  6.957   4.985   1.00 25.91 ? 61   THR B CG2 1 
ATOM   974  N  N   . VAL B 1 62 ? -9.530  4.179   3.037   1.00 20.73 ? 62   VAL B N   1 
ATOM   975  C  CA  . VAL B 1 62 ? -10.538 3.703   2.084   1.00 20.92 ? 62   VAL B CA  1 
ATOM   976  C  C   . VAL B 1 62 ? -11.966 3.633   2.645   1.00 21.05 ? 62   VAL B C   1 
ATOM   977  O  O   . VAL B 1 62 ? -12.172 3.257   3.801   1.00 21.06 ? 62   VAL B O   1 
ATOM   978  C  CB  . VAL B 1 62 ? -10.164 2.282   1.576   1.00 22.40 ? 62   VAL B CB  1 
ATOM   979  C  CG1 . VAL B 1 62 ? -11.149 1.821   0.504   1.00 22.42 ? 62   VAL B CG1 1 
ATOM   980  C  CG2 . VAL B 1 62 ? -8.738  2.270   1.041   1.00 22.44 ? 62   VAL B CG2 1 
ATOM   981  N  N   . SER B 1 63 ? -12.942 4.002   1.815   1.00 19.90 ? 63   SER B N   1 
ATOM   982  C  CA  . SER B 1 63 ? -14.357 3.947   2.185   1.00 20.12 ? 63   SER B CA  1 
ATOM   983  C  C   . SER B 1 63 ? -15.168 3.474   0.971   1.00 20.28 ? 63   SER B C   1 
ATOM   984  O  O   . SER B 1 63 ? -14.650 3.442   -0.152  1.00 20.21 ? 63   SER B O   1 
ATOM   985  C  CB  . SER B 1 63 ? -14.854 5.316   2.670   1.00 33.35 ? 63   SER B CB  1 
ATOM   986  O  OG  . SER B 1 63 ? -14.628 6.329   1.707   1.00 33.44 ? 63   SER B OG  1 
ATOM   987  N  N   . TYR B 1 64 ? -16.432 3.111   1.193   1.00 19.39 ? 64   TYR B N   1 
ATOM   988  C  CA  . TYR B 1 64 ? -17.304 2.590   0.132   1.00 19.60 ? 64   TYR B CA  1 
ATOM   989  C  C   . TYR B 1 64 ? -18.330 3.603   -0.382  1.00 19.86 ? 64   TYR B C   1 
ATOM   990  O  O   . TYR B 1 64 ? -19.074 4.191   0.404   1.00 19.80 ? 64   TYR B O   1 
ATOM   991  C  CB  . TYR B 1 64 ? -18.018 1.337   0.664   1.00 21.18 ? 64   TYR B CB  1 
ATOM   992  C  CG  . TYR B 1 64 ? -18.822 0.534   -0.343  1.00 20.97 ? 64   TYR B CG  1 
ATOM   993  C  CD1 . TYR B 1 64 ? -18.239 0.064   -1.520  1.00 20.89 ? 64   TYR B CD1 1 
ATOM   994  C  CD2 . TYR B 1 64 ? -20.140 0.170   -0.071  1.00 20.97 ? 64   TYR B CD2 1 
ATOM   995  C  CE1 . TYR B 1 64 ? -18.948 -0.759  -2.402  1.00 20.83 ? 64   TYR B CE1 1 
ATOM   996  C  CE2 . TYR B 1 64 ? -20.861 -0.655  -0.944  1.00 20.88 ? 64   TYR B CE2 1 
ATOM   997  C  CZ  . TYR B 1 64 ? -20.254 -1.118  -2.106  1.00 20.86 ? 64   TYR B CZ  1 
ATOM   998  O  OH  . TYR B 1 64 ? -20.945 -1.960  -2.959  1.00 20.83 ? 64   TYR B OH  1 
ATOM   999  N  N   . LEU B 1 65 ? -18.368 3.801   -1.702  1.00 19.92 ? 65   LEU B N   1 
ATOM   1000 C  CA  . LEU B 1 65 ? -19.305 4.745   -2.314  1.00 20.35 ? 65   LEU B CA  1 
ATOM   1001 C  C   . LEU B 1 65 ? -20.546 4.050   -2.882  1.00 20.67 ? 65   LEU B C   1 
ATOM   1002 O  O   . LEU B 1 65 ? -21.429 4.704   -3.445  1.00 20.68 ? 65   LEU B O   1 
ATOM   1003 C  CB  . LEU B 1 65 ? -18.608 5.557   -3.413  1.00 24.10 ? 65   LEU B CB  1 
ATOM   1004 C  CG  . LEU B 1 65 ? -17.426 6.418   -2.959  1.00 24.21 ? 65   LEU B CG  1 
ATOM   1005 C  CD1 . LEU B 1 65 ? -16.763 7.068   -4.169  1.00 24.29 ? 65   LEU B CD1 1 
ATOM   1006 C  CD2 . LEU B 1 65 ? -17.908 7.476   -1.977  1.00 24.28 ? 65   LEU B CD2 1 
ATOM   1007 N  N   . GLY B 1 66 ? -20.598 2.726   -2.743  1.00 23.54 ? 66   GLY B N   1 
ATOM   1008 C  CA  . GLY B 1 66 ? -21.752 1.966   -3.201  1.00 24.07 ? 66   GLY B CA  1 
ATOM   1009 C  C   . GLY B 1 66 ? -21.722 1.296   -4.564  1.00 24.54 ? 66   GLY B C   1 
ATOM   1010 O  O   . GLY B 1 66 ? -20.713 1.317   -5.274  1.00 24.58 ? 66   GLY B O   1 
ATOM   1011 N  N   . LEU B 1 67 ? -22.851 0.682   -4.913  1.00 26.43 ? 67   LEU B N   1 
ATOM   1012 C  CA  . LEU B 1 67 ? -23.017 0.007   -6.196  1.00 27.00 ? 67   LEU B CA  1 
ATOM   1013 C  C   . LEU B 1 67 ? -23.428 1.053   -7.227  1.00 27.40 ? 67   LEU B C   1 
ATOM   1014 O  O   . LEU B 1 67 ? -23.977 2.097   -6.868  1.00 27.45 ? 67   LEU B O   1 
ATOM   1015 C  CB  . LEU B 1 67 ? -24.109 -1.063  -6.092  1.00 30.25 ? 67   LEU B CB  1 
ATOM   1016 C  CG  . LEU B 1 67 ? -23.811 -2.289  -5.228  1.00 30.36 ? 67   LEU B CG  1 
ATOM   1017 C  CD1 . LEU B 1 67 ? -25.104 -3.020  -4.891  1.00 30.44 ? 67   LEU B CD1 1 
ATOM   1018 C  CD2 . LEU B 1 67 ? -22.849 -3.198  -5.970  1.00 30.40 ? 67   LEU B CD2 1 
ATOM   1019 N  N   . GLU B 1 68 ? -23.177 0.763   -8.501  1.00 83.54 ? 68   GLU B N   1 
ATOM   1020 C  CA  . GLU B 1 68 ? -23.510 1.682   -9.587  1.00 83.95 ? 68   GLU B CA  1 
ATOM   1021 C  C   . GLU B 1 68 ? -22.622 2.917   -9.547  1.00 84.11 ? 68   GLU B C   1 
ATOM   1022 O  O   . GLU B 1 68 ? -23.157 4.023   -9.319  1.00 84.28 ? 68   GLU B O   1 
ATOM   1023 C  CB  . GLU B 1 68 ? -24.982 2.106   -9.516  1.00 67.67 ? 68   GLU B CB  1 
ATOM   1024 C  CG  . GLU B 1 68 ? -25.954 1.052   -10.007 1.00 67.94 ? 68   GLU B CG  1 
ATOM   1025 C  CD  . GLU B 1 68 ? -25.855 -0.240  -9.226  1.00 68.05 ? 68   GLU B CD  1 
ATOM   1026 O  OE1 . GLU B 1 68 ? -26.132 -0.216  -8.009  1.00 68.29 ? 68   GLU B OE1 1 
ATOM   1027 O  OE2 . GLU B 1 68 ? -25.498 -1.276  -9.827  1.00 68.14 ? 68   GLU B OE2 1 
ATOM   1028 O  OXT . GLU B 1 68 ? -21.398 2.759   -9.741  1.00 67.99 ? 68   GLU B OXT 1 
HETATM 1029 C  C1  . GLC C 2 .  ? 5.779   15.219  -11.698 0.95 79.14 ? 1    GLC C C1  1 
HETATM 1030 C  C2  . GLC C 2 .  ? 5.585   16.480  -12.578 0.95 79.14 ? 1    GLC C C2  1 
HETATM 1031 C  C3  . GLC C 2 .  ? 5.166   17.690  -11.713 0.95 79.15 ? 1    GLC C C3  1 
HETATM 1032 C  C4  . GLC C 2 .  ? 3.887   17.365  -11.009 0.95 79.13 ? 1    GLC C C4  1 
HETATM 1033 C  C5  . GLC C 2 .  ? 4.086   16.135  -10.106 0.95 79.15 ? 1    GLC C C5  1 
HETATM 1034 C  C6  . GLC C 2 .  ? 2.815   15.774  -9.397  0.95 79.14 ? 1    GLC C C6  1 
HETATM 1035 O  O2  . GLC C 2 .  ? 6.806   16.718  -13.291 0.95 79.14 ? 1    GLC C O2  1 
HETATM 1036 O  O3  . GLC C 2 .  ? 4.993   18.818  -12.558 0.95 79.11 ? 1    GLC C O3  1 
HETATM 1037 O  O4  . GLC C 2 .  ? 3.481   18.512  -10.206 0.95 79.13 ? 1    GLC C O4  1 
HETATM 1038 O  O5  . GLC C 2 .  ? 4.523   14.995  -10.946 0.95 79.15 ? 1    GLC C O5  1 
HETATM 1039 O  O6  . GLC C 2 .  ? 3.015   15.798  -7.978  0.95 79.22 ? 1    GLC C O6  1 
HETATM 1040 C  C1  . FRU C 2 .  ? 8.420   13.589  -11.620 0.95 79.07 ? 2    FRU C C1  1 
HETATM 1041 C  C2  . FRU C 2 .  ? 7.741   14.245  -10.407 0.95 79.04 ? 2    FRU C C2  1 
HETATM 1042 C  C3  . FRU C 2 .  ? 8.736   14.746  -9.307  0.95 79.08 ? 2    FRU C C3  1 
HETATM 1043 C  C4  . FRU C 2 .  ? 7.956   14.512  -8.034  0.95 79.11 ? 2    FRU C C4  1 
HETATM 1044 C  C5  . FRU C 2 .  ? 7.320   13.163  -8.375  0.95 79.12 ? 2    FRU C C5  1 
HETATM 1045 C  C6  . FRU C 2 .  ? 6.160   12.712  -7.531  0.95 79.15 ? 2    FRU C C6  1 
HETATM 1046 O  O1  . FRU C 2 .  ? 9.087   12.395  -11.202 0.95 78.95 ? 2    FRU C O1  1 
HETATM 1047 O  O2  . FRU C 2 .  ? 6.915   15.406  -10.810 0.95 79.10 ? 2    FRU C O2  1 
HETATM 1048 O  O3  . FRU C 2 .  ? 9.102   16.106  -9.473  0.95 79.14 ? 2    FRU C O3  1 
HETATM 1049 O  O4  . FRU C 2 .  ? 8.858   14.435  -6.919  0.95 79.13 ? 2    FRU C O4  1 
HETATM 1050 O  O5  . FRU C 2 .  ? 6.933   13.289  -9.754  0.95 79.12 ? 2    FRU C O5  1 
HETATM 1051 O  O6  . FRU C 2 .  ? 4.949   13.321  -7.895  0.95 79.21 ? 2    FRU C O6  1 
HETATM 1052 U  U   . IUM D 3 .  ? 13.457  11.135  10.692  0.65 20.65 ? 1003 IUM A U   1 
HETATM 1053 O  O1  . IUM D 3 .  ? 15.117  11.542  10.822  0.65 20.04 ? 1003 IUM A O1  1 
HETATM 1054 O  O2  . IUM D 3 .  ? 11.789  10.724  10.560  0.65 20.06 ? 1003 IUM A O2  1 
HETATM 1055 S  S   . SO4 E 4 .  ? 7.844   -13.238 12.904  0.88 46.65 ? 1005 SO4 A S   1 
HETATM 1056 O  O1  . SO4 E 4 .  ? 7.277   -14.519 13.368  0.88 46.70 ? 1005 SO4 A O1  1 
HETATM 1057 O  O2  . SO4 E 4 .  ? 9.044   -13.499 12.087  0.88 46.60 ? 1005 SO4 A O2  1 
HETATM 1058 O  O3  . SO4 E 4 .  ? 6.844   -12.523 12.088  0.88 46.64 ? 1005 SO4 A O3  1 
HETATM 1059 O  O4  . SO4 E 4 .  ? 8.207   -12.416 14.073  0.88 46.65 ? 1005 SO4 A O4  1 
HETATM 1060 HG HG  . HG  F 5 .  ? 2.240   9.503   -3.343  0.71 27.20 ? 1007 HG  A HG  1 
HETATM 1061 S  S   . SO4 G 4 .  ? -14.192 -13.742 -2.479  0.95 42.92 ? 1004 SO4 B S   1 
HETATM 1062 O  O1  . SO4 G 4 .  ? -13.979 -15.191 -2.306  0.95 42.90 ? 1004 SO4 B O1  1 
HETATM 1063 O  O2  . SO4 G 4 .  ? -15.307 -13.513 -3.416  0.95 42.92 ? 1004 SO4 B O2  1 
HETATM 1064 O  O3  . SO4 G 4 .  ? -14.524 -13.139 -1.174  0.95 42.90 ? 1004 SO4 B O3  1 
HETATM 1065 O  O4  . SO4 G 4 .  ? -12.961 -13.129 -3.007  0.95 42.88 ? 1004 SO4 B O4  1 
HETATM 1066 O  O   . HOH H 6 .  ? 0.606   2.058   -1.425  1.00 23.00 ? 1008 HOH A O   1 
HETATM 1067 O  O   . HOH H 6 .  ? 9.033   4.388   15.190  1.00 25.63 ? 1009 HOH A O   1 
HETATM 1068 O  O   . HOH H 6 .  ? -1.513  4.105   12.173  1.00 31.26 ? 1010 HOH A O   1 
HETATM 1069 O  O   . HOH H 6 .  ? 6.614   2.503   -5.787  1.00 27.48 ? 1011 HOH A O   1 
HETATM 1070 O  O   . HOH H 6 .  ? 8.942   5.906   -9.406  1.00 36.91 ? 1012 HOH A O   1 
HETATM 1071 O  O   . HOH H 6 .  ? 4.942   -4.308  -4.219  1.00 27.40 ? 1013 HOH A O   1 
HETATM 1072 O  O   . HOH H 6 .  ? 10.978  10.918  -3.024  1.00 19.82 ? 1014 HOH A O   1 
HETATM 1073 O  O   . HOH H 6 .  ? 0.433   -4.464  8.079   1.00 24.84 ? 1015 HOH A O   1 
HETATM 1074 O  O   . HOH H 6 .  ? 8.984   -4.574  -4.937  1.00 27.73 ? 1016 HOH A O   1 
HETATM 1075 O  O   . HOH H 6 .  ? 12.663  0.932   -4.247  1.00 24.28 ? 1017 HOH A O   1 
HETATM 1076 O  O   . HOH H 6 .  ? 3.817   4.200   -4.585  1.00 28.91 ? 1018 HOH A O   1 
HETATM 1077 O  O   . HOH H 6 .  ? 15.637  6.135   6.710   1.00 25.58 ? 1019 HOH A O   1 
HETATM 1078 O  O   . HOH H 6 .  ? 7.462   14.832  -2.709  1.00 37.86 ? 1020 HOH A O   1 
HETATM 1079 O  O   . HOH H 6 .  ? 15.343  -7.120  -2.200  1.00 28.97 ? 1021 HOH A O   1 
HETATM 1080 O  O   . HOH H 6 .  ? 10.163  -6.675  17.460  1.00 27.95 ? 1022 HOH A O   1 
HETATM 1081 O  O   . HOH H 6 .  ? 13.011  5.853   15.162  1.00 40.45 ? 1023 HOH A O   1 
HETATM 1082 O  O   . HOH H 6 .  ? 9.083   -12.146 2.280   1.00 33.29 ? 1024 HOH A O   1 
HETATM 1083 O  O   . HOH H 6 .  ? 5.880   6.175   -5.856  1.00 29.43 ? 1025 HOH A O   1 
HETATM 1084 O  O   . HOH H 6 .  ? 14.936  -8.839  13.014  1.00 30.73 ? 1026 HOH A O   1 
HETATM 1085 O  O   . HOH H 6 .  ? 7.945   -2.756  -9.105  1.00 38.05 ? 1027 HOH A O   1 
HETATM 1086 O  O   . HOH H 6 .  ? 16.536  13.556  3.769   1.00 35.10 ? 1028 HOH A O   1 
HETATM 1087 O  O   . HOH H 6 .  ? -4.603  1.829   9.778   1.00 39.73 ? 1029 HOH A O   1 
HETATM 1088 O  O   . HOH H 6 .  ? 3.785   -9.185  0.206   1.00 30.59 ? 1030 HOH A O   1 
HETATM 1089 O  O   . HOH H 6 .  ? 9.547   13.229  -3.354  1.00 38.97 ? 1031 HOH A O   1 
HETATM 1090 O  O   . HOH H 6 .  ? 4.047   15.963  -0.195  1.00 33.55 ? 1032 HOH A O   1 
HETATM 1091 O  O   . HOH H 6 .  ? -0.738  -6.731  -2.234  1.00 29.08 ? 1033 HOH A O   1 
HETATM 1092 O  O   . HOH H 6 .  ? 23.690  -1.179  2.294   1.00 29.24 ? 1034 HOH A O   1 
HETATM 1093 O  O   . HOH H 6 .  ? 14.432  -0.907  -5.308  1.00 31.87 ? 1035 HOH A O   1 
HETATM 1094 O  O   . HOH H 6 .  ? 8.600   2.141   -9.052  1.00 31.08 ? 1036 HOH A O   1 
HETATM 1095 O  O   . HOH H 6 .  ? -2.182  1.162   11.227  1.00 29.37 ? 1037 HOH A O   1 
HETATM 1096 O  O   . HOH H 6 .  ? 16.456  4.507   -2.408  1.00 36.05 ? 1038 HOH A O   1 
HETATM 1097 O  O   . HOH H 6 .  ? -4.696  8.647   4.605   1.00 37.01 ? 1039 HOH A O   1 
HETATM 1098 O  O   . HOH H 6 .  ? 0.483   5.912   -1.317  1.00 28.02 ? 1040 HOH A O   1 
HETATM 1099 O  O   . HOH H 6 .  ? 15.330  7.824   14.632  1.00 43.29 ? 1041 HOH A O   1 
HETATM 1100 O  O   . HOH H 6 .  ? 19.012  -4.982  -3.138  1.00 33.26 ? 1042 HOH A O   1 
HETATM 1101 O  O   . HOH H 6 .  ? 18.550  -2.513  -4.471  1.00 32.26 ? 1043 HOH A O   1 
HETATM 1102 O  O   . HOH H 6 .  ? 11.395  14.694  -1.771  1.00 33.06 ? 1044 HOH A O   1 
HETATM 1103 O  O   . HOH H 6 .  ? 13.106  3.910   -4.803  1.00 36.87 ? 1045 HOH A O   1 
HETATM 1104 O  O   . HOH H 6 .  ? 17.237  -6.776  -3.852  1.00 36.05 ? 1046 HOH A O   1 
HETATM 1105 O  O   . HOH H 6 .  ? 1.627   -6.213  -3.838  1.00 46.15 ? 1047 HOH A O   1 
HETATM 1106 O  O   . HOH H 6 .  ? 2.957   -5.320  -5.861  1.00 40.14 ? 1048 HOH A O   1 
HETATM 1107 O  O   . HOH H 6 .  ? 16.651  0.593   -6.339  1.00 40.71 ? 1049 HOH A O   1 
HETATM 1108 O  O   . HOH H 6 .  ? 15.225  -16.295 5.016   1.00 47.44 ? 1050 HOH A O   1 
HETATM 1109 O  O   . HOH H 6 .  ? 13.109  -7.017  -3.900  1.00 31.29 ? 1051 HOH A O   1 
HETATM 1110 O  O   . HOH H 6 .  ? 11.906  -2.319  17.958  1.00 35.32 ? 1052 HOH A O   1 
HETATM 1111 O  O   . HOH H 6 .  ? -1.343  -3.752  5.959   1.00 42.79 ? 1053 HOH A O   1 
HETATM 1112 O  O   . HOH H 6 .  ? 13.911  -3.106  -6.920  1.00 41.72 ? 1054 HOH A O   1 
HETATM 1113 O  O   . HOH H 6 .  ? 5.378   -0.572  16.877  1.00 41.18 ? 1055 HOH A O   1 
HETATM 1114 O  O   . HOH H 6 .  ? 2.147   6.659   13.413  1.00 46.63 ? 1056 HOH A O   1 
HETATM 1115 O  O   . HOH H 6 .  ? 11.099  10.966  -7.915  1.00 43.12 ? 1057 HOH A O   1 
HETATM 1116 O  O   . HOH H 6 .  ? 4.528   2.069   15.716  1.00 41.69 ? 1058 HOH A O   1 
HETATM 1117 O  O   . HOH H 6 .  ? 1.505   -8.834  14.109  1.00 48.06 ? 1059 HOH A O   1 
HETATM 1118 O  O   . HOH H 6 .  ? 8.725   5.009   -12.282 1.00 37.05 ? 1060 HOH A O   1 
HETATM 1119 O  O   . HOH H 6 .  ? 5.861   -10.922 -0.754  1.00 43.75 ? 1061 HOH A O   1 
HETATM 1120 O  O   . HOH H 6 .  ? 24.476  -4.060  14.164  1.00 43.93 ? 1062 HOH A O   1 
HETATM 1121 O  O   . HOH H 6 .  ? 13.863  10.886  8.808   1.00 41.10 ? 1063 HOH A O   1 
HETATM 1122 O  O   . HOH I 6 .  ? -6.712  9.351   -13.157 1.00 22.06 ? 1005 HOH B O   1 
HETATM 1123 O  O   . HOH I 6 .  ? -12.914 -6.645  4.556   1.00 26.92 ? 1006 HOH B O   1 
HETATM 1124 O  O   . HOH I 6 .  ? 5.151   7.625   -12.363 1.00 25.80 ? 1007 HOH B O   1 
HETATM 1125 O  O   . HOH I 6 .  ? -20.417 -10.389 2.351   1.00 21.68 ? 1008 HOH B O   1 
HETATM 1126 O  O   . HOH I 6 .  ? -13.807 1.494   5.230   1.00 19.57 ? 1009 HOH B O   1 
HETATM 1127 O  O   . HOH I 6 .  ? -3.221  -7.622  -3.527  1.00 23.26 ? 1010 HOH B O   1 
HETATM 1128 O  O   . HOH I 6 .  ? 6.233   6.290   -8.947  1.00 27.35 ? 1011 HOH B O   1 
HETATM 1129 O  O   . HOH I 6 .  ? 0.936   -6.593  -9.044  1.00 24.71 ? 1012 HOH B O   1 
HETATM 1130 O  O   . HOH I 6 .  ? -5.938  13.349  -5.811  1.00 24.68 ? 1013 HOH B O   1 
HETATM 1131 O  O   . HOH I 6 .  ? -12.643 8.048   3.119   1.00 26.16 ? 1014 HOH B O   1 
HETATM 1132 O  O   . HOH I 6 .  ? -18.980 -8.441  -6.147  1.00 24.38 ? 1015 HOH B O   1 
HETATM 1133 O  O   . HOH I 6 .  ? -22.790 4.816   -6.028  1.00 29.29 ? 1016 HOH B O   1 
HETATM 1134 O  O   . HOH I 6 .  ? -21.811 7.457   -3.180  1.00 28.51 ? 1017 HOH B O   1 
HETATM 1135 O  O   . HOH I 6 .  ? -9.308  2.955   5.593   1.00 28.96 ? 1018 HOH B O   1 
HETATM 1136 O  O   . HOH I 6 .  ? -10.859 7.792   1.186   1.00 23.73 ? 1019 HOH B O   1 
HETATM 1137 O  O   . HOH I 6 .  ? -7.423  -12.348 -13.997 1.00 40.85 ? 1020 HOH B O   1 
HETATM 1138 O  O   . HOH I 6 .  ? 1.278   -5.213  -11.826 1.00 25.07 ? 1021 HOH B O   1 
HETATM 1139 O  O   . HOH I 6 .  ? -14.215 -11.784 -10.968 1.00 26.67 ? 1022 HOH B O   1 
HETATM 1140 O  O   . HOH I 6 .  ? -6.201  -5.252  4.520   1.00 26.22 ? 1023 HOH B O   1 
HETATM 1141 O  O   . HOH I 6 .  ? -5.985  -13.939 -5.918  1.00 35.64 ? 1024 HOH B O   1 
HETATM 1142 O  O   . HOH I 6 .  ? -14.411 -8.740  -13.689 1.00 30.28 ? 1025 HOH B O   1 
HETATM 1143 O  O   . HOH I 6 .  ? -12.913 5.967   -11.109 1.00 24.92 ? 1026 HOH B O   1 
HETATM 1144 O  O   . HOH I 6 .  ? -19.175 3.220   -11.938 1.00 33.76 ? 1027 HOH B O   1 
HETATM 1145 O  O   . HOH I 6 .  ? -12.970 3.784   -18.049 1.00 42.72 ? 1028 HOH B O   1 
HETATM 1146 O  O   . HOH I 6 .  ? 5.631   2.798   -8.826  1.00 36.74 ? 1029 HOH B O   1 
HETATM 1147 O  O   . HOH I 6 .  ? -23.591 -4.407  -12.636 1.00 38.00 ? 1030 HOH B O   1 
HETATM 1148 O  O   . HOH I 6 .  ? -5.227  -9.224  -2.012  1.00 44.74 ? 1031 HOH B O   1 
HETATM 1149 O  O   . HOH I 6 .  ? -20.852 1.834   -13.197 1.00 45.91 ? 1032 HOH B O   1 
HETATM 1150 O  O   . HOH I 6 .  ? -1.017  -9.457  -13.435 1.00 49.44 ? 1033 HOH B O   1 
HETATM 1151 O  O   . HOH I 6 .  ? -7.745  -8.936  -13.299 1.00 33.82 ? 1034 HOH B O   1 
HETATM 1152 O  O   . HOH I 6 .  ? -7.663  16.825  -6.554  1.00 35.98 ? 1035 HOH B O   1 
HETATM 1153 O  O   . HOH I 6 .  ? -1.378  4.137   -2.651  1.00 24.88 ? 1036 HOH B O   1 
HETATM 1154 O  O   . HOH I 6 .  ? -13.438 10.136  -3.112  1.00 40.00 ? 1037 HOH B O   1 
HETATM 1155 O  O   . HOH I 6 .  ? -4.562  -9.783  -12.816 1.00 36.45 ? 1038 HOH B O   1 
HETATM 1156 O  O   . HOH I 6 .  ? -17.884 0.232   -11.058 1.00 30.81 ? 1039 HOH B O   1 
HETATM 1157 O  O   . HOH I 6 .  ? -13.767 7.381   -14.188 1.00 38.55 ? 1040 HOH B O   1 
HETATM 1158 O  O   . HOH I 6 .  ? -12.413 -0.426  -16.672 1.00 41.82 ? 1041 HOH B O   1 
HETATM 1159 O  O   . HOH I 6 .  ? -1.274  -12.161 1.362   1.00 50.29 ? 1042 HOH B O   1 
HETATM 1160 O  O   . HOH I 6 .  ? -8.694  -4.135  -15.165 1.00 35.71 ? 1043 HOH B O   1 
HETATM 1161 O  O   . HOH I 6 .  ? -1.352  -13.269 -8.065  1.00 43.34 ? 1044 HOH B O   1 
HETATM 1162 O  O   . HOH I 6 .  ? -21.300 -10.571 -0.119  1.00 22.16 ? 1045 HOH B O   1 
HETATM 1163 O  O   . HOH I 6 .  ? -11.154 -4.671  5.430   1.00 26.75 ? 1046 HOH B O   1 
HETATM 1164 O  O   . HOH I 6 .  ? -5.154  1.226   4.895   1.00 31.14 ? 1047 HOH B O   1 
HETATM 1165 O  O   . HOH I 6 .  ? -10.481 10.035  -0.246  1.00 31.87 ? 1048 HOH B O   1 
HETATM 1166 O  O   . HOH I 6 .  ? -23.007 -11.771 -7.927  1.00 48.20 ? 1049 HOH B O   1 
HETATM 1167 O  O   . HOH I 6 .  ? 6.714   1.545   -12.799 1.00 38.27 ? 1050 HOH B O   1 
HETATM 1168 O  O   . HOH I 6 .  ? -20.741 -13.014 -1.212  1.00 34.07 ? 1051 HOH B O   1 
HETATM 1169 O  O   . HOH I 6 .  ? -12.571 2.047   8.115   1.00 26.04 ? 1052 HOH B O   1 
HETATM 1170 O  O   . HOH I 6 .  ? -23.087 1.467   -13.840 1.00 41.28 ? 1053 HOH B O   1 
HETATM 1171 O  O   . HOH I 6 .  ? -10.197 -14.087 -2.796  1.00 36.54 ? 1054 HOH B O   1 
HETATM 1172 O  O   . HOH I 6 .  ? -12.245 -10.447 -14.648 1.00 40.86 ? 1055 HOH B O   1 
HETATM 1173 O  O   . HOH I 6 .  ? -8.826  -5.714  6.108   1.00 36.61 ? 1056 HOH B O   1 
HETATM 1174 O  O   . HOH I 6 .  ? 0.576   -9.126  -10.526 1.00 31.25 ? 1057 HOH B O   1 
HETATM 1175 O  O   . HOH I 6 .  ? -8.646  -13.601 -8.715  1.00 37.42 ? 1058 HOH B O   1 
HETATM 1176 O  O   . HOH I 6 .  ? -28.392 -2.436  -7.652  1.00 34.85 ? 1059 HOH B O   1 
HETATM 1177 O  O   . HOH I 6 .  ? -5.779  17.475  -8.204  1.00 46.55 ? 1060 HOH B O   1 
HETATM 1178 O  O   . HOH I 6 .  ? -14.479 -0.914  -13.901 1.00 38.37 ? 1061 HOH B O   1 
HETATM 1179 O  O   . HOH I 6 .  ? -8.992  18.325  -8.504  1.00 45.60 ? 1062 HOH B O   1 
HETATM 1180 O  O   . HOH I 6 .  ? -15.665 -7.164  5.931   1.00 35.85 ? 1063 HOH B O   1 
HETATM 1181 O  O   . HOH I 6 .  ? -3.977  14.863  -6.980  1.00 39.11 ? 1064 HOH B O   1 
HETATM 1182 O  O   . HOH I 6 .  ? -15.038 7.442   -11.743 1.00 44.51 ? 1065 HOH B O   1 
HETATM 1183 O  O   . HOH I 6 .  ? -11.104 -13.572 0.702   1.00 50.75 ? 1066 HOH B O   1 
HETATM 1184 O  O   . HOH I 6 .  ? -20.215 -12.765 -6.639  1.00 44.53 ? 1067 HOH B O   1 
HETATM 1185 O  O   . HOH I 6 .  ? -11.392 17.155  -10.045 1.00 42.66 ? 1068 HOH B O   1 
HETATM 1186 O  O   . HOH I 6 .  ? -14.514 1.280   -15.378 1.00 43.30 ? 1069 HOH B O   1 
HETATM 1187 O  O   . HOH I 6 .  ? 3.393   -6.559  -8.173  1.00 40.94 ? 1070 HOH B O   1 
# 
